data_1BMC
# 
_entry.id   1BMC 
# 
_audit_conform.dict_name       mmcif_pdbx.dic 
_audit_conform.dict_version    5.385 
_audit_conform.dict_location   http://mmcif.pdb.org/dictionaries/ascii/mmcif_pdbx.dic 
# 
loop_
_database_2.database_id 
_database_2.database_code 
_database_2.pdbx_database_accession 
_database_2.pdbx_DOI 
PDB   1BMC         pdb_00001bmc 10.2210/pdb1bmc/pdb 
WWPDB D_1000171908 ?            ?                   
# 
loop_
_pdbx_audit_revision_history.ordinal 
_pdbx_audit_revision_history.data_content_type 
_pdbx_audit_revision_history.major_revision 
_pdbx_audit_revision_history.minor_revision 
_pdbx_audit_revision_history.revision_date 
1 'Structure model' 1 0 1996-08-28 
2 'Structure model' 1 1 2008-03-24 
3 'Structure model' 1 2 2011-07-13 
4 'Structure model' 1 3 2018-04-18 
5 'Structure model' 1 4 2024-02-07 
# 
_pdbx_audit_revision_details.ordinal             1 
_pdbx_audit_revision_details.revision_ordinal    1 
_pdbx_audit_revision_details.data_content_type   'Structure model' 
_pdbx_audit_revision_details.provider            repository 
_pdbx_audit_revision_details.type                'Initial release' 
_pdbx_audit_revision_details.description         ? 
_pdbx_audit_revision_details.details             ? 
# 
loop_
_pdbx_audit_revision_group.ordinal 
_pdbx_audit_revision_group.revision_ordinal 
_pdbx_audit_revision_group.data_content_type 
_pdbx_audit_revision_group.group 
1 2 'Structure model' 'Version format compliance' 
2 3 'Structure model' 'Version format compliance' 
3 4 'Structure model' Advisory                    
4 4 'Structure model' 'Data collection'           
5 4 'Structure model' Other                       
6 5 'Structure model' Advisory                    
7 5 'Structure model' 'Data collection'           
8 5 'Structure model' 'Database references'       
9 5 'Structure model' 'Derived calculations'      
# 
loop_
_pdbx_audit_revision_category.ordinal 
_pdbx_audit_revision_category.revision_ordinal 
_pdbx_audit_revision_category.data_content_type 
_pdbx_audit_revision_category.category 
1  4 'Structure model' diffrn_detector                 
2  4 'Structure model' pdbx_database_status            
3  4 'Structure model' pdbx_unobs_or_zero_occ_atoms    
4  4 'Structure model' pdbx_unobs_or_zero_occ_residues 
5  5 'Structure model' chem_comp_atom                  
6  5 'Structure model' chem_comp_bond                  
7  5 'Structure model' database_2                      
8  5 'Structure model' pdbx_struct_conn_angle          
9  5 'Structure model' pdbx_unobs_or_zero_occ_atoms    
10 5 'Structure model' pdbx_unobs_or_zero_occ_residues 
11 5 'Structure model' struct_conn                     
12 5 'Structure model' struct_site                     
# 
loop_
_pdbx_audit_revision_item.ordinal 
_pdbx_audit_revision_item.revision_ordinal 
_pdbx_audit_revision_item.data_content_type 
_pdbx_audit_revision_item.item 
1  4 'Structure model' '_diffrn_detector.detector'                   
2  4 'Structure model' '_pdbx_database_status.process_site'          
3  5 'Structure model' '_database_2.pdbx_DOI'                        
4  5 'Structure model' '_database_2.pdbx_database_accession'         
5  5 'Structure model' '_pdbx_struct_conn_angle.ptnr1_auth_seq_id'   
6  5 'Structure model' '_pdbx_struct_conn_angle.ptnr1_label_atom_id' 
7  5 'Structure model' '_pdbx_struct_conn_angle.ptnr1_label_seq_id'  
8  5 'Structure model' '_pdbx_struct_conn_angle.ptnr3_auth_seq_id'   
9  5 'Structure model' '_pdbx_struct_conn_angle.ptnr3_label_atom_id' 
10 5 'Structure model' '_pdbx_struct_conn_angle.ptnr3_label_seq_id'  
11 5 'Structure model' '_pdbx_struct_conn_angle.value'               
12 5 'Structure model' '_struct_conn.pdbx_dist_value'                
13 5 'Structure model' '_struct_conn.ptnr1_auth_comp_id'             
14 5 'Structure model' '_struct_conn.ptnr1_auth_seq_id'              
15 5 'Structure model' '_struct_conn.ptnr1_label_asym_id'            
16 5 'Structure model' '_struct_conn.ptnr1_label_atom_id'            
17 5 'Structure model' '_struct_conn.ptnr1_label_comp_id'            
18 5 'Structure model' '_struct_conn.ptnr1_label_seq_id'             
19 5 'Structure model' '_struct_conn.ptnr2_auth_comp_id'             
20 5 'Structure model' '_struct_conn.ptnr2_auth_seq_id'              
21 5 'Structure model' '_struct_conn.ptnr2_label_asym_id'            
22 5 'Structure model' '_struct_conn.ptnr2_label_atom_id'            
23 5 'Structure model' '_struct_conn.ptnr2_label_comp_id'            
24 5 'Structure model' '_struct_conn.ptnr2_label_seq_id'             
25 5 'Structure model' '_struct_site.pdbx_auth_asym_id'              
26 5 'Structure model' '_struct_site.pdbx_auth_comp_id'              
27 5 'Structure model' '_struct_site.pdbx_auth_seq_id'               
# 
_pdbx_database_status.status_code                     REL 
_pdbx_database_status.entry_id                        1BMC 
_pdbx_database_status.recvd_initial_deposition_date   1995-06-16 
_pdbx_database_status.deposit_site                    ? 
_pdbx_database_status.process_site                    BNL 
_pdbx_database_status.SG_entry                        . 
_pdbx_database_status.pdb_format_compatible           Y 
_pdbx_database_status.status_code_mr                  ? 
_pdbx_database_status.status_code_sf                  ? 
_pdbx_database_status.status_code_cs                  ? 
_pdbx_database_status.methods_development_category    ? 
_pdbx_database_status.status_code_nmr_data            ? 
# 
loop_
_audit_author.name 
_audit_author.pdbx_ordinal 
'Carfi, A.'    1 
'Pares, S.'    2 
'Duee, E.'     3 
'Dideberg, O.' 4 
# 
loop_
_citation.id 
_citation.title 
_citation.journal_abbrev 
_citation.journal_volume 
_citation.page_first 
_citation.page_last 
_citation.year 
_citation.journal_id_ASTM 
_citation.country 
_citation.journal_id_ISSN 
_citation.journal_id_CSD 
_citation.book_publisher 
_citation.pdbx_database_id_PubMed 
_citation.pdbx_database_id_DOI 
primary 'The 3-D structure of a zinc metallo-beta-lactamase from Bacillus cereus reveals a new type of protein fold.' 'EMBO J.'    
14  4914 4921 1995 EMJODG UK 0261-4189 0897 ? 7588620 ? 
1       'An X-Ray-Crystallographic Study of Beta-Lactamase II from Bacillus Cereus at 0.35 Nm Resolution'             Biochem.J.   
248 181  ?    1987 BIJOAK UK 0264-6021 0043 ? ?       ? 
2       'The Amino Acid Sequence of the Zinc-Requiring Beta-Lactamase II from the Bacterium Bacillus Cereus 569'      'FEBS Lett.' 
189 207  ?    1985 FEBLAL NE 0014-5793 0165 ? ?       ? 
# 
loop_
_citation_author.citation_id 
_citation_author.name 
_citation_author.ordinal 
_citation_author.identifier_ORCID 
primary 'Carfi, A.'            1  ? 
primary 'Pares, S.'            2  ? 
primary 'Duee, E.'             3  ? 
primary 'Galleni, M.'          4  ? 
primary 'Duez, C.'             5  ? 
primary 'Frere, J.M.'          6  ? 
primary 'Dideberg, O.'         7  ? 
1       'Sutton, B.J.'         8  ? 
1       'Artymiuk, P.J.'       9  ? 
1       'Cordero-Borboa, A.E.' 10 ? 
1       'Little, C.'           11 ? 
1       'Phillips, D.C.'       12 ? 
1       'Waley, S.G.'          13 ? 
2       'Ambler, R.P.'         14 ? 
2       'Daniel, M.'           15 ? 
2       'Fleming, J.'          16 ? 
2       'Hermoso, J.M.'        17 ? 
2       'Pang, C.'             18 ? 
2       'Waley, S.G.'          19 ? 
# 
loop_
_entity.id 
_entity.type 
_entity.src_method 
_entity.pdbx_description 
_entity.formula_weight 
_entity.pdbx_number_of_molecules 
_entity.pdbx_ec 
_entity.pdbx_mutation 
_entity.pdbx_fragment 
_entity.details 
1 polymer     nat METALLO-BETA-LACTAMASE 24293.723 1  3.5.2.6 ? ? ? 
2 non-polymer syn 'ZINC ION'             65.409    1  ?       ? ? ? 
3 water       nat water                  18.015    10 ?       ? ? ? 
# 
_entity_poly.entity_id                      1 
_entity_poly.type                           'polypeptide(L)' 
_entity_poly.nstd_linkage                   no 
_entity_poly.nstd_monomer                   no 
_entity_poly.pdbx_seq_one_letter_code       
;TVIKNETGTISISQLNKNVWVHTELGSFNGEAVPSNGLVLNTSKGLVLVDSSWDDKLTKELIEMVEKKFQKRVTDVIITH
AHADRIGGIKTLKERGIKAHSTALTAELAKKNGYEEPLGDLQTVTNLKFGNMKVETFYPGKGHTEDNIVVWLPQYNILVG
GCLVKSTSAKDLGNVADAYVNEWSTSIENVLKRYRNINAVVPGHGEVGDKGLLLHTLDLLK
;
_entity_poly.pdbx_seq_one_letter_code_can   
;TVIKNETGTISISQLNKNVWVHTELGSFNGEAVPSNGLVLNTSKGLVLVDSSWDDKLTKELIEMVEKKFQKRVTDVIITH
AHADRIGGIKTLKERGIKAHSTALTAELAKKNGYEEPLGDLQTVTNLKFGNMKVETFYPGKGHTEDNIVVWLPQYNILVG
GCLVKSTSAKDLGNVADAYVNEWSTSIENVLKRYRNINAVVPGHGEVGDKGLLLHTLDLLK
;
_entity_poly.pdbx_strand_id                 A 
_entity_poly.pdbx_target_identifier         ? 
# 
loop_
_pdbx_entity_nonpoly.entity_id 
_pdbx_entity_nonpoly.name 
_pdbx_entity_nonpoly.comp_id 
2 'ZINC ION' ZN  
3 water      HOH 
# 
loop_
_entity_poly_seq.entity_id 
_entity_poly_seq.num 
_entity_poly_seq.mon_id 
_entity_poly_seq.hetero 
1 1   THR n 
1 2   VAL n 
1 3   ILE n 
1 4   LYS n 
1 5   ASN n 
1 6   GLU n 
1 7   THR n 
1 8   GLY n 
1 9   THR n 
1 10  ILE n 
1 11  SER n 
1 12  ILE n 
1 13  SER n 
1 14  GLN n 
1 15  LEU n 
1 16  ASN n 
1 17  LYS n 
1 18  ASN n 
1 19  VAL n 
1 20  TRP n 
1 21  VAL n 
1 22  HIS n 
1 23  THR n 
1 24  GLU n 
1 25  LEU n 
1 26  GLY n 
1 27  SER n 
1 28  PHE n 
1 29  ASN n 
1 30  GLY n 
1 31  GLU n 
1 32  ALA n 
1 33  VAL n 
1 34  PRO n 
1 35  SER n 
1 36  ASN n 
1 37  GLY n 
1 38  LEU n 
1 39  VAL n 
1 40  LEU n 
1 41  ASN n 
1 42  THR n 
1 43  SER n 
1 44  LYS n 
1 45  GLY n 
1 46  LEU n 
1 47  VAL n 
1 48  LEU n 
1 49  VAL n 
1 50  ASP n 
1 51  SER n 
1 52  SER n 
1 53  TRP n 
1 54  ASP n 
1 55  ASP n 
1 56  LYS n 
1 57  LEU n 
1 58  THR n 
1 59  LYS n 
1 60  GLU n 
1 61  LEU n 
1 62  ILE n 
1 63  GLU n 
1 64  MET n 
1 65  VAL n 
1 66  GLU n 
1 67  LYS n 
1 68  LYS n 
1 69  PHE n 
1 70  GLN n 
1 71  LYS n 
1 72  ARG n 
1 73  VAL n 
1 74  THR n 
1 75  ASP n 
1 76  VAL n 
1 77  ILE n 
1 78  ILE n 
1 79  THR n 
1 80  HIS n 
1 81  ALA n 
1 82  HIS n 
1 83  ALA n 
1 84  ASP n 
1 85  ARG n 
1 86  ILE n 
1 87  GLY n 
1 88  GLY n 
1 89  ILE n 
1 90  LYS n 
1 91  THR n 
1 92  LEU n 
1 93  LYS n 
1 94  GLU n 
1 95  ARG n 
1 96  GLY n 
1 97  ILE n 
1 98  LYS n 
1 99  ALA n 
1 100 HIS n 
1 101 SER n 
1 102 THR n 
1 103 ALA n 
1 104 LEU n 
1 105 THR n 
1 106 ALA n 
1 107 GLU n 
1 108 LEU n 
1 109 ALA n 
1 110 LYS n 
1 111 LYS n 
1 112 ASN n 
1 113 GLY n 
1 114 TYR n 
1 115 GLU n 
1 116 GLU n 
1 117 PRO n 
1 118 LEU n 
1 119 GLY n 
1 120 ASP n 
1 121 LEU n 
1 122 GLN n 
1 123 THR n 
1 124 VAL n 
1 125 THR n 
1 126 ASN n 
1 127 LEU n 
1 128 LYS n 
1 129 PHE n 
1 130 GLY n 
1 131 ASN n 
1 132 MET n 
1 133 LYS n 
1 134 VAL n 
1 135 GLU n 
1 136 THR n 
1 137 PHE n 
1 138 TYR n 
1 139 PRO n 
1 140 GLY n 
1 141 LYS n 
1 142 GLY n 
1 143 HIS n 
1 144 THR n 
1 145 GLU n 
1 146 ASP n 
1 147 ASN n 
1 148 ILE n 
1 149 VAL n 
1 150 VAL n 
1 151 TRP n 
1 152 LEU n 
1 153 PRO n 
1 154 GLN n 
1 155 TYR n 
1 156 ASN n 
1 157 ILE n 
1 158 LEU n 
1 159 VAL n 
1 160 GLY n 
1 161 GLY n 
1 162 CYS n 
1 163 LEU n 
1 164 VAL n 
1 165 LYS n 
1 166 SER n 
1 167 THR n 
1 168 SER n 
1 169 ALA n 
1 170 LYS n 
1 171 ASP n 
1 172 LEU n 
1 173 GLY n 
1 174 ASN n 
1 175 VAL n 
1 176 ALA n 
1 177 ASP n 
1 178 ALA n 
1 179 TYR n 
1 180 VAL n 
1 181 ASN n 
1 182 GLU n 
1 183 TRP n 
1 184 SER n 
1 185 THR n 
1 186 SER n 
1 187 ILE n 
1 188 GLU n 
1 189 ASN n 
1 190 VAL n 
1 191 LEU n 
1 192 LYS n 
1 193 ARG n 
1 194 TYR n 
1 195 ARG n 
1 196 ASN n 
1 197 ILE n 
1 198 ASN n 
1 199 ALA n 
1 200 VAL n 
1 201 VAL n 
1 202 PRO n 
1 203 GLY n 
1 204 HIS n 
1 205 GLY n 
1 206 GLU n 
1 207 VAL n 
1 208 GLY n 
1 209 ASP n 
1 210 LYS n 
1 211 GLY n 
1 212 LEU n 
1 213 LEU n 
1 214 LEU n 
1 215 HIS n 
1 216 THR n 
1 217 LEU n 
1 218 ASP n 
1 219 LEU n 
1 220 LEU n 
1 221 LYS n 
# 
_entity_src_nat.entity_id                  1 
_entity_src_nat.pdbx_src_id                1 
_entity_src_nat.pdbx_alt_source_flag       sample 
_entity_src_nat.pdbx_beg_seq_num           ? 
_entity_src_nat.pdbx_end_seq_num           ? 
_entity_src_nat.common_name                ? 
_entity_src_nat.pdbx_organism_scientific   'Bacillus cereus' 
_entity_src_nat.pdbx_ncbi_taxonomy_id      1396 
_entity_src_nat.genus                      Bacillus 
_entity_src_nat.species                    ? 
_entity_src_nat.strain                     569-H 
_entity_src_nat.tissue                     ? 
_entity_src_nat.tissue_fraction            ? 
_entity_src_nat.pdbx_secretion             ? 
_entity_src_nat.pdbx_fragment              ? 
_entity_src_nat.pdbx_variant               ? 
_entity_src_nat.pdbx_cell_line             ? 
_entity_src_nat.pdbx_atcc                  ? 
_entity_src_nat.pdbx_cellular_location     ? 
_entity_src_nat.pdbx_organ                 ? 
_entity_src_nat.pdbx_organelle             ? 
_entity_src_nat.pdbx_cell                  ? 
_entity_src_nat.pdbx_plasmid_name          ? 
_entity_src_nat.pdbx_plasmid_details       ? 
_entity_src_nat.details                    ? 
# 
loop_
_chem_comp.id 
_chem_comp.type 
_chem_comp.mon_nstd_flag 
_chem_comp.name 
_chem_comp.pdbx_synonyms 
_chem_comp.formula 
_chem_comp.formula_weight 
ALA 'L-peptide linking' y ALANINE         ? 'C3 H7 N O2'     89.093  
ARG 'L-peptide linking' y ARGININE        ? 'C6 H15 N4 O2 1' 175.209 
ASN 'L-peptide linking' y ASPARAGINE      ? 'C4 H8 N2 O3'    132.118 
ASP 'L-peptide linking' y 'ASPARTIC ACID' ? 'C4 H7 N O4'     133.103 
CYS 'L-peptide linking' y CYSTEINE        ? 'C3 H7 N O2 S'   121.158 
GLN 'L-peptide linking' y GLUTAMINE       ? 'C5 H10 N2 O3'   146.144 
GLU 'L-peptide linking' y 'GLUTAMIC ACID' ? 'C5 H9 N O4'     147.129 
GLY 'peptide linking'   y GLYCINE         ? 'C2 H5 N O2'     75.067  
HIS 'L-peptide linking' y HISTIDINE       ? 'C6 H10 N3 O2 1' 156.162 
HOH non-polymer         . WATER           ? 'H2 O'           18.015  
ILE 'L-peptide linking' y ISOLEUCINE      ? 'C6 H13 N O2'    131.173 
LEU 'L-peptide linking' y LEUCINE         ? 'C6 H13 N O2'    131.173 
LYS 'L-peptide linking' y LYSINE          ? 'C6 H15 N2 O2 1' 147.195 
MET 'L-peptide linking' y METHIONINE      ? 'C5 H11 N O2 S'  149.211 
PHE 'L-peptide linking' y PHENYLALANINE   ? 'C9 H11 N O2'    165.189 
PRO 'L-peptide linking' y PROLINE         ? 'C5 H9 N O2'     115.130 
SER 'L-peptide linking' y SERINE          ? 'C3 H7 N O3'     105.093 
THR 'L-peptide linking' y THREONINE       ? 'C4 H9 N O3'     119.119 
TRP 'L-peptide linking' y TRYPTOPHAN      ? 'C11 H12 N2 O2'  204.225 
TYR 'L-peptide linking' y TYROSINE        ? 'C9 H11 N O3'    181.189 
VAL 'L-peptide linking' y VALINE          ? 'C5 H11 N O2'    117.146 
ZN  non-polymer         . 'ZINC ION'      ? 'Zn 2'           65.409  
# 
loop_
_pdbx_poly_seq_scheme.asym_id 
_pdbx_poly_seq_scheme.entity_id 
_pdbx_poly_seq_scheme.seq_id 
_pdbx_poly_seq_scheme.mon_id 
_pdbx_poly_seq_scheme.ndb_seq_num 
_pdbx_poly_seq_scheme.pdb_seq_num 
_pdbx_poly_seq_scheme.auth_seq_num 
_pdbx_poly_seq_scheme.pdb_mon_id 
_pdbx_poly_seq_scheme.auth_mon_id 
_pdbx_poly_seq_scheme.pdb_strand_id 
_pdbx_poly_seq_scheme.pdb_ins_code 
_pdbx_poly_seq_scheme.hetero 
A 1 1   THR 1   7   7   THR THR A . n 
A 1 2   VAL 2   8   8   VAL VAL A . n 
A 1 3   ILE 3   9   9   ILE ILE A . n 
A 1 4   LYS 4   10  10  LYS LYS A . n 
A 1 5   ASN 5   11  11  ASN ASN A . n 
A 1 6   GLU 6   12  12  GLU GLU A . n 
A 1 7   THR 7   13  13  THR THR A . n 
A 1 8   GLY 8   14  14  GLY GLY A . n 
A 1 9   THR 9   15  15  THR THR A . n 
A 1 10  ILE 10  16  16  ILE ILE A . n 
A 1 11  SER 11  17  17  SER SER A . n 
A 1 12  ILE 12  18  18  ILE ILE A . n 
A 1 13  SER 13  19  19  SER SER A . n 
A 1 14  GLN 14  20  20  GLN GLN A . n 
A 1 15  LEU 15  21  21  LEU LEU A . n 
A 1 16  ASN 16  22  22  ASN ASN A . n 
A 1 17  LYS 17  23  23  LYS LYS A . n 
A 1 18  ASN 18  24  24  ASN ASN A . n 
A 1 19  VAL 19  25  25  VAL VAL A . n 
A 1 20  TRP 20  26  26  TRP TRP A . n 
A 1 21  VAL 21  27  27  VAL VAL A . n 
A 1 22  HIS 22  28  28  HIS HIS A . n 
A 1 23  THR 23  29  29  THR THR A . n 
A 1 24  GLU 24  30  30  GLU GLU A . n 
A 1 25  LEU 25  31  31  LEU LEU A . n 
A 1 26  GLY 26  32  ?   ?   ?   A . n 
A 1 27  SER 27  33  ?   ?   ?   A . n 
A 1 28  PHE 28  34  ?   ?   ?   A . n 
A 1 29  ASN 29  35  ?   ?   ?   A . n 
A 1 30  GLY 30  36  ?   ?   ?   A . n 
A 1 31  GLU 31  37  ?   ?   ?   A . n 
A 1 32  ALA 32  38  ?   ?   ?   A . n 
A 1 33  VAL 33  39  ?   ?   ?   A . n 
A 1 34  PRO 34  40  40  PRO PRO A . n 
A 1 35  SER 35  41  41  SER SER A . n 
A 1 36  ASN 36  42  42  ASN ASN A . n 
A 1 37  GLY 37  43  43  GLY GLY A . n 
A 1 38  LEU 38  44  44  LEU LEU A . n 
A 1 39  VAL 39  45  45  VAL VAL A . n 
A 1 40  LEU 40  46  46  LEU LEU A . n 
A 1 41  ASN 41  47  47  ASN ASN A . n 
A 1 42  THR 42  48  48  THR THR A . n 
A 1 43  SER 43  49  49  SER SER A . n 
A 1 44  LYS 44  50  50  LYS LYS A . n 
A 1 45  GLY 45  51  51  GLY GLY A . n 
A 1 46  LEU 46  52  52  LEU LEU A . n 
A 1 47  VAL 47  53  53  VAL VAL A . n 
A 1 48  LEU 48  54  54  LEU LEU A . n 
A 1 49  VAL 49  55  55  VAL VAL A . n 
A 1 50  ASP 50  56  56  ASP ASP A . n 
A 1 51  SER 51  57  57  SER SER A . n 
A 1 52  SER 52  58  58  SER SER A . n 
A 1 53  TRP 53  59  59  TRP TRP A . n 
A 1 54  ASP 54  60  60  ASP ASP A . n 
A 1 55  ASP 55  61  61  ASP ASP A . n 
A 1 56  LYS 56  62  62  LYS LYS A . n 
A 1 57  LEU 57  63  63  LEU LEU A . n 
A 1 58  THR 58  64  64  THR THR A . n 
A 1 59  LYS 59  65  65  LYS LYS A . n 
A 1 60  GLU 60  66  66  GLU GLU A . n 
A 1 61  LEU 61  67  67  LEU LEU A . n 
A 1 62  ILE 62  68  68  ILE ILE A . n 
A 1 63  GLU 63  69  69  GLU GLU A . n 
A 1 64  MET 64  70  70  MET MET A . n 
A 1 65  VAL 65  71  71  VAL VAL A . n 
A 1 66  GLU 66  72  72  GLU GLU A . n 
A 1 67  LYS 67  73  73  LYS LYS A . n 
A 1 68  LYS 68  74  74  LYS LYS A . n 
A 1 69  PHE 69  75  75  PHE PHE A . n 
A 1 70  GLN 70  76  76  GLN GLN A . n 
A 1 71  LYS 71  77  77  LYS LYS A . n 
A 1 72  ARG 72  78  78  ARG ARG A . n 
A 1 73  VAL 73  79  79  VAL VAL A . n 
A 1 74  THR 74  80  80  THR THR A . n 
A 1 75  ASP 75  81  81  ASP ASP A . n 
A 1 76  VAL 76  82  82  VAL VAL A . n 
A 1 77  ILE 77  83  83  ILE ILE A . n 
A 1 78  ILE 78  84  84  ILE ILE A . n 
A 1 79  THR 79  85  85  THR THR A . n 
A 1 80  HIS 80  86  86  HIS HIS A . n 
A 1 81  ALA 81  87  87  ALA ALA A . n 
A 1 82  HIS 82  88  88  HIS HIS A . n 
A 1 83  ALA 83  89  89  ALA ALA A . n 
A 1 84  ASP 84  90  90  ASP ASP A . n 
A 1 85  ARG 85  91  91  ARG ARG A . n 
A 1 86  ILE 86  92  92  ILE ILE A . n 
A 1 87  GLY 87  93  93  GLY GLY A . n 
A 1 88  GLY 88  94  94  GLY GLY A . n 
A 1 89  ILE 89  95  95  ILE ILE A . n 
A 1 90  LYS 90  96  96  LYS LYS A . n 
A 1 91  THR 91  97  97  THR THR A . n 
A 1 92  LEU 92  98  98  LEU LEU A . n 
A 1 93  LYS 93  99  99  LYS LYS A . n 
A 1 94  GLU 94  100 100 GLU GLU A . n 
A 1 95  ARG 95  101 101 ARG ARG A . n 
A 1 96  GLY 96  102 102 GLY GLY A . n 
A 1 97  ILE 97  103 103 ILE ILE A . n 
A 1 98  LYS 98  104 104 LYS LYS A . n 
A 1 99  ALA 99  105 105 ALA ALA A . n 
A 1 100 HIS 100 106 106 HIS HIS A . n 
A 1 101 SER 101 107 107 SER SER A . n 
A 1 102 THR 102 108 108 THR THR A . n 
A 1 103 ALA 103 109 109 ALA ALA A . n 
A 1 104 LEU 104 110 110 LEU LEU A . n 
A 1 105 THR 105 111 111 THR THR A . n 
A 1 106 ALA 106 112 112 ALA ALA A . n 
A 1 107 GLU 107 113 113 GLU GLU A . n 
A 1 108 LEU 108 114 114 LEU LEU A . n 
A 1 109 ALA 109 115 115 ALA ALA A . n 
A 1 110 LYS 110 116 116 LYS LYS A . n 
A 1 111 LYS 111 117 117 LYS LYS A . n 
A 1 112 ASN 112 118 118 ASN ASN A . n 
A 1 113 GLY 113 119 119 GLY GLY A . n 
A 1 114 TYR 114 120 120 TYR TYR A . n 
A 1 115 GLU 115 121 121 GLU GLU A . n 
A 1 116 GLU 116 122 122 GLU GLU A . n 
A 1 117 PRO 117 123 123 PRO PRO A . n 
A 1 118 LEU 118 124 124 LEU LEU A . n 
A 1 119 GLY 119 125 125 GLY GLY A . n 
A 1 120 ASP 120 126 126 ASP ASP A . n 
A 1 121 LEU 121 127 127 LEU LEU A . n 
A 1 122 GLN 122 128 128 GLN GLN A . n 
A 1 123 THR 123 129 129 THR THR A . n 
A 1 124 VAL 124 130 130 VAL VAL A . n 
A 1 125 THR 125 131 131 THR THR A . n 
A 1 126 ASN 126 132 132 ASN ASN A . n 
A 1 127 LEU 127 133 133 LEU LEU A . n 
A 1 128 LYS 128 134 134 LYS LYS A . n 
A 1 129 PHE 129 135 135 PHE PHE A . n 
A 1 130 GLY 130 136 136 GLY GLY A . n 
A 1 131 ASN 131 137 137 ASN ASN A . n 
A 1 132 MET 132 138 138 MET MET A . n 
A 1 133 LYS 133 139 139 LYS LYS A . n 
A 1 134 VAL 134 140 140 VAL VAL A . n 
A 1 135 GLU 135 141 141 GLU GLU A . n 
A 1 136 THR 136 142 142 THR THR A . n 
A 1 137 PHE 137 143 143 PHE PHE A . n 
A 1 138 TYR 138 144 144 TYR TYR A . n 
A 1 139 PRO 139 145 145 PRO PRO A . n 
A 1 140 GLY 140 146 146 GLY GLY A . n 
A 1 141 LYS 141 147 147 LYS LYS A . n 
A 1 142 GLY 142 148 148 GLY GLY A . n 
A 1 143 HIS 143 149 149 HIS HIS A . n 
A 1 144 THR 144 150 150 THR THR A . n 
A 1 145 GLU 145 151 151 GLU GLU A . n 
A 1 146 ASP 146 152 152 ASP ASP A . n 
A 1 147 ASN 147 153 153 ASN ASN A . n 
A 1 148 ILE 148 154 154 ILE ILE A . n 
A 1 149 VAL 149 155 155 VAL VAL A . n 
A 1 150 VAL 150 156 156 VAL VAL A . n 
A 1 151 TRP 151 157 157 TRP TRP A . n 
A 1 152 LEU 152 158 158 LEU LEU A . n 
A 1 153 PRO 153 159 159 PRO PRO A . n 
A 1 154 GLN 154 160 160 GLN GLN A . n 
A 1 155 TYR 155 161 161 TYR TYR A . n 
A 1 156 ASN 156 162 162 ASN ASN A . n 
A 1 157 ILE 157 163 163 ILE ILE A . n 
A 1 158 LEU 158 164 164 LEU LEU A . n 
A 1 159 VAL 159 165 165 VAL VAL A . n 
A 1 160 GLY 160 166 166 GLY GLY A . n 
A 1 161 GLY 161 167 167 GLY GLY A . n 
A 1 162 CYS 162 168 168 CYS CYS A . n 
A 1 163 LEU 163 169 169 LEU LEU A . n 
A 1 164 VAL 164 170 170 VAL VAL A . n 
A 1 165 LYS 165 171 171 LYS LYS A . n 
A 1 166 SER 166 172 172 SER SER A . n 
A 1 167 THR 167 173 173 THR THR A . n 
A 1 168 SER 168 174 174 SER SER A . n 
A 1 169 ALA 169 175 175 ALA ALA A . n 
A 1 170 LYS 170 176 176 LYS LYS A . n 
A 1 171 ASP 171 177 177 ASP ASP A . n 
A 1 172 LEU 172 178 178 LEU LEU A . n 
A 1 173 GLY 173 179 179 GLY GLY A . n 
A 1 174 ASN 174 180 180 ASN ASN A . n 
A 1 175 VAL 175 181 181 VAL VAL A . n 
A 1 176 ALA 176 182 182 ALA ALA A . n 
A 1 177 ASP 177 183 183 ASP ASP A . n 
A 1 178 ALA 178 184 184 ALA ALA A . n 
A 1 179 TYR 179 185 185 TYR TYR A . n 
A 1 180 VAL 180 186 186 VAL VAL A . n 
A 1 181 ASN 181 187 187 ASN ASN A . n 
A 1 182 GLU 182 188 188 GLU GLU A . n 
A 1 183 TRP 183 189 189 TRP TRP A . n 
A 1 184 SER 184 190 190 SER SER A . n 
A 1 185 THR 185 191 191 THR THR A . n 
A 1 186 SER 186 192 192 SER SER A . n 
A 1 187 ILE 187 193 193 ILE ILE A . n 
A 1 188 GLU 188 194 194 GLU GLU A . n 
A 1 189 ASN 189 195 195 ASN ASN A . n 
A 1 190 VAL 190 196 196 VAL VAL A . n 
A 1 191 LEU 191 197 197 LEU LEU A . n 
A 1 192 LYS 192 198 198 LYS LYS A . n 
A 1 193 ARG 193 199 199 ARG ARG A . n 
A 1 194 TYR 194 200 200 TYR TYR A . n 
A 1 195 ARG 195 201 201 ARG ARG A . n 
A 1 196 ASN 196 202 202 ASN ASN A . n 
A 1 197 ILE 197 203 203 ILE ILE A . n 
A 1 198 ASN 198 204 204 ASN ASN A . n 
A 1 199 ALA 199 205 205 ALA ALA A . n 
A 1 200 VAL 200 206 206 VAL VAL A . n 
A 1 201 VAL 201 207 207 VAL VAL A . n 
A 1 202 PRO 202 208 208 PRO PRO A . n 
A 1 203 GLY 203 209 209 GLY GLY A . n 
A 1 204 HIS 204 210 210 HIS HIS A . n 
A 1 205 GLY 205 211 211 GLY GLY A . n 
A 1 206 GLU 206 212 212 GLU GLU A . n 
A 1 207 VAL 207 213 213 VAL VAL A . n 
A 1 208 GLY 208 214 214 GLY GLY A . n 
A 1 209 ASP 209 215 215 ASP ASP A . n 
A 1 210 LYS 210 216 216 LYS LYS A . n 
A 1 211 GLY 211 217 217 GLY GLY A . n 
A 1 212 LEU 212 218 218 LEU LEU A . n 
A 1 213 LEU 213 219 219 LEU LEU A . n 
A 1 214 LEU 214 220 220 LEU LEU A . n 
A 1 215 HIS 215 221 221 HIS HIS A . n 
A 1 216 THR 216 222 222 THR THR A . n 
A 1 217 LEU 217 223 223 LEU LEU A . n 
A 1 218 ASP 218 224 224 ASP ASP A . n 
A 1 219 LEU 219 225 225 LEU LEU A . n 
A 1 220 LEU 220 226 226 LEU LEU A . n 
A 1 221 LYS 221 227 227 LYS LYS A . n 
# 
loop_
_pdbx_nonpoly_scheme.asym_id 
_pdbx_nonpoly_scheme.entity_id 
_pdbx_nonpoly_scheme.mon_id 
_pdbx_nonpoly_scheme.ndb_seq_num 
_pdbx_nonpoly_scheme.pdb_seq_num 
_pdbx_nonpoly_scheme.auth_seq_num 
_pdbx_nonpoly_scheme.pdb_mon_id 
_pdbx_nonpoly_scheme.auth_mon_id 
_pdbx_nonpoly_scheme.pdb_strand_id 
_pdbx_nonpoly_scheme.pdb_ins_code 
B 2 ZN  1  228 228 ZN  ZN  A . 
C 3 HOH 1  301 301 HOH HOH A . 
C 3 HOH 2  302 302 HOH HOH A . 
C 3 HOH 3  303 303 HOH HOH A . 
C 3 HOH 4  304 304 HOH HOH A . 
C 3 HOH 5  305 305 HOH HOH A . 
C 3 HOH 6  306 306 HOH HOH A . 
C 3 HOH 7  307 307 HOH HOH A . 
C 3 HOH 8  308 308 HOH HOH A . 
C 3 HOH 9  309 309 HOH HOH A . 
C 3 HOH 10 310 310 HOH HOH A . 
# 
loop_
_pdbx_unobs_or_zero_occ_atoms.id 
_pdbx_unobs_or_zero_occ_atoms.PDB_model_num 
_pdbx_unobs_or_zero_occ_atoms.polymer_flag 
_pdbx_unobs_or_zero_occ_atoms.occupancy_flag 
_pdbx_unobs_or_zero_occ_atoms.auth_asym_id 
_pdbx_unobs_or_zero_occ_atoms.auth_comp_id 
_pdbx_unobs_or_zero_occ_atoms.auth_seq_id 
_pdbx_unobs_or_zero_occ_atoms.PDB_ins_code 
_pdbx_unobs_or_zero_occ_atoms.auth_atom_id 
_pdbx_unobs_or_zero_occ_atoms.label_alt_id 
_pdbx_unobs_or_zero_occ_atoms.label_asym_id 
_pdbx_unobs_or_zero_occ_atoms.label_comp_id 
_pdbx_unobs_or_zero_occ_atoms.label_seq_id 
_pdbx_unobs_or_zero_occ_atoms.label_atom_id 
1 1 Y 0 A ASN 137 ? CB  ? A ASN 131 CB  
2 1 Y 0 A ASN 137 ? CG  ? A ASN 131 CG  
3 1 Y 0 A ASN 137 ? OD1 ? A ASN 131 OD1 
4 1 Y 0 A ASN 137 ? ND2 ? A ASN 131 ND2 
# 
loop_
_software.name 
_software.classification 
_software.version 
_software.citation_id 
_software.pdbx_ordinal 
X-PLOR refinement       . ? 1 
MADNES 'data reduction' . ? 2 
# 
_cell.entry_id           1BMC 
_cell.length_a           53.790 
_cell.length_b           61.980 
_cell.length_c           69.970 
_cell.angle_alpha        90.00 
_cell.angle_beta         93.67 
_cell.angle_gamma        90.00 
_cell.Z_PDB              4 
_cell.pdbx_unique_axis   ? 
# 
_symmetry.entry_id                         1BMC 
_symmetry.space_group_name_H-M             'C 1 2 1' 
_symmetry.pdbx_full_space_group_name_H-M   ? 
_symmetry.cell_setting                     ? 
_symmetry.Int_Tables_number                5 
# 
_exptl.entry_id          1BMC 
_exptl.method            'X-RAY DIFFRACTION' 
_exptl.crystals_number   ? 
# 
_exptl_crystal.id                    1 
_exptl_crystal.density_meas          ? 
_exptl_crystal.density_Matthews      2.33 
_exptl_crystal.density_percent_sol   37.7 
_exptl_crystal.description           ? 
# 
_diffrn.id                     1 
_diffrn.ambient_temp           ? 
_diffrn.ambient_temp_details   ? 
_diffrn.crystal_id             1 
# 
_diffrn_detector.diffrn_id              1 
_diffrn_detector.detector               DIFFRACTOMETER 
_diffrn_detector.type                   'ENRAF-NONIUS FAST' 
_diffrn_detector.pdbx_collection_date   1994-07 
_diffrn_detector.details                ? 
# 
_diffrn_radiation.diffrn_id                        1 
_diffrn_radiation.wavelength_id                    1 
_diffrn_radiation.pdbx_monochromatic_or_laue_m_l   M 
_diffrn_radiation.monochromator                    'GRAPHITE(002)' 
_diffrn_radiation.pdbx_diffrn_protocol             ? 
_diffrn_radiation.pdbx_scattering_type             x-ray 
# 
_diffrn_radiation_wavelength.id           1 
_diffrn_radiation_wavelength.wavelength   1.5418 
_diffrn_radiation_wavelength.wt           1.0 
# 
_diffrn_source.diffrn_id                   1 
_diffrn_source.source                      'ROTATING ANODE' 
_diffrn_source.type                        'RIGAKU RUH2R' 
_diffrn_source.pdbx_synchrotron_site       ? 
_diffrn_source.pdbx_synchrotron_beamline   ? 
_diffrn_source.pdbx_wavelength             1.5418 
_diffrn_source.pdbx_wavelength_list        ? 
# 
_reflns.entry_id                     1BMC 
_reflns.observed_criterion_sigma_I   0.0 
_reflns.observed_criterion_sigma_F   ? 
_reflns.d_resolution_low             25.0 
_reflns.d_resolution_high            2.5 
_reflns.number_obs                   6911 
_reflns.number_all                   ? 
_reflns.percent_possible_obs         86.0 
_reflns.pdbx_Rmerge_I_obs            0.0300000 
_reflns.pdbx_Rsym_value              ? 
_reflns.pdbx_netI_over_sigmaI        ? 
_reflns.B_iso_Wilson_estimate        ? 
_reflns.pdbx_redundancy              2. 
_reflns.pdbx_diffrn_id               1 
_reflns.pdbx_ordinal                 1 
# 
_refine.entry_id                                 1BMC 
_refine.ls_number_reflns_obs                     6685 
_refine.ls_number_reflns_all                     ? 
_refine.pdbx_ls_sigma_I                          ? 
_refine.pdbx_ls_sigma_F                          2.0 
_refine.pdbx_data_cutoff_high_absF               ? 
_refine.pdbx_data_cutoff_low_absF                ? 
_refine.pdbx_data_cutoff_high_rms_absF           ? 
_refine.ls_d_res_low                             8.0 
_refine.ls_d_res_high                            2.5 
_refine.ls_percent_reflns_obs                    81.5 
_refine.ls_R_factor_obs                          0.2200000 
_refine.ls_R_factor_all                          ? 
_refine.ls_R_factor_R_work                       0.2200000 
_refine.ls_R_factor_R_free                       0.3300000 
_refine.ls_R_factor_R_free_error                 ? 
_refine.ls_R_factor_R_free_error_details         ? 
_refine.ls_percent_reflns_R_free                 5.0 
_refine.ls_number_reflns_R_free                  ? 
_refine.ls_number_parameters                     ? 
_refine.ls_number_restraints                     ? 
_refine.occupancy_min                            ? 
_refine.occupancy_max                            ? 
_refine.B_iso_mean                               ? 
_refine.aniso_B[1][1]                            ? 
_refine.aniso_B[2][2]                            ? 
_refine.aniso_B[3][3]                            ? 
_refine.aniso_B[1][2]                            ? 
_refine.aniso_B[1][3]                            ? 
_refine.aniso_B[2][3]                            ? 
_refine.solvent_model_details                    ? 
_refine.solvent_model_param_ksol                 ? 
_refine.solvent_model_param_bsol                 ? 
_refine.pdbx_ls_cross_valid_method               ? 
_refine.details                                  ? 
_refine.pdbx_starting_model                      ? 
_refine.pdbx_method_to_determine_struct          ? 
_refine.pdbx_isotropic_thermal_model             ? 
_refine.pdbx_stereochemistry_target_values       ? 
_refine.pdbx_stereochem_target_val_spec_case     ? 
_refine.pdbx_R_Free_selection_details            ? 
_refine.pdbx_overall_ESU_R                       ? 
_refine.pdbx_overall_ESU_R_Free                  ? 
_refine.overall_SU_ML                            ? 
_refine.overall_SU_B                             ? 
_refine.pdbx_refine_id                           'X-RAY DIFFRACTION' 
_refine.pdbx_diffrn_id                           1 
_refine.pdbx_TLS_residual_ADP_flag               ? 
_refine.correlation_coeff_Fo_to_Fc               ? 
_refine.correlation_coeff_Fo_to_Fc_free          ? 
_refine.pdbx_solvent_vdw_probe_radii             ? 
_refine.pdbx_solvent_ion_probe_radii             ? 
_refine.pdbx_solvent_shrinkage_radii             ? 
_refine.pdbx_overall_phase_error                 ? 
_refine.overall_SU_R_Cruickshank_DPI             ? 
_refine.pdbx_overall_SU_R_free_Cruickshank_DPI   ? 
_refine.pdbx_overall_SU_R_Blow_DPI               ? 
_refine.pdbx_overall_SU_R_free_Blow_DPI          ? 
# 
_refine_hist.pdbx_refine_id                   'X-RAY DIFFRACTION' 
_refine_hist.cycle_id                         LAST 
_refine_hist.pdbx_number_atoms_protein        1646 
_refine_hist.pdbx_number_atoms_nucleic_acid   0 
_refine_hist.pdbx_number_atoms_ligand         1 
_refine_hist.number_atoms_solvent             10 
_refine_hist.number_atoms_total               1657 
_refine_hist.d_res_high                       2.5 
_refine_hist.d_res_low                        8.0 
# 
loop_
_refine_ls_restr.type 
_refine_ls_restr.dev_ideal 
_refine_ls_restr.dev_ideal_target 
_refine_ls_restr.weight 
_refine_ls_restr.number 
_refine_ls_restr.pdbx_refine_id 
_refine_ls_restr.pdbx_restraint_function 
x_bond_d                0.016 ? ? ? 'X-RAY DIFFRACTION' ? 
x_bond_d_na             ?     ? ? ? 'X-RAY DIFFRACTION' ? 
x_bond_d_prot           ?     ? ? ? 'X-RAY DIFFRACTION' ? 
x_angle_d               ?     ? ? ? 'X-RAY DIFFRACTION' ? 
x_angle_d_na            ?     ? ? ? 'X-RAY DIFFRACTION' ? 
x_angle_d_prot          ?     ? ? ? 'X-RAY DIFFRACTION' ? 
x_angle_deg             1.5   ? ? ? 'X-RAY DIFFRACTION' ? 
x_angle_deg_na          ?     ? ? ? 'X-RAY DIFFRACTION' ? 
x_angle_deg_prot        ?     ? ? ? 'X-RAY DIFFRACTION' ? 
x_dihedral_angle_d      ?     ? ? ? 'X-RAY DIFFRACTION' ? 
x_dihedral_angle_d_na   ?     ? ? ? 'X-RAY DIFFRACTION' ? 
x_dihedral_angle_d_prot ?     ? ? ? 'X-RAY DIFFRACTION' ? 
x_improper_angle_d      ?     ? ? ? 'X-RAY DIFFRACTION' ? 
x_improper_angle_d_na   ?     ? ? ? 'X-RAY DIFFRACTION' ? 
x_improper_angle_d_prot ?     ? ? ? 'X-RAY DIFFRACTION' ? 
x_mcbond_it             ?     ? ? ? 'X-RAY DIFFRACTION' ? 
x_mcangle_it            ?     ? ? ? 'X-RAY DIFFRACTION' ? 
x_scbond_it             ?     ? ? ? 'X-RAY DIFFRACTION' ? 
x_scangle_it            ?     ? ? ? 'X-RAY DIFFRACTION' ? 
# 
_struct.entry_id                  1BMC 
_struct.title                     'STRUCTURE OF A ZINC METALLO-BETA-LACTAMASE FROM BACILLUS CEREUS' 
_struct.pdbx_model_details        ? 
_struct.pdbx_CASP_flag            ? 
_struct.pdbx_model_type_details   ? 
# 
_struct_keywords.entry_id        1BMC 
_struct_keywords.pdbx_keywords   'HYDROLASE (ACTING IN CYCLIC AMIDES)' 
_struct_keywords.text            'HYDROLASE (ACTING IN CYCLIC AMIDES), ANTIBIOTIC RESISTANCE' 
# 
loop_
_struct_asym.id 
_struct_asym.pdbx_blank_PDB_chainid_flag 
_struct_asym.pdbx_modified 
_struct_asym.entity_id 
_struct_asym.details 
A N N 1 ? 
B N N 2 ? 
C N N 3 ? 
# 
_struct_ref.id                         1 
_struct_ref.db_name                    UNP 
_struct_ref.db_code                    BLA2_BACCE 
_struct_ref.entity_id                  1 
_struct_ref.pdbx_db_accession          P04190 
_struct_ref.pdbx_align_begin           1 
_struct_ref.pdbx_seq_one_letter_code   
;MKKNTLLKVGLCVGLLGTIQFVSTISSVQASQKVEKTVIKNETGTISISQLNKNVWVHTELGSFNGEAVPSNGLVLNTSK
GLVLVDSSWDDKLTKELIEMVEKKFQKRVTDVIITHAHADRIGGIKTLKERGIKAHSTALTAELAKKNGYEEPLGDLQTV
TNLKFGNMKVETFYPGKGHTEDNIVVWLPQYNILVGGCLVKSTSAKDLGNVADAYVNEWSTSIENVLKRYRNINAVVPGH
GEVGDKGLLLHTLDLLK
;
_struct_ref.pdbx_db_isoform            ? 
# 
_struct_ref_seq.align_id                      1 
_struct_ref_seq.ref_id                        1 
_struct_ref_seq.pdbx_PDB_id_code              1BMC 
_struct_ref_seq.pdbx_strand_id                A 
_struct_ref_seq.seq_align_beg                 1 
_struct_ref_seq.pdbx_seq_align_beg_ins_code   ? 
_struct_ref_seq.seq_align_end                 221 
_struct_ref_seq.pdbx_seq_align_end_ins_code   ? 
_struct_ref_seq.pdbx_db_accession             P04190 
_struct_ref_seq.db_align_beg                  37 
_struct_ref_seq.pdbx_db_align_beg_ins_code    ? 
_struct_ref_seq.db_align_end                  257 
_struct_ref_seq.pdbx_db_align_end_ins_code    ? 
_struct_ref_seq.pdbx_auth_seq_align_beg       7 
_struct_ref_seq.pdbx_auth_seq_align_end       227 
# 
_pdbx_struct_assembly.id                   1 
_pdbx_struct_assembly.details              author_defined_assembly 
_pdbx_struct_assembly.method_details       ? 
_pdbx_struct_assembly.oligomeric_details   monomeric 
_pdbx_struct_assembly.oligomeric_count     1 
# 
_pdbx_struct_assembly_gen.assembly_id       1 
_pdbx_struct_assembly_gen.oper_expression   1 
_pdbx_struct_assembly_gen.asym_id_list      A,B,C 
# 
_pdbx_struct_oper_list.id                   1 
_pdbx_struct_oper_list.type                 'identity operation' 
_pdbx_struct_oper_list.name                 1_555 
_pdbx_struct_oper_list.symmetry_operation   x,y,z 
_pdbx_struct_oper_list.matrix[1][1]         1.0000000000 
_pdbx_struct_oper_list.matrix[1][2]         0.0000000000 
_pdbx_struct_oper_list.matrix[1][3]         0.0000000000 
_pdbx_struct_oper_list.vector[1]            0.0000000000 
_pdbx_struct_oper_list.matrix[2][1]         0.0000000000 
_pdbx_struct_oper_list.matrix[2][2]         1.0000000000 
_pdbx_struct_oper_list.matrix[2][3]         0.0000000000 
_pdbx_struct_oper_list.vector[2]            0.0000000000 
_pdbx_struct_oper_list.matrix[3][1]         0.0000000000 
_pdbx_struct_oper_list.matrix[3][2]         0.0000000000 
_pdbx_struct_oper_list.matrix[3][3]         1.0000000000 
_pdbx_struct_oper_list.vector[3]            0.0000000000 
# 
_struct_biol.id   1 
# 
loop_
_struct_conf.conf_type_id 
_struct_conf.id 
_struct_conf.pdbx_PDB_helix_id 
_struct_conf.beg_label_comp_id 
_struct_conf.beg_label_asym_id 
_struct_conf.beg_label_seq_id 
_struct_conf.pdbx_beg_PDB_ins_code 
_struct_conf.end_label_comp_id 
_struct_conf.end_label_asym_id 
_struct_conf.end_label_seq_id 
_struct_conf.pdbx_end_PDB_ins_code 
_struct_conf.beg_auth_comp_id 
_struct_conf.beg_auth_asym_id 
_struct_conf.beg_auth_seq_id 
_struct_conf.end_auth_comp_id 
_struct_conf.end_auth_asym_id 
_struct_conf.end_auth_seq_id 
_struct_conf.pdbx_PDB_helix_class 
_struct_conf.details 
_struct_conf.pdbx_PDB_helix_length 
HELX_P HELX_P1 1 ASP A 55  ? PHE A 69  ? ASP A 61  PHE A 75  1 ? 15 
HELX_P HELX_P2 2 ALA A 83  ? ILE A 86  ? ALA A 89  ILE A 92  1 ? 4  
HELX_P HELX_P3 3 ILE A 89  ? ARG A 95  ? ILE A 95  ARG A 101 1 ? 7  
HELX_P HELX_P4 4 ALA A 103 ? ASN A 112 ? ALA A 109 ASN A 118 1 ? 10 
HELX_P HELX_P5 5 VAL A 180 ? TYR A 194 ? VAL A 186 TYR A 200 1 ? 15 
HELX_P HELX_P6 6 LYS A 210 ? LEU A 220 ? LYS A 216 LEU A 226 5 ? 11 
# 
_struct_conf_type.id          HELX_P 
_struct_conf_type.criteria    ? 
_struct_conf_type.reference   ? 
# 
loop_
_struct_conn.id 
_struct_conn.conn_type_id 
_struct_conn.pdbx_leaving_atom_flag 
_struct_conn.pdbx_PDB_id 
_struct_conn.ptnr1_label_asym_id 
_struct_conn.ptnr1_label_comp_id 
_struct_conn.ptnr1_label_seq_id 
_struct_conn.ptnr1_label_atom_id 
_struct_conn.pdbx_ptnr1_label_alt_id 
_struct_conn.pdbx_ptnr1_PDB_ins_code 
_struct_conn.pdbx_ptnr1_standard_comp_id 
_struct_conn.ptnr1_symmetry 
_struct_conn.ptnr2_label_asym_id 
_struct_conn.ptnr2_label_comp_id 
_struct_conn.ptnr2_label_seq_id 
_struct_conn.ptnr2_label_atom_id 
_struct_conn.pdbx_ptnr2_label_alt_id 
_struct_conn.pdbx_ptnr2_PDB_ins_code 
_struct_conn.ptnr1_auth_asym_id 
_struct_conn.ptnr1_auth_comp_id 
_struct_conn.ptnr1_auth_seq_id 
_struct_conn.ptnr2_auth_asym_id 
_struct_conn.ptnr2_auth_comp_id 
_struct_conn.ptnr2_auth_seq_id 
_struct_conn.ptnr2_symmetry 
_struct_conn.pdbx_ptnr3_label_atom_id 
_struct_conn.pdbx_ptnr3_label_seq_id 
_struct_conn.pdbx_ptnr3_label_comp_id 
_struct_conn.pdbx_ptnr3_label_asym_id 
_struct_conn.pdbx_ptnr3_label_alt_id 
_struct_conn.pdbx_ptnr3_PDB_ins_code 
_struct_conn.details 
_struct_conn.pdbx_dist_value 
_struct_conn.pdbx_value_order 
_struct_conn.pdbx_role 
metalc1 metalc ? ? A HIS 80  NE2 ? ? ? 1_555 B ZN . ZN ? ? A HIS 86  A ZN 228 1_555 ? ? ? ? ? ? ? 2.467 ? ? 
metalc2 metalc ? ? A HIS 82  ND1 ? ? ? 1_555 B ZN . ZN ? ? A HIS 88  A ZN 228 1_555 ? ? ? ? ? ? ? 2.381 ? ? 
metalc3 metalc ? ? A HIS 143 NE2 ? ? ? 1_555 B ZN . ZN ? ? A HIS 149 A ZN 228 1_555 ? ? ? ? ? ? ? 2.370 ? ? 
# 
_struct_conn_type.id          metalc 
_struct_conn_type.criteria    ? 
_struct_conn_type.reference   ? 
# 
loop_
_pdbx_struct_conn_angle.id 
_pdbx_struct_conn_angle.ptnr1_label_atom_id 
_pdbx_struct_conn_angle.ptnr1_label_alt_id 
_pdbx_struct_conn_angle.ptnr1_label_asym_id 
_pdbx_struct_conn_angle.ptnr1_label_comp_id 
_pdbx_struct_conn_angle.ptnr1_label_seq_id 
_pdbx_struct_conn_angle.ptnr1_auth_atom_id 
_pdbx_struct_conn_angle.ptnr1_auth_asym_id 
_pdbx_struct_conn_angle.ptnr1_auth_comp_id 
_pdbx_struct_conn_angle.ptnr1_auth_seq_id 
_pdbx_struct_conn_angle.ptnr1_PDB_ins_code 
_pdbx_struct_conn_angle.ptnr1_symmetry 
_pdbx_struct_conn_angle.ptnr2_label_atom_id 
_pdbx_struct_conn_angle.ptnr2_label_alt_id 
_pdbx_struct_conn_angle.ptnr2_label_asym_id 
_pdbx_struct_conn_angle.ptnr2_label_comp_id 
_pdbx_struct_conn_angle.ptnr2_label_seq_id 
_pdbx_struct_conn_angle.ptnr2_auth_atom_id 
_pdbx_struct_conn_angle.ptnr2_auth_asym_id 
_pdbx_struct_conn_angle.ptnr2_auth_comp_id 
_pdbx_struct_conn_angle.ptnr2_auth_seq_id 
_pdbx_struct_conn_angle.ptnr2_PDB_ins_code 
_pdbx_struct_conn_angle.ptnr2_symmetry 
_pdbx_struct_conn_angle.ptnr3_label_atom_id 
_pdbx_struct_conn_angle.ptnr3_label_alt_id 
_pdbx_struct_conn_angle.ptnr3_label_asym_id 
_pdbx_struct_conn_angle.ptnr3_label_comp_id 
_pdbx_struct_conn_angle.ptnr3_label_seq_id 
_pdbx_struct_conn_angle.ptnr3_auth_atom_id 
_pdbx_struct_conn_angle.ptnr3_auth_asym_id 
_pdbx_struct_conn_angle.ptnr3_auth_comp_id 
_pdbx_struct_conn_angle.ptnr3_auth_seq_id 
_pdbx_struct_conn_angle.ptnr3_PDB_ins_code 
_pdbx_struct_conn_angle.ptnr3_symmetry 
_pdbx_struct_conn_angle.value 
_pdbx_struct_conn_angle.value_esd 
1 NE2 ? A HIS 80 ? A HIS 86 ? 1_555 ZN ? B ZN . ? A ZN 228 ? 1_555 ND1 ? A HIS 82  ? A HIS 88  ? 1_555 100.8 ? 
2 NE2 ? A HIS 80 ? A HIS 86 ? 1_555 ZN ? B ZN . ? A ZN 228 ? 1_555 NE2 ? A HIS 143 ? A HIS 149 ? 1_555 105.5 ? 
3 ND1 ? A HIS 82 ? A HIS 88 ? 1_555 ZN ? B ZN . ? A ZN 228 ? 1_555 NE2 ? A HIS 143 ? A HIS 149 ? 1_555 106.2 ? 
# 
loop_
_struct_sheet.id 
_struct_sheet.type 
_struct_sheet.number_strands 
_struct_sheet.details 
A ? 7 ? 
B ? 5 ? 
# 
loop_
_struct_sheet_order.sheet_id 
_struct_sheet_order.range_id_1 
_struct_sheet_order.range_id_2 
_struct_sheet_order.offset 
_struct_sheet_order.sense 
A 1 2 ? anti-parallel 
A 2 3 ? anti-parallel 
A 3 4 ? anti-parallel 
A 4 5 ? anti-parallel 
A 5 6 ? parallel      
A 6 7 ? parallel      
B 1 2 ? anti-parallel 
B 2 3 ? anti-parallel 
B 3 4 ? anti-parallel 
B 4 5 ? parallel      
# 
loop_
_struct_sheet_range.sheet_id 
_struct_sheet_range.id 
_struct_sheet_range.beg_label_comp_id 
_struct_sheet_range.beg_label_asym_id 
_struct_sheet_range.beg_label_seq_id 
_struct_sheet_range.pdbx_beg_PDB_ins_code 
_struct_sheet_range.end_label_comp_id 
_struct_sheet_range.end_label_asym_id 
_struct_sheet_range.end_label_seq_id 
_struct_sheet_range.pdbx_end_PDB_ins_code 
_struct_sheet_range.beg_auth_comp_id 
_struct_sheet_range.beg_auth_asym_id 
_struct_sheet_range.beg_auth_seq_id 
_struct_sheet_range.end_auth_comp_id 
_struct_sheet_range.end_auth_asym_id 
_struct_sheet_range.end_auth_seq_id 
A 1 VAL A 2   ? LYS A 4   ? VAL A 8   LYS A 10  
A 2 ILE A 10  ? GLN A 14  ? ILE A 16  GLN A 20  
A 3 VAL A 19  ? GLU A 24  ? VAL A 25  GLU A 30  
A 4 SER A 35  ? THR A 42  ? SER A 41  THR A 48  
A 5 GLY A 45  ? VAL A 49  ? GLY A 51  VAL A 55  
A 6 VAL A 73  ? ILE A 77  ? VAL A 79  ILE A 83  
A 7 LYS A 98  ? HIS A 100 ? LYS A 104 HIS A 106 
B 1 VAL A 124 ? PHE A 129 ? VAL A 130 PHE A 135 
B 2 MET A 132 ? PHE A 137 ? MET A 138 PHE A 143 
B 3 VAL A 149 ? LEU A 152 ? VAL A 155 LEU A 158 
B 4 ILE A 157 ? GLY A 161 ? ILE A 163 GLY A 167 
B 5 ALA A 199 ? PRO A 202 ? ALA A 205 PRO A 208 
# 
loop_
_pdbx_struct_sheet_hbond.sheet_id 
_pdbx_struct_sheet_hbond.range_id_1 
_pdbx_struct_sheet_hbond.range_id_2 
_pdbx_struct_sheet_hbond.range_1_label_atom_id 
_pdbx_struct_sheet_hbond.range_1_label_comp_id 
_pdbx_struct_sheet_hbond.range_1_label_asym_id 
_pdbx_struct_sheet_hbond.range_1_label_seq_id 
_pdbx_struct_sheet_hbond.range_1_PDB_ins_code 
_pdbx_struct_sheet_hbond.range_1_auth_atom_id 
_pdbx_struct_sheet_hbond.range_1_auth_comp_id 
_pdbx_struct_sheet_hbond.range_1_auth_asym_id 
_pdbx_struct_sheet_hbond.range_1_auth_seq_id 
_pdbx_struct_sheet_hbond.range_2_label_atom_id 
_pdbx_struct_sheet_hbond.range_2_label_comp_id 
_pdbx_struct_sheet_hbond.range_2_label_asym_id 
_pdbx_struct_sheet_hbond.range_2_label_seq_id 
_pdbx_struct_sheet_hbond.range_2_PDB_ins_code 
_pdbx_struct_sheet_hbond.range_2_auth_atom_id 
_pdbx_struct_sheet_hbond.range_2_auth_comp_id 
_pdbx_struct_sheet_hbond.range_2_auth_asym_id 
_pdbx_struct_sheet_hbond.range_2_auth_seq_id 
A 1 2 O ILE A 3   ? O ILE A 9   N ILE A 12  ? N ILE A 18  
A 2 3 O SER A 11  ? O SER A 17  N THR A 23  ? N THR A 29  
A 3 4 O TRP A 20  ? O TRP A 26  N VAL A 39  ? N VAL A 45  
A 4 5 O LEU A 38  ? O LEU A 44  N VAL A 49  ? N VAL A 55  
A 5 6 O LEU A 46  ? O LEU A 52  N THR A 74  ? N THR A 80  
A 6 7 O VAL A 76  ? O VAL A 82  N LYS A 98  ? N LYS A 104 
B 1 2 O THR A 125 ? O THR A 131 N THR A 136 ? N THR A 142 
B 2 3 O GLU A 135 ? O GLU A 141 N TRP A 151 ? N TRP A 157 
B 3 4 O VAL A 150 ? O VAL A 156 N VAL A 159 ? N VAL A 165 
B 4 5 O LEU A 158 ? O LEU A 164 N ALA A 199 ? N ALA A 205 
# 
loop_
_struct_site.id 
_struct_site.pdbx_evidence_code 
_struct_site.pdbx_auth_asym_id 
_struct_site.pdbx_auth_comp_id 
_struct_site.pdbx_auth_seq_id 
_struct_site.pdbx_auth_ins_code 
_struct_site.pdbx_num_residues 
_struct_site.details 
ZN  Unknown  ? ?  ?   ? 3 'ZINC BINDING SITE.'                
AC1 Software A ZN 228 ? 3 'BINDING SITE FOR RESIDUE ZN A 228' 
# 
loop_
_struct_site_gen.id 
_struct_site_gen.site_id 
_struct_site_gen.pdbx_num_res 
_struct_site_gen.label_comp_id 
_struct_site_gen.label_asym_id 
_struct_site_gen.label_seq_id 
_struct_site_gen.pdbx_auth_ins_code 
_struct_site_gen.auth_comp_id 
_struct_site_gen.auth_asym_id 
_struct_site_gen.auth_seq_id 
_struct_site_gen.label_atom_id 
_struct_site_gen.label_alt_id 
_struct_site_gen.symmetry 
_struct_site_gen.details 
1 ZN  3 HIS A 80  ? HIS A 86  . ? 1_555 ? 
2 ZN  3 HIS A 82  ? HIS A 88  . ? 1_555 ? 
3 ZN  3 HIS A 143 ? HIS A 149 . ? 1_555 ? 
4 AC1 3 HIS A 80  ? HIS A 86  . ? 1_555 ? 
5 AC1 3 HIS A 82  ? HIS A 88  . ? 1_555 ? 
6 AC1 3 HIS A 143 ? HIS A 149 . ? 1_555 ? 
# 
loop_
_pdbx_validate_rmsd_angle.id 
_pdbx_validate_rmsd_angle.PDB_model_num 
_pdbx_validate_rmsd_angle.auth_atom_id_1 
_pdbx_validate_rmsd_angle.auth_asym_id_1 
_pdbx_validate_rmsd_angle.auth_comp_id_1 
_pdbx_validate_rmsd_angle.auth_seq_id_1 
_pdbx_validate_rmsd_angle.PDB_ins_code_1 
_pdbx_validate_rmsd_angle.label_alt_id_1 
_pdbx_validate_rmsd_angle.auth_atom_id_2 
_pdbx_validate_rmsd_angle.auth_asym_id_2 
_pdbx_validate_rmsd_angle.auth_comp_id_2 
_pdbx_validate_rmsd_angle.auth_seq_id_2 
_pdbx_validate_rmsd_angle.PDB_ins_code_2 
_pdbx_validate_rmsd_angle.label_alt_id_2 
_pdbx_validate_rmsd_angle.auth_atom_id_3 
_pdbx_validate_rmsd_angle.auth_asym_id_3 
_pdbx_validate_rmsd_angle.auth_comp_id_3 
_pdbx_validate_rmsd_angle.auth_seq_id_3 
_pdbx_validate_rmsd_angle.PDB_ins_code_3 
_pdbx_validate_rmsd_angle.label_alt_id_3 
_pdbx_validate_rmsd_angle.angle_value 
_pdbx_validate_rmsd_angle.angle_target_value 
_pdbx_validate_rmsd_angle.angle_deviation 
_pdbx_validate_rmsd_angle.angle_standard_deviation 
_pdbx_validate_rmsd_angle.linker_flag 
1 1 N A GLY 14 ? ? CA A GLY 14 ? ? C A GLY 14 ? ? 97.32 113.10 -15.78 2.50 N 
2 1 N A ILE 16 ? ? CA A ILE 16 ? ? C A ILE 16 ? ? 94.52 111.00 -16.48 2.70 N 
# 
loop_
_pdbx_validate_torsion.id 
_pdbx_validate_torsion.PDB_model_num 
_pdbx_validate_torsion.auth_comp_id 
_pdbx_validate_torsion.auth_asym_id 
_pdbx_validate_torsion.auth_seq_id 
_pdbx_validate_torsion.PDB_ins_code 
_pdbx_validate_torsion.label_alt_id 
_pdbx_validate_torsion.phi 
_pdbx_validate_torsion.psi 
1  1 ASN A 11  ? ? -72.96  -123.24 
2  1 THR A 13  ? ? 60.92   141.19  
3  1 THR A 15  ? ? -47.98  152.54  
4  1 LEU A 21  ? ? -103.01 -146.86 
5  1 ASN A 22  ? ? -54.37  173.59  
6  1 ASN A 24  ? ? 77.24   -24.23  
7  1 LYS A 50  ? ? -93.72  35.65   
8  1 ASP A 56  ? ? 71.72   139.69  
9  1 SER A 57  ? ? -87.92  -123.97 
10 1 ALA A 87  ? ? -70.62  29.15   
11 1 PRO A 123 ? ? -66.41  -175.09 
12 1 ASN A 202 ? ? 69.87   88.92   
13 1 ASP A 215 ? ? -117.92 -153.95 
# 
loop_
_pdbx_unobs_or_zero_occ_residues.id 
_pdbx_unobs_or_zero_occ_residues.PDB_model_num 
_pdbx_unobs_or_zero_occ_residues.polymer_flag 
_pdbx_unobs_or_zero_occ_residues.occupancy_flag 
_pdbx_unobs_or_zero_occ_residues.auth_asym_id 
_pdbx_unobs_or_zero_occ_residues.auth_comp_id 
_pdbx_unobs_or_zero_occ_residues.auth_seq_id 
_pdbx_unobs_or_zero_occ_residues.PDB_ins_code 
_pdbx_unobs_or_zero_occ_residues.label_asym_id 
_pdbx_unobs_or_zero_occ_residues.label_comp_id 
_pdbx_unobs_or_zero_occ_residues.label_seq_id 
1 1 Y 1 A GLY 32  ? A GLY 26  
2 1 Y 1 A SER 33  ? A SER 27  
3 1 Y 1 A PHE 34  ? A PHE 28  
4 1 Y 1 A ASN 35  ? A ASN 29  
5 1 Y 1 A GLY 36  ? A GLY 30  
6 1 Y 1 A GLU 37  ? A GLU 31  
7 1 Y 1 A ALA 38  ? A ALA 32  
8 1 Y 1 A VAL 39  ? A VAL 33  
9 1 Y 0 A LYS 227 ? A LYS 221 
# 
loop_
_chem_comp_atom.comp_id 
_chem_comp_atom.atom_id 
_chem_comp_atom.type_symbol 
_chem_comp_atom.pdbx_aromatic_flag 
_chem_comp_atom.pdbx_stereo_config 
_chem_comp_atom.pdbx_ordinal 
ALA N    N  N N 1   
ALA CA   C  N S 2   
ALA C    C  N N 3   
ALA O    O  N N 4   
ALA CB   C  N N 5   
ALA OXT  O  N N 6   
ALA H    H  N N 7   
ALA H2   H  N N 8   
ALA HA   H  N N 9   
ALA HB1  H  N N 10  
ALA HB2  H  N N 11  
ALA HB3  H  N N 12  
ALA HXT  H  N N 13  
ARG N    N  N N 14  
ARG CA   C  N S 15  
ARG C    C  N N 16  
ARG O    O  N N 17  
ARG CB   C  N N 18  
ARG CG   C  N N 19  
ARG CD   C  N N 20  
ARG NE   N  N N 21  
ARG CZ   C  N N 22  
ARG NH1  N  N N 23  
ARG NH2  N  N N 24  
ARG OXT  O  N N 25  
ARG H    H  N N 26  
ARG H2   H  N N 27  
ARG HA   H  N N 28  
ARG HB2  H  N N 29  
ARG HB3  H  N N 30  
ARG HG2  H  N N 31  
ARG HG3  H  N N 32  
ARG HD2  H  N N 33  
ARG HD3  H  N N 34  
ARG HE   H  N N 35  
ARG HH11 H  N N 36  
ARG HH12 H  N N 37  
ARG HH21 H  N N 38  
ARG HH22 H  N N 39  
ARG HXT  H  N N 40  
ASN N    N  N N 41  
ASN CA   C  N S 42  
ASN C    C  N N 43  
ASN O    O  N N 44  
ASN CB   C  N N 45  
ASN CG   C  N N 46  
ASN OD1  O  N N 47  
ASN ND2  N  N N 48  
ASN OXT  O  N N 49  
ASN H    H  N N 50  
ASN H2   H  N N 51  
ASN HA   H  N N 52  
ASN HB2  H  N N 53  
ASN HB3  H  N N 54  
ASN HD21 H  N N 55  
ASN HD22 H  N N 56  
ASN HXT  H  N N 57  
ASP N    N  N N 58  
ASP CA   C  N S 59  
ASP C    C  N N 60  
ASP O    O  N N 61  
ASP CB   C  N N 62  
ASP CG   C  N N 63  
ASP OD1  O  N N 64  
ASP OD2  O  N N 65  
ASP OXT  O  N N 66  
ASP H    H  N N 67  
ASP H2   H  N N 68  
ASP HA   H  N N 69  
ASP HB2  H  N N 70  
ASP HB3  H  N N 71  
ASP HD2  H  N N 72  
ASP HXT  H  N N 73  
CYS N    N  N N 74  
CYS CA   C  N R 75  
CYS C    C  N N 76  
CYS O    O  N N 77  
CYS CB   C  N N 78  
CYS SG   S  N N 79  
CYS OXT  O  N N 80  
CYS H    H  N N 81  
CYS H2   H  N N 82  
CYS HA   H  N N 83  
CYS HB2  H  N N 84  
CYS HB3  H  N N 85  
CYS HG   H  N N 86  
CYS HXT  H  N N 87  
GLN N    N  N N 88  
GLN CA   C  N S 89  
GLN C    C  N N 90  
GLN O    O  N N 91  
GLN CB   C  N N 92  
GLN CG   C  N N 93  
GLN CD   C  N N 94  
GLN OE1  O  N N 95  
GLN NE2  N  N N 96  
GLN OXT  O  N N 97  
GLN H    H  N N 98  
GLN H2   H  N N 99  
GLN HA   H  N N 100 
GLN HB2  H  N N 101 
GLN HB3  H  N N 102 
GLN HG2  H  N N 103 
GLN HG3  H  N N 104 
GLN HE21 H  N N 105 
GLN HE22 H  N N 106 
GLN HXT  H  N N 107 
GLU N    N  N N 108 
GLU CA   C  N S 109 
GLU C    C  N N 110 
GLU O    O  N N 111 
GLU CB   C  N N 112 
GLU CG   C  N N 113 
GLU CD   C  N N 114 
GLU OE1  O  N N 115 
GLU OE2  O  N N 116 
GLU OXT  O  N N 117 
GLU H    H  N N 118 
GLU H2   H  N N 119 
GLU HA   H  N N 120 
GLU HB2  H  N N 121 
GLU HB3  H  N N 122 
GLU HG2  H  N N 123 
GLU HG3  H  N N 124 
GLU HE2  H  N N 125 
GLU HXT  H  N N 126 
GLY N    N  N N 127 
GLY CA   C  N N 128 
GLY C    C  N N 129 
GLY O    O  N N 130 
GLY OXT  O  N N 131 
GLY H    H  N N 132 
GLY H2   H  N N 133 
GLY HA2  H  N N 134 
GLY HA3  H  N N 135 
GLY HXT  H  N N 136 
HIS N    N  N N 137 
HIS CA   C  N S 138 
HIS C    C  N N 139 
HIS O    O  N N 140 
HIS CB   C  N N 141 
HIS CG   C  Y N 142 
HIS ND1  N  Y N 143 
HIS CD2  C  Y N 144 
HIS CE1  C  Y N 145 
HIS NE2  N  Y N 146 
HIS OXT  O  N N 147 
HIS H    H  N N 148 
HIS H2   H  N N 149 
HIS HA   H  N N 150 
HIS HB2  H  N N 151 
HIS HB3  H  N N 152 
HIS HD1  H  N N 153 
HIS HD2  H  N N 154 
HIS HE1  H  N N 155 
HIS HE2  H  N N 156 
HIS HXT  H  N N 157 
HOH O    O  N N 158 
HOH H1   H  N N 159 
HOH H2   H  N N 160 
ILE N    N  N N 161 
ILE CA   C  N S 162 
ILE C    C  N N 163 
ILE O    O  N N 164 
ILE CB   C  N S 165 
ILE CG1  C  N N 166 
ILE CG2  C  N N 167 
ILE CD1  C  N N 168 
ILE OXT  O  N N 169 
ILE H    H  N N 170 
ILE H2   H  N N 171 
ILE HA   H  N N 172 
ILE HB   H  N N 173 
ILE HG12 H  N N 174 
ILE HG13 H  N N 175 
ILE HG21 H  N N 176 
ILE HG22 H  N N 177 
ILE HG23 H  N N 178 
ILE HD11 H  N N 179 
ILE HD12 H  N N 180 
ILE HD13 H  N N 181 
ILE HXT  H  N N 182 
LEU N    N  N N 183 
LEU CA   C  N S 184 
LEU C    C  N N 185 
LEU O    O  N N 186 
LEU CB   C  N N 187 
LEU CG   C  N N 188 
LEU CD1  C  N N 189 
LEU CD2  C  N N 190 
LEU OXT  O  N N 191 
LEU H    H  N N 192 
LEU H2   H  N N 193 
LEU HA   H  N N 194 
LEU HB2  H  N N 195 
LEU HB3  H  N N 196 
LEU HG   H  N N 197 
LEU HD11 H  N N 198 
LEU HD12 H  N N 199 
LEU HD13 H  N N 200 
LEU HD21 H  N N 201 
LEU HD22 H  N N 202 
LEU HD23 H  N N 203 
LEU HXT  H  N N 204 
LYS N    N  N N 205 
LYS CA   C  N S 206 
LYS C    C  N N 207 
LYS O    O  N N 208 
LYS CB   C  N N 209 
LYS CG   C  N N 210 
LYS CD   C  N N 211 
LYS CE   C  N N 212 
LYS NZ   N  N N 213 
LYS OXT  O  N N 214 
LYS H    H  N N 215 
LYS H2   H  N N 216 
LYS HA   H  N N 217 
LYS HB2  H  N N 218 
LYS HB3  H  N N 219 
LYS HG2  H  N N 220 
LYS HG3  H  N N 221 
LYS HD2  H  N N 222 
LYS HD3  H  N N 223 
LYS HE2  H  N N 224 
LYS HE3  H  N N 225 
LYS HZ1  H  N N 226 
LYS HZ2  H  N N 227 
LYS HZ3  H  N N 228 
LYS HXT  H  N N 229 
MET N    N  N N 230 
MET CA   C  N S 231 
MET C    C  N N 232 
MET O    O  N N 233 
MET CB   C  N N 234 
MET CG   C  N N 235 
MET SD   S  N N 236 
MET CE   C  N N 237 
MET OXT  O  N N 238 
MET H    H  N N 239 
MET H2   H  N N 240 
MET HA   H  N N 241 
MET HB2  H  N N 242 
MET HB3  H  N N 243 
MET HG2  H  N N 244 
MET HG3  H  N N 245 
MET HE1  H  N N 246 
MET HE2  H  N N 247 
MET HE3  H  N N 248 
MET HXT  H  N N 249 
PHE N    N  N N 250 
PHE CA   C  N S 251 
PHE C    C  N N 252 
PHE O    O  N N 253 
PHE CB   C  N N 254 
PHE CG   C  Y N 255 
PHE CD1  C  Y N 256 
PHE CD2  C  Y N 257 
PHE CE1  C  Y N 258 
PHE CE2  C  Y N 259 
PHE CZ   C  Y N 260 
PHE OXT  O  N N 261 
PHE H    H  N N 262 
PHE H2   H  N N 263 
PHE HA   H  N N 264 
PHE HB2  H  N N 265 
PHE HB3  H  N N 266 
PHE HD1  H  N N 267 
PHE HD2  H  N N 268 
PHE HE1  H  N N 269 
PHE HE2  H  N N 270 
PHE HZ   H  N N 271 
PHE HXT  H  N N 272 
PRO N    N  N N 273 
PRO CA   C  N S 274 
PRO C    C  N N 275 
PRO O    O  N N 276 
PRO CB   C  N N 277 
PRO CG   C  N N 278 
PRO CD   C  N N 279 
PRO OXT  O  N N 280 
PRO H    H  N N 281 
PRO HA   H  N N 282 
PRO HB2  H  N N 283 
PRO HB3  H  N N 284 
PRO HG2  H  N N 285 
PRO HG3  H  N N 286 
PRO HD2  H  N N 287 
PRO HD3  H  N N 288 
PRO HXT  H  N N 289 
SER N    N  N N 290 
SER CA   C  N S 291 
SER C    C  N N 292 
SER O    O  N N 293 
SER CB   C  N N 294 
SER OG   O  N N 295 
SER OXT  O  N N 296 
SER H    H  N N 297 
SER H2   H  N N 298 
SER HA   H  N N 299 
SER HB2  H  N N 300 
SER HB3  H  N N 301 
SER HG   H  N N 302 
SER HXT  H  N N 303 
THR N    N  N N 304 
THR CA   C  N S 305 
THR C    C  N N 306 
THR O    O  N N 307 
THR CB   C  N R 308 
THR OG1  O  N N 309 
THR CG2  C  N N 310 
THR OXT  O  N N 311 
THR H    H  N N 312 
THR H2   H  N N 313 
THR HA   H  N N 314 
THR HB   H  N N 315 
THR HG1  H  N N 316 
THR HG21 H  N N 317 
THR HG22 H  N N 318 
THR HG23 H  N N 319 
THR HXT  H  N N 320 
TRP N    N  N N 321 
TRP CA   C  N S 322 
TRP C    C  N N 323 
TRP O    O  N N 324 
TRP CB   C  N N 325 
TRP CG   C  Y N 326 
TRP CD1  C  Y N 327 
TRP CD2  C  Y N 328 
TRP NE1  N  Y N 329 
TRP CE2  C  Y N 330 
TRP CE3  C  Y N 331 
TRP CZ2  C  Y N 332 
TRP CZ3  C  Y N 333 
TRP CH2  C  Y N 334 
TRP OXT  O  N N 335 
TRP H    H  N N 336 
TRP H2   H  N N 337 
TRP HA   H  N N 338 
TRP HB2  H  N N 339 
TRP HB3  H  N N 340 
TRP HD1  H  N N 341 
TRP HE1  H  N N 342 
TRP HE3  H  N N 343 
TRP HZ2  H  N N 344 
TRP HZ3  H  N N 345 
TRP HH2  H  N N 346 
TRP HXT  H  N N 347 
TYR N    N  N N 348 
TYR CA   C  N S 349 
TYR C    C  N N 350 
TYR O    O  N N 351 
TYR CB   C  N N 352 
TYR CG   C  Y N 353 
TYR CD1  C  Y N 354 
TYR CD2  C  Y N 355 
TYR CE1  C  Y N 356 
TYR CE2  C  Y N 357 
TYR CZ   C  Y N 358 
TYR OH   O  N N 359 
TYR OXT  O  N N 360 
TYR H    H  N N 361 
TYR H2   H  N N 362 
TYR HA   H  N N 363 
TYR HB2  H  N N 364 
TYR HB3  H  N N 365 
TYR HD1  H  N N 366 
TYR HD2  H  N N 367 
TYR HE1  H  N N 368 
TYR HE2  H  N N 369 
TYR HH   H  N N 370 
TYR HXT  H  N N 371 
VAL N    N  N N 372 
VAL CA   C  N S 373 
VAL C    C  N N 374 
VAL O    O  N N 375 
VAL CB   C  N N 376 
VAL CG1  C  N N 377 
VAL CG2  C  N N 378 
VAL OXT  O  N N 379 
VAL H    H  N N 380 
VAL H2   H  N N 381 
VAL HA   H  N N 382 
VAL HB   H  N N 383 
VAL HG11 H  N N 384 
VAL HG12 H  N N 385 
VAL HG13 H  N N 386 
VAL HG21 H  N N 387 
VAL HG22 H  N N 388 
VAL HG23 H  N N 389 
VAL HXT  H  N N 390 
ZN  ZN   ZN N N 391 
# 
loop_
_chem_comp_bond.comp_id 
_chem_comp_bond.atom_id_1 
_chem_comp_bond.atom_id_2 
_chem_comp_bond.value_order 
_chem_comp_bond.pdbx_aromatic_flag 
_chem_comp_bond.pdbx_stereo_config 
_chem_comp_bond.pdbx_ordinal 
ALA N   CA   sing N N 1   
ALA N   H    sing N N 2   
ALA N   H2   sing N N 3   
ALA CA  C    sing N N 4   
ALA CA  CB   sing N N 5   
ALA CA  HA   sing N N 6   
ALA C   O    doub N N 7   
ALA C   OXT  sing N N 8   
ALA CB  HB1  sing N N 9   
ALA CB  HB2  sing N N 10  
ALA CB  HB3  sing N N 11  
ALA OXT HXT  sing N N 12  
ARG N   CA   sing N N 13  
ARG N   H    sing N N 14  
ARG N   H2   sing N N 15  
ARG CA  C    sing N N 16  
ARG CA  CB   sing N N 17  
ARG CA  HA   sing N N 18  
ARG C   O    doub N N 19  
ARG C   OXT  sing N N 20  
ARG CB  CG   sing N N 21  
ARG CB  HB2  sing N N 22  
ARG CB  HB3  sing N N 23  
ARG CG  CD   sing N N 24  
ARG CG  HG2  sing N N 25  
ARG CG  HG3  sing N N 26  
ARG CD  NE   sing N N 27  
ARG CD  HD2  sing N N 28  
ARG CD  HD3  sing N N 29  
ARG NE  CZ   sing N N 30  
ARG NE  HE   sing N N 31  
ARG CZ  NH1  sing N N 32  
ARG CZ  NH2  doub N N 33  
ARG NH1 HH11 sing N N 34  
ARG NH1 HH12 sing N N 35  
ARG NH2 HH21 sing N N 36  
ARG NH2 HH22 sing N N 37  
ARG OXT HXT  sing N N 38  
ASN N   CA   sing N N 39  
ASN N   H    sing N N 40  
ASN N   H2   sing N N 41  
ASN CA  C    sing N N 42  
ASN CA  CB   sing N N 43  
ASN CA  HA   sing N N 44  
ASN C   O    doub N N 45  
ASN C   OXT  sing N N 46  
ASN CB  CG   sing N N 47  
ASN CB  HB2  sing N N 48  
ASN CB  HB3  sing N N 49  
ASN CG  OD1  doub N N 50  
ASN CG  ND2  sing N N 51  
ASN ND2 HD21 sing N N 52  
ASN ND2 HD22 sing N N 53  
ASN OXT HXT  sing N N 54  
ASP N   CA   sing N N 55  
ASP N   H    sing N N 56  
ASP N   H2   sing N N 57  
ASP CA  C    sing N N 58  
ASP CA  CB   sing N N 59  
ASP CA  HA   sing N N 60  
ASP C   O    doub N N 61  
ASP C   OXT  sing N N 62  
ASP CB  CG   sing N N 63  
ASP CB  HB2  sing N N 64  
ASP CB  HB3  sing N N 65  
ASP CG  OD1  doub N N 66  
ASP CG  OD2  sing N N 67  
ASP OD2 HD2  sing N N 68  
ASP OXT HXT  sing N N 69  
CYS N   CA   sing N N 70  
CYS N   H    sing N N 71  
CYS N   H2   sing N N 72  
CYS CA  C    sing N N 73  
CYS CA  CB   sing N N 74  
CYS CA  HA   sing N N 75  
CYS C   O    doub N N 76  
CYS C   OXT  sing N N 77  
CYS CB  SG   sing N N 78  
CYS CB  HB2  sing N N 79  
CYS CB  HB3  sing N N 80  
CYS SG  HG   sing N N 81  
CYS OXT HXT  sing N N 82  
GLN N   CA   sing N N 83  
GLN N   H    sing N N 84  
GLN N   H2   sing N N 85  
GLN CA  C    sing N N 86  
GLN CA  CB   sing N N 87  
GLN CA  HA   sing N N 88  
GLN C   O    doub N N 89  
GLN C   OXT  sing N N 90  
GLN CB  CG   sing N N 91  
GLN CB  HB2  sing N N 92  
GLN CB  HB3  sing N N 93  
GLN CG  CD   sing N N 94  
GLN CG  HG2  sing N N 95  
GLN CG  HG3  sing N N 96  
GLN CD  OE1  doub N N 97  
GLN CD  NE2  sing N N 98  
GLN NE2 HE21 sing N N 99  
GLN NE2 HE22 sing N N 100 
GLN OXT HXT  sing N N 101 
GLU N   CA   sing N N 102 
GLU N   H    sing N N 103 
GLU N   H2   sing N N 104 
GLU CA  C    sing N N 105 
GLU CA  CB   sing N N 106 
GLU CA  HA   sing N N 107 
GLU C   O    doub N N 108 
GLU C   OXT  sing N N 109 
GLU CB  CG   sing N N 110 
GLU CB  HB2  sing N N 111 
GLU CB  HB3  sing N N 112 
GLU CG  CD   sing N N 113 
GLU CG  HG2  sing N N 114 
GLU CG  HG3  sing N N 115 
GLU CD  OE1  doub N N 116 
GLU CD  OE2  sing N N 117 
GLU OE2 HE2  sing N N 118 
GLU OXT HXT  sing N N 119 
GLY N   CA   sing N N 120 
GLY N   H    sing N N 121 
GLY N   H2   sing N N 122 
GLY CA  C    sing N N 123 
GLY CA  HA2  sing N N 124 
GLY CA  HA3  sing N N 125 
GLY C   O    doub N N 126 
GLY C   OXT  sing N N 127 
GLY OXT HXT  sing N N 128 
HIS N   CA   sing N N 129 
HIS N   H    sing N N 130 
HIS N   H2   sing N N 131 
HIS CA  C    sing N N 132 
HIS CA  CB   sing N N 133 
HIS CA  HA   sing N N 134 
HIS C   O    doub N N 135 
HIS C   OXT  sing N N 136 
HIS CB  CG   sing N N 137 
HIS CB  HB2  sing N N 138 
HIS CB  HB3  sing N N 139 
HIS CG  ND1  sing Y N 140 
HIS CG  CD2  doub Y N 141 
HIS ND1 CE1  doub Y N 142 
HIS ND1 HD1  sing N N 143 
HIS CD2 NE2  sing Y N 144 
HIS CD2 HD2  sing N N 145 
HIS CE1 NE2  sing Y N 146 
HIS CE1 HE1  sing N N 147 
HIS NE2 HE2  sing N N 148 
HIS OXT HXT  sing N N 149 
HOH O   H1   sing N N 150 
HOH O   H2   sing N N 151 
ILE N   CA   sing N N 152 
ILE N   H    sing N N 153 
ILE N   H2   sing N N 154 
ILE CA  C    sing N N 155 
ILE CA  CB   sing N N 156 
ILE CA  HA   sing N N 157 
ILE C   O    doub N N 158 
ILE C   OXT  sing N N 159 
ILE CB  CG1  sing N N 160 
ILE CB  CG2  sing N N 161 
ILE CB  HB   sing N N 162 
ILE CG1 CD1  sing N N 163 
ILE CG1 HG12 sing N N 164 
ILE CG1 HG13 sing N N 165 
ILE CG2 HG21 sing N N 166 
ILE CG2 HG22 sing N N 167 
ILE CG2 HG23 sing N N 168 
ILE CD1 HD11 sing N N 169 
ILE CD1 HD12 sing N N 170 
ILE CD1 HD13 sing N N 171 
ILE OXT HXT  sing N N 172 
LEU N   CA   sing N N 173 
LEU N   H    sing N N 174 
LEU N   H2   sing N N 175 
LEU CA  C    sing N N 176 
LEU CA  CB   sing N N 177 
LEU CA  HA   sing N N 178 
LEU C   O    doub N N 179 
LEU C   OXT  sing N N 180 
LEU CB  CG   sing N N 181 
LEU CB  HB2  sing N N 182 
LEU CB  HB3  sing N N 183 
LEU CG  CD1  sing N N 184 
LEU CG  CD2  sing N N 185 
LEU CG  HG   sing N N 186 
LEU CD1 HD11 sing N N 187 
LEU CD1 HD12 sing N N 188 
LEU CD1 HD13 sing N N 189 
LEU CD2 HD21 sing N N 190 
LEU CD2 HD22 sing N N 191 
LEU CD2 HD23 sing N N 192 
LEU OXT HXT  sing N N 193 
LYS N   CA   sing N N 194 
LYS N   H    sing N N 195 
LYS N   H2   sing N N 196 
LYS CA  C    sing N N 197 
LYS CA  CB   sing N N 198 
LYS CA  HA   sing N N 199 
LYS C   O    doub N N 200 
LYS C   OXT  sing N N 201 
LYS CB  CG   sing N N 202 
LYS CB  HB2  sing N N 203 
LYS CB  HB3  sing N N 204 
LYS CG  CD   sing N N 205 
LYS CG  HG2  sing N N 206 
LYS CG  HG3  sing N N 207 
LYS CD  CE   sing N N 208 
LYS CD  HD2  sing N N 209 
LYS CD  HD3  sing N N 210 
LYS CE  NZ   sing N N 211 
LYS CE  HE2  sing N N 212 
LYS CE  HE3  sing N N 213 
LYS NZ  HZ1  sing N N 214 
LYS NZ  HZ2  sing N N 215 
LYS NZ  HZ3  sing N N 216 
LYS OXT HXT  sing N N 217 
MET N   CA   sing N N 218 
MET N   H    sing N N 219 
MET N   H2   sing N N 220 
MET CA  C    sing N N 221 
MET CA  CB   sing N N 222 
MET CA  HA   sing N N 223 
MET C   O    doub N N 224 
MET C   OXT  sing N N 225 
MET CB  CG   sing N N 226 
MET CB  HB2  sing N N 227 
MET CB  HB3  sing N N 228 
MET CG  SD   sing N N 229 
MET CG  HG2  sing N N 230 
MET CG  HG3  sing N N 231 
MET SD  CE   sing N N 232 
MET CE  HE1  sing N N 233 
MET CE  HE2  sing N N 234 
MET CE  HE3  sing N N 235 
MET OXT HXT  sing N N 236 
PHE N   CA   sing N N 237 
PHE N   H    sing N N 238 
PHE N   H2   sing N N 239 
PHE CA  C    sing N N 240 
PHE CA  CB   sing N N 241 
PHE CA  HA   sing N N 242 
PHE C   O    doub N N 243 
PHE C   OXT  sing N N 244 
PHE CB  CG   sing N N 245 
PHE CB  HB2  sing N N 246 
PHE CB  HB3  sing N N 247 
PHE CG  CD1  doub Y N 248 
PHE CG  CD2  sing Y N 249 
PHE CD1 CE1  sing Y N 250 
PHE CD1 HD1  sing N N 251 
PHE CD2 CE2  doub Y N 252 
PHE CD2 HD2  sing N N 253 
PHE CE1 CZ   doub Y N 254 
PHE CE1 HE1  sing N N 255 
PHE CE2 CZ   sing Y N 256 
PHE CE2 HE2  sing N N 257 
PHE CZ  HZ   sing N N 258 
PHE OXT HXT  sing N N 259 
PRO N   CA   sing N N 260 
PRO N   CD   sing N N 261 
PRO N   H    sing N N 262 
PRO CA  C    sing N N 263 
PRO CA  CB   sing N N 264 
PRO CA  HA   sing N N 265 
PRO C   O    doub N N 266 
PRO C   OXT  sing N N 267 
PRO CB  CG   sing N N 268 
PRO CB  HB2  sing N N 269 
PRO CB  HB3  sing N N 270 
PRO CG  CD   sing N N 271 
PRO CG  HG2  sing N N 272 
PRO CG  HG3  sing N N 273 
PRO CD  HD2  sing N N 274 
PRO CD  HD3  sing N N 275 
PRO OXT HXT  sing N N 276 
SER N   CA   sing N N 277 
SER N   H    sing N N 278 
SER N   H2   sing N N 279 
SER CA  C    sing N N 280 
SER CA  CB   sing N N 281 
SER CA  HA   sing N N 282 
SER C   O    doub N N 283 
SER C   OXT  sing N N 284 
SER CB  OG   sing N N 285 
SER CB  HB2  sing N N 286 
SER CB  HB3  sing N N 287 
SER OG  HG   sing N N 288 
SER OXT HXT  sing N N 289 
THR N   CA   sing N N 290 
THR N   H    sing N N 291 
THR N   H2   sing N N 292 
THR CA  C    sing N N 293 
THR CA  CB   sing N N 294 
THR CA  HA   sing N N 295 
THR C   O    doub N N 296 
THR C   OXT  sing N N 297 
THR CB  OG1  sing N N 298 
THR CB  CG2  sing N N 299 
THR CB  HB   sing N N 300 
THR OG1 HG1  sing N N 301 
THR CG2 HG21 sing N N 302 
THR CG2 HG22 sing N N 303 
THR CG2 HG23 sing N N 304 
THR OXT HXT  sing N N 305 
TRP N   CA   sing N N 306 
TRP N   H    sing N N 307 
TRP N   H2   sing N N 308 
TRP CA  C    sing N N 309 
TRP CA  CB   sing N N 310 
TRP CA  HA   sing N N 311 
TRP C   O    doub N N 312 
TRP C   OXT  sing N N 313 
TRP CB  CG   sing N N 314 
TRP CB  HB2  sing N N 315 
TRP CB  HB3  sing N N 316 
TRP CG  CD1  doub Y N 317 
TRP CG  CD2  sing Y N 318 
TRP CD1 NE1  sing Y N 319 
TRP CD1 HD1  sing N N 320 
TRP CD2 CE2  doub Y N 321 
TRP CD2 CE3  sing Y N 322 
TRP NE1 CE2  sing Y N 323 
TRP NE1 HE1  sing N N 324 
TRP CE2 CZ2  sing Y N 325 
TRP CE3 CZ3  doub Y N 326 
TRP CE3 HE3  sing N N 327 
TRP CZ2 CH2  doub Y N 328 
TRP CZ2 HZ2  sing N N 329 
TRP CZ3 CH2  sing Y N 330 
TRP CZ3 HZ3  sing N N 331 
TRP CH2 HH2  sing N N 332 
TRP OXT HXT  sing N N 333 
TYR N   CA   sing N N 334 
TYR N   H    sing N N 335 
TYR N   H2   sing N N 336 
TYR CA  C    sing N N 337 
TYR CA  CB   sing N N 338 
TYR CA  HA   sing N N 339 
TYR C   O    doub N N 340 
TYR C   OXT  sing N N 341 
TYR CB  CG   sing N N 342 
TYR CB  HB2  sing N N 343 
TYR CB  HB3  sing N N 344 
TYR CG  CD1  doub Y N 345 
TYR CG  CD2  sing Y N 346 
TYR CD1 CE1  sing Y N 347 
TYR CD1 HD1  sing N N 348 
TYR CD2 CE2  doub Y N 349 
TYR CD2 HD2  sing N N 350 
TYR CE1 CZ   doub Y N 351 
TYR CE1 HE1  sing N N 352 
TYR CE2 CZ   sing Y N 353 
TYR CE2 HE2  sing N N 354 
TYR CZ  OH   sing N N 355 
TYR OH  HH   sing N N 356 
TYR OXT HXT  sing N N 357 
VAL N   CA   sing N N 358 
VAL N   H    sing N N 359 
VAL N   H2   sing N N 360 
VAL CA  C    sing N N 361 
VAL CA  CB   sing N N 362 
VAL CA  HA   sing N N 363 
VAL C   O    doub N N 364 
VAL C   OXT  sing N N 365 
VAL CB  CG1  sing N N 366 
VAL CB  CG2  sing N N 367 
VAL CB  HB   sing N N 368 
VAL CG1 HG11 sing N N 369 
VAL CG1 HG12 sing N N 370 
VAL CG1 HG13 sing N N 371 
VAL CG2 HG21 sing N N 372 
VAL CG2 HG22 sing N N 373 
VAL CG2 HG23 sing N N 374 
VAL OXT HXT  sing N N 375 
# 
_atom_sites.entry_id                    1BMC 
_atom_sites.fract_transf_matrix[1][1]   -0.00421646 
_atom_sites.fract_transf_matrix[1][2]   -0.00380184 
_atom_sites.fract_transf_matrix[1][3]   0.01774299 
_atom_sites.fract_transf_matrix[2][1]   -0.00268273 
_atom_sites.fract_transf_matrix[2][2]   0.01567495 
_atom_sites.fract_transf_matrix[2][3]   0.00272119 
_atom_sites.fract_transf_matrix[3][1]   -0.01392384 
_atom_sites.fract_transf_matrix[3][2]   -0.00190478 
_atom_sites.fract_transf_matrix[3][3]   -0.00275491 
_atom_sites.fract_transf_vector[1]      0.314777 
_atom_sites.fract_transf_vector[2]      0.389757 
_atom_sites.fract_transf_vector[3]      0.739770 
# 
loop_
_atom_type.symbol 
C  
N  
O  
S  
ZN 
# 
loop_
_atom_site.group_PDB 
_atom_site.id 
_atom_site.type_symbol 
_atom_site.label_atom_id 
_atom_site.label_alt_id 
_atom_site.label_comp_id 
_atom_site.label_asym_id 
_atom_site.label_entity_id 
_atom_site.label_seq_id 
_atom_site.pdbx_PDB_ins_code 
_atom_site.Cartn_x 
_atom_site.Cartn_y 
_atom_site.Cartn_z 
_atom_site.occupancy 
_atom_site.B_iso_or_equiv 
_atom_site.pdbx_formal_charge 
_atom_site.auth_seq_id 
_atom_site.auth_comp_id 
_atom_site.auth_asym_id 
_atom_site.auth_atom_id 
_atom_site.pdbx_PDB_model_num 
ATOM   1    N  N   . THR A 1 1   ? -10.192 2.259   -16.686 1.00 32.17 ? 7   THR A N   1 
ATOM   2    C  CA  . THR A 1 1   ? -11.156 3.366   -16.416 1.00 32.17 ? 7   THR A CA  1 
ATOM   3    C  C   . THR A 1 1   ? -10.601 4.280   -15.336 1.00 32.17 ? 7   THR A C   1 
ATOM   4    O  O   . THR A 1 1   ? -9.752  3.857   -14.559 1.00 59.86 ? 7   THR A O   1 
ATOM   5    C  CB  . THR A 1 1   ? -12.515 2.799   -15.974 1.00 59.86 ? 7   THR A CB  1 
ATOM   6    O  OG1 . THR A 1 1   ? -12.881 1.721   -16.851 1.00 59.86 ? 7   THR A OG1 1 
ATOM   7    C  CG2 . THR A 1 1   ? -13.591 3.878   -16.023 1.00 59.86 ? 7   THR A CG2 1 
ATOM   8    N  N   . VAL A 1 2   ? -11.100 5.514   -15.276 1.00 27.15 ? 8   VAL A N   1 
ATOM   9    C  CA  . VAL A 1 2   ? -10.644 6.512   -14.318 1.00 27.15 ? 8   VAL A CA  1 
ATOM   10   C  C   . VAL A 1 2   ? -11.820 7.323   -13.755 1.00 27.15 ? 8   VAL A C   1 
ATOM   11   O  O   . VAL A 1 2   ? -12.447 8.109   -14.490 1.00 34.81 ? 8   VAL A O   1 
ATOM   12   C  CB  . VAL A 1 2   ? -9.626  7.488   -14.980 1.00 34.81 ? 8   VAL A CB  1 
ATOM   13   C  CG1 . VAL A 1 2   ? -9.221  8.623   -14.016 1.00 34.81 ? 8   VAL A CG1 1 
ATOM   14   C  CG2 . VAL A 1 2   ? -8.397  6.716   -15.450 1.00 34.81 ? 8   VAL A CG2 1 
ATOM   15   N  N   . ILE A 1 3   ? -12.083 7.159   -12.453 1.00 38.52 ? 9   ILE A N   1 
ATOM   16   C  CA  . ILE A 1 3   ? -13.172 7.853   -11.761 1.00 38.52 ? 9   ILE A CA  1 
ATOM   17   C  C   . ILE A 1 3   ? -12.675 8.678   -10.576 1.00 38.52 ? 9   ILE A C   1 
ATOM   18   O  O   . ILE A 1 3   ? -11.971 8.158   -9.713  1.00 28.31 ? 9   ILE A O   1 
ATOM   19   C  CB  . ILE A 1 3   ? -14.221 6.873   -11.196 1.00 28.31 ? 9   ILE A CB  1 
ATOM   20   C  CG1 . ILE A 1 3   ? -14.776 5.980   -12.296 1.00 28.31 ? 9   ILE A CG1 1 
ATOM   21   C  CG2 . ILE A 1 3   ? -15.352 7.663   -10.509 1.00 28.31 ? 9   ILE A CG2 1 
ATOM   22   C  CD1 . ILE A 1 3   ? -13.902 4.862   -12.677 1.00 28.31 ? 9   ILE A CD1 1 
ATOM   23   N  N   . LYS A 1 4   ? -13.174 9.910   -10.471 1.00 25.50 ? 10  LYS A N   1 
ATOM   24   C  CA  . LYS A 1 4   ? -12.786 10.843  -9.408  1.00 25.50 ? 10  LYS A CA  1 
ATOM   25   C  C   . LYS A 1 4   ? -13.934 11.487  -8.591  1.00 25.50 ? 10  LYS A C   1 
ATOM   26   O  O   . LYS A 1 4   ? -15.056 11.610  -9.071  1.00 37.42 ? 10  LYS A O   1 
ATOM   27   C  CB  . LYS A 1 4   ? -12.010 11.985  -10.037 1.00 37.42 ? 10  LYS A CB  1 
ATOM   28   C  CG  . LYS A 1 4   ? -11.093 11.611  -11.168 1.00 37.42 ? 10  LYS A CG  1 
ATOM   29   C  CD  . LYS A 1 4   ? -10.744 12.852  -11.915 1.00 37.42 ? 10  LYS A CD  1 
ATOM   30   C  CE  . LYS A 1 4   ? -10.232 13.976  -10.987 1.00 37.42 ? 10  LYS A CE  1 
ATOM   31   N  NZ  . LYS A 1 4   ? -11.246 14.696  -10.141 1.00 37.42 ? 10  LYS A NZ  1 
ATOM   32   N  N   . ASN A 1 5   ? -13.630 11.880  -7.354  1.00 39.26 ? 11  ASN A N   1 
ATOM   33   C  CA  . ASN A 1 5   ? -14.592 12.557  -6.478  1.00 39.26 ? 11  ASN A CA  1 
ATOM   34   C  C   . ASN A 1 5   ? -14.733 13.997  -7.065  1.00 39.26 ? 11  ASN A C   1 
ATOM   35   O  O   . ASN A 1 5   ? -15.085 14.148  -8.248  1.00 40.56 ? 11  ASN A O   1 
ATOM   36   C  CB  . ASN A 1 5   ? -14.059 12.602  -5.036  1.00 40.56 ? 11  ASN A CB  1 
ATOM   37   C  CG  . ASN A 1 5   ? -12.819 13.490  -4.884  1.00 40.56 ? 11  ASN A CG  1 
ATOM   38   O  OD1 . ASN A 1 5   ? -12.126 13.777  -5.871  1.00 40.56 ? 11  ASN A OD1 1 
ATOM   39   N  ND2 . ASN A 1 5   ? -12.569 13.966  -3.671  1.00 40.56 ? 11  ASN A ND2 1 
ATOM   40   N  N   . GLU A 1 6   ? -14.475 15.041  -6.265  1.00 51.67 ? 12  GLU A N   1 
ATOM   41   C  CA  . GLU A 1 6   ? -14.527 16.427  -6.738  1.00 51.67 ? 12  GLU A CA  1 
ATOM   42   C  C   . GLU A 1 6   ? -13.591 17.265  -5.855  1.00 51.67 ? 12  GLU A C   1 
ATOM   43   O  O   . GLU A 1 6   ? -13.894 17.474  -4.671  1.00 65.52 ? 12  GLU A O   1 
ATOM   44   C  CB  . GLU A 1 6   ? -15.940 17.017  -6.620  1.00 65.52 ? 12  GLU A CB  1 
ATOM   45   C  CG  . GLU A 1 6   ? -17.103 16.057  -6.861  1.00 65.52 ? 12  GLU A CG  1 
ATOM   46   C  CD  . GLU A 1 6   ? -17.603 15.390  -5.578  1.00 65.52 ? 12  GLU A CD  1 
ATOM   47   O  OE1 . GLU A 1 6   ? -17.952 16.117  -4.611  1.00 65.52 ? 12  GLU A OE1 1 
ATOM   48   O  OE2 . GLU A 1 6   ? -17.617 14.134  -5.538  1.00 65.52 ? 12  GLU A OE2 1 
ATOM   49   N  N   . THR A 1 7   ? -12.464 17.714  -6.431  1.00 63.82 ? 13  THR A N   1 
ATOM   50   C  CA  . THR A 1 7   ? -11.445 18.545  -5.755  1.00 63.82 ? 13  THR A CA  1 
ATOM   51   C  C   . THR A 1 7   ? -10.831 17.820  -4.545  1.00 63.82 ? 13  THR A C   1 
ATOM   52   O  O   . THR A 1 7   ? -11.555 17.166  -3.777  1.00 76.53 ? 13  THR A O   1 
ATOM   53   C  CB  . THR A 1 7   ? -11.985 19.973  -5.389  1.00 76.53 ? 13  THR A CB  1 
ATOM   54   O  OG1 . THR A 1 7   ? -11.042 20.968  -5.827  1.00 76.53 ? 13  THR A OG1 1 
ATOM   55   C  CG2 . THR A 1 7   ? -12.262 20.129  -3.870  1.00 76.53 ? 13  THR A CG2 1 
ATOM   56   N  N   . GLY A 1 8   ? -9.512  17.983  -4.344  1.00 45.81 ? 14  GLY A N   1 
ATOM   57   C  CA  . GLY A 1 8   ? -8.838  17.244  -3.280  1.00 45.81 ? 14  GLY A CA  1 
ATOM   58   C  C   . GLY A 1 8   ? -9.192  15.852  -3.759  1.00 45.81 ? 14  GLY A C   1 
ATOM   59   O  O   . GLY A 1 8   ? -9.770  15.025  -3.052  1.00 25.90 ? 14  GLY A O   1 
ATOM   60   N  N   . THR A 1 9   ? -9.007  15.693  -5.060  1.00 40.21 ? 15  THR A N   1 
ATOM   61   C  CA  . THR A 1 9   ? -9.373  14.482  -5.722  1.00 40.21 ? 15  THR A CA  1 
ATOM   62   C  C   . THR A 1 9   ? -8.933  13.183  -5.094  1.00 40.21 ? 15  THR A C   1 
ATOM   63   O  O   . THR A 1 9   ? -7.999  13.111  -4.284  1.00 33.11 ? 15  THR A O   1 
ATOM   64   C  CB  . THR A 1 9   ? -9.019  14.483  -7.240  1.00 33.11 ? 15  THR A CB  1 
ATOM   65   O  OG1 . THR A 1 9   ? -7.620  14.210  -7.426  1.00 33.11 ? 15  THR A OG1 1 
ATOM   66   C  CG2 . THR A 1 9   ? -9.385  15.818  -7.886  1.00 33.11 ? 15  THR A CG2 1 
ATOM   67   N  N   . ILE A 1 10  ? -9.763  12.205  -5.409  1.00 25.66 ? 16  ILE A N   1 
ATOM   68   C  CA  . ILE A 1 10  ? -9.628  10.824  -5.050  1.00 25.66 ? 16  ILE A CA  1 
ATOM   69   C  C   . ILE A 1 10  ? -9.922  10.311  -6.439  1.00 25.66 ? 16  ILE A C   1 
ATOM   70   O  O   . ILE A 1 10  ? -10.790 10.862  -7.128  1.00 14.89 ? 16  ILE A O   1 
ATOM   71   C  CB  . ILE A 1 10  ? -10.731 10.366  -4.114  1.00 14.89 ? 16  ILE A CB  1 
ATOM   72   C  CG1 . ILE A 1 10  ? -10.513 10.954  -2.720  1.00 14.89 ? 16  ILE A CG1 1 
ATOM   73   C  CG2 . ILE A 1 10  ? -10.726 8.855   -4.029  1.00 14.89 ? 16  ILE A CG2 1 
ATOM   74   C  CD1 . ILE A 1 10  ? -11.421 10.395  -1.690  1.00 14.89 ? 16  ILE A CD1 1 
ATOM   75   N  N   . SER A 1 11  ? -9.196  9.293   -6.879  1.00 35.06 ? 17  SER A N   1 
ATOM   76   C  CA  . SER A 1 11  ? -9.415  8.773   -8.212  1.00 35.06 ? 17  SER A CA  1 
ATOM   77   C  C   . SER A 1 11  ? -9.106  7.298   -8.252  1.00 35.06 ? 17  SER A C   1 
ATOM   78   O  O   . SER A 1 11  ? -8.153  6.850   -7.623  1.00 43.26 ? 17  SER A O   1 
ATOM   79   C  CB  . SER A 1 11  ? -8.516  9.515   -9.200  1.00 43.26 ? 17  SER A CB  1 
ATOM   80   O  OG  . SER A 1 11  ? -8.324  10.849  -8.769  1.00 43.26 ? 17  SER A OG  1 
ATOM   81   N  N   . ILE A 1 12  ? -9.935  6.546   -8.959  1.00 18.40 ? 18  ILE A N   1 
ATOM   82   C  CA  . ILE A 1 12  ? -9.714  5.132   -9.115  1.00 18.40 ? 18  ILE A CA  1 
ATOM   83   C  C   . ILE A 1 12  ? -9.479  4.909   -10.596 1.00 18.40 ? 18  ILE A C   1 
ATOM   84   O  O   . ILE A 1 12  ? -10.306 5.260   -11.440 1.00 51.27 ? 18  ILE A O   1 
ATOM   85   C  CB  . ILE A 1 12  ? -10.921 4.273   -8.625  1.00 51.27 ? 18  ILE A CB  1 
ATOM   86   C  CG1 . ILE A 1 12  ? -12.225 4.685   -9.338  1.00 51.27 ? 18  ILE A CG1 1 
ATOM   87   C  CG2 . ILE A 1 12  ? -11.063 4.375   -7.113  1.00 51.27 ? 18  ILE A CG2 1 
ATOM   88   C  CD1 . ILE A 1 12  ? -13.429 3.784   -9.032  1.00 51.27 ? 18  ILE A CD1 1 
ATOM   89   N  N   . SER A 1 13  ? -8.281  4.454   -10.900 1.00 15.01 ? 19  SER A N   1 
ATOM   90   C  CA  . SER A 1 13  ? -7.875  4.132   -12.259 1.00 15.01 ? 19  SER A CA  1 
ATOM   91   C  C   . SER A 1 13  ? -8.010  2.622   -12.208 1.00 15.01 ? 19  SER A C   1 
ATOM   92   O  O   . SER A 1 13  ? -7.964  2.036   -11.133 1.00 24.44 ? 19  SER A O   1 
ATOM   93   C  CB  . SER A 1 13  ? -6.406  4.491   -12.475 1.00 24.44 ? 19  SER A CB  1 
ATOM   94   O  OG  . SER A 1 13  ? -6.066  5.641   -11.727 1.00 24.44 ? 19  SER A OG  1 
ATOM   95   N  N   . GLN A 1 14  ? -8.029  1.982   -13.356 1.00 16.22 ? 20  GLN A N   1 
ATOM   96   C  CA  . GLN A 1 14  ? -8.176  0.557   -13.352 1.00 16.22 ? 20  GLN A CA  1 
ATOM   97   C  C   . GLN A 1 14  ? -7.003  -0.213  -13.965 1.00 16.22 ? 20  GLN A C   1 
ATOM   98   O  O   . GLN A 1 14  ? -6.407  0.235   -14.968 1.00 37.83 ? 20  GLN A O   1 
ATOM   99   C  CB  . GLN A 1 14  ? -9.450  0.205   -14.094 1.00 37.83 ? 20  GLN A CB  1 
ATOM   100  C  CG  . GLN A 1 14  ? -9.851  -1.243  -13.952 1.00 37.83 ? 20  GLN A CG  1 
ATOM   101  C  CD  . GLN A 1 14  ? -10.862 -1.649  -14.985 1.00 37.83 ? 20  GLN A CD  1 
ATOM   102  O  OE1 . GLN A 1 14  ? -10.934 -1.068  -16.084 1.00 37.83 ? 20  GLN A OE1 1 
ATOM   103  N  NE2 . GLN A 1 14  ? -11.666 -2.646  -14.647 1.00 37.83 ? 20  GLN A NE2 1 
ATOM   104  N  N   . LEU A 1 15  ? -6.621  -1.297  -13.285 1.00 32.10 ? 21  LEU A N   1 
ATOM   105  C  CA  . LEU A 1 15  ? -5.610  -2.225  -13.777 1.00 32.10 ? 21  LEU A CA  1 
ATOM   106  C  C   . LEU A 1 15  ? -6.582  -3.322  -14.227 1.00 32.10 ? 21  LEU A C   1 
ATOM   107  O  O   . LEU A 1 15  ? -7.722  -3.011  -14.611 1.00 38.04 ? 21  LEU A O   1 
ATOM   108  C  CB  . LEU A 1 15  ? -4.702  -2.747  -12.661 1.00 38.04 ? 21  LEU A CB  1 
ATOM   109  C  CG  . LEU A 1 15  ? -3.921  -1.764  -11.785 1.00 38.04 ? 21  LEU A CG  1 
ATOM   110  C  CD1 . LEU A 1 15  ? -2.953  -2.551  -10.921 1.00 38.04 ? 21  LEU A CD1 1 
ATOM   111  C  CD2 . LEU A 1 15  ? -3.175  -0.740  -12.614 1.00 38.04 ? 21  LEU A CD2 1 
ATOM   112  N  N   . ASN A 1 16  ? -6.210  -4.594  -14.140 1.00 35.18 ? 22  ASN A N   1 
ATOM   113  C  CA  . ASN A 1 16  ? -7.161  -5.622  -14.565 1.00 35.18 ? 22  ASN A CA  1 
ATOM   114  C  C   . ASN A 1 16  ? -8.502  -5.474  -13.840 1.00 35.18 ? 22  ASN A C   1 
ATOM   115  O  O   . ASN A 1 16  ? -8.682  -4.591  -12.995 1.00 41.10 ? 22  ASN A O   1 
ATOM   116  C  CB  . ASN A 1 16  ? -6.588  -7.028  -14.354 1.00 41.10 ? 22  ASN A CB  1 
ATOM   117  C  CG  . ASN A 1 16  ? -5.938  -7.196  -12.997 1.00 41.10 ? 22  ASN A CG  1 
ATOM   118  O  OD1 . ASN A 1 16  ? -4.713  -7.347  -12.896 1.00 41.10 ? 22  ASN A OD1 1 
ATOM   119  N  ND2 . ASN A 1 16  ? -6.743  -7.126  -11.943 1.00 41.10 ? 22  ASN A ND2 1 
ATOM   120  N  N   . LYS A 1 17  ? -9.492  -6.263  -14.231 1.00 54.88 ? 23  LYS A N   1 
ATOM   121  C  CA  . LYS A 1 17  ? -10.741 -6.168  -13.508 1.00 54.88 ? 23  LYS A CA  1 
ATOM   122  C  C   . LYS A 1 17  ? -10.366 -6.652  -12.119 1.00 54.88 ? 23  LYS A C   1 
ATOM   123  O  O   . LYS A 1 17  ? -9.328  -7.294  -11.940 1.00 49.63 ? 23  LYS A O   1 
ATOM   124  C  CB  . LYS A 1 17  ? -11.811 -7.081  -14.090 1.00 49.63 ? 23  LYS A CB  1 
ATOM   125  C  CG  . LYS A 1 17  ? -13.083 -7.033  -13.263 1.00 49.63 ? 23  LYS A CG  1 
ATOM   126  C  CD  . LYS A 1 17  ? -13.378 -5.581  -12.868 1.00 49.63 ? 23  LYS A CD  1 
ATOM   127  C  CE  . LYS A 1 17  ? -14.227 -5.480  -11.598 1.00 49.63 ? 23  LYS A CE  1 
ATOM   128  N  NZ  . LYS A 1 17  ? -14.216 -4.081  -11.071 1.00 49.63 ? 23  LYS A NZ  1 
ATOM   129  N  N   . ASN A 1 18  ? -11.144 -6.254  -11.126 1.00 29.69 ? 24  ASN A N   1 
ATOM   130  C  CA  . ASN A 1 18  ? -10.912 -6.652  -9.741  1.00 29.69 ? 24  ASN A CA  1 
ATOM   131  C  C   . ASN A 1 18  ? -9.771  -5.867  -9.106  1.00 29.69 ? 24  ASN A C   1 
ATOM   132  O  O   . ASN A 1 18  ? -9.738  -5.710  -7.891  1.00 27.03 ? 24  ASN A O   1 
ATOM   133  C  CB  . ASN A 1 18  ? -10.669 -8.166  -9.605  1.00 27.03 ? 24  ASN A CB  1 
ATOM   134  C  CG  . ASN A 1 18  ? -11.873 -8.989  -9.981  1.00 27.03 ? 24  ASN A CG  1 
ATOM   135  O  OD1 . ASN A 1 18  ? -12.848 -8.466  -10.507 1.00 27.03 ? 24  ASN A OD1 1 
ATOM   136  N  ND2 . ASN A 1 18  ? -11.813 -10.286 -9.720  1.00 27.03 ? 24  ASN A ND2 1 
ATOM   137  N  N   . VAL A 1 19  ? -8.851  -5.344  -9.919  1.00 23.39 ? 25  VAL A N   1 
ATOM   138  C  CA  . VAL A 1 19  ? -7.731  -4.578  -9.379  1.00 23.39 ? 25  VAL A CA  1 
ATOM   139  C  C   . VAL A 1 19  ? -7.690  -3.151  -9.899  1.00 23.39 ? 25  VAL A C   1 
ATOM   140  O  O   . VAL A 1 19  ? -7.427  -2.893  -11.060 1.00 18.69 ? 25  VAL A O   1 
ATOM   141  C  CB  . VAL A 1 19  ? -6.366  -5.308  -9.588  1.00 18.69 ? 25  VAL A CB  1 
ATOM   142  C  CG1 . VAL A 1 19  ? -5.195  -4.376  -9.246  1.00 18.69 ? 25  VAL A CG1 1 
ATOM   143  C  CG2 . VAL A 1 19  ? -6.318  -6.586  -8.722  1.00 18.69 ? 25  VAL A CG2 1 
ATOM   144  N  N   . TRP A 1 20  ? -7.999  -2.229  -9.005  1.00 13.94 ? 26  TRP A N   1 
ATOM   145  C  CA  . TRP A 1 20  ? -8.009  -0.802  -9.277  1.00 13.94 ? 26  TRP A CA  1 
ATOM   146  C  C   . TRP A 1 20  ? -6.980  -0.126  -8.375  1.00 13.94 ? 26  TRP A C   1 
ATOM   147  O  O   . TRP A 1 20  ? -6.568  -0.680  -7.368  1.00 26.65 ? 26  TRP A O   1 
ATOM   148  C  CB  . TRP A 1 20  ? -9.399  -0.208  -8.957  1.00 26.65 ? 26  TRP A CB  1 
ATOM   149  C  CG  . TRP A 1 20  ? -10.473 -0.516  -9.975  1.00 26.65 ? 26  TRP A CG  1 
ATOM   150  C  CD1 . TRP A 1 20  ? -10.967 -1.749  -10.318 1.00 26.65 ? 26  TRP A CD1 1 
ATOM   151  C  CD2 . TRP A 1 20  ? -11.171 0.433   -10.793 1.00 26.65 ? 26  TRP A CD2 1 
ATOM   152  N  NE1 . TRP A 1 20  ? -11.917 -1.617  -11.303 1.00 26.65 ? 26  TRP A NE1 1 
ATOM   153  C  CE2 . TRP A 1 20  ? -12.058 -0.282  -11.611 1.00 26.65 ? 26  TRP A CE2 1 
ATOM   154  C  CE3 . TRP A 1 20  ? -11.116 1.830   -10.915 1.00 26.65 ? 26  TRP A CE3 1 
ATOM   155  C  CZ2 . TRP A 1 20  ? -12.902 0.337   -12.537 1.00 26.65 ? 26  TRP A CZ2 1 
ATOM   156  C  CZ3 . TRP A 1 20  ? -11.950 2.456   -11.834 1.00 26.65 ? 26  TRP A CZ3 1 
ATOM   157  C  CH2 . TRP A 1 20  ? -12.828 1.709   -12.634 1.00 26.65 ? 26  TRP A CH2 1 
ATOM   158  N  N   . VAL A 1 21  ? -6.640  1.110   -8.690  1.00 17.96 ? 27  VAL A N   1 
ATOM   159  C  CA  . VAL A 1 21  ? -5.688  1.847   -7.882  1.00 17.96 ? 27  VAL A CA  1 
ATOM   160  C  C   . VAL A 1 21  ? -6.382  3.048   -7.260  1.00 17.96 ? 27  VAL A C   1 
ATOM   161  O  O   . VAL A 1 21  ? -7.176  3.718   -7.930  1.00 25.20 ? 27  VAL A O   1 
ATOM   162  C  CB  . VAL A 1 21  ? -4.522  2.366   -8.761  1.00 25.20 ? 27  VAL A CB  1 
ATOM   163  C  CG1 . VAL A 1 21  ? -3.517  3.145   -7.934  1.00 25.20 ? 27  VAL A CG1 1 
ATOM   164  C  CG2 . VAL A 1 21  ? -3.863  1.208   -9.476  1.00 25.20 ? 27  VAL A CG2 1 
ATOM   165  N  N   . HIS A 1 22  ? -6.127  3.317   -5.984  1.00 10.92 ? 28  HIS A N   1 
ATOM   166  C  CA  . HIS A 1 22  ? -6.730  4.495   -5.382  1.00 10.92 ? 28  HIS A CA  1 
ATOM   167  C  C   . HIS A 1 22  ? -5.623  5.479   -5.069  1.00 10.92 ? 28  HIS A C   1 
ATOM   168  O  O   . HIS A 1 22  ? -4.584  5.093   -4.548  1.00 13.79 ? 28  HIS A O   1 
ATOM   169  C  CB  . HIS A 1 22  ? -7.588  4.175   -4.121  1.00 13.79 ? 28  HIS A CB  1 
ATOM   170  C  CG  . HIS A 1 22  ? -6.818  3.839   -2.867  1.00 13.79 ? 28  HIS A CG  1 
ATOM   171  N  ND1 . HIS A 1 22  ? -6.301  4.804   -2.021  1.00 13.79 ? 28  HIS A ND1 1 
ATOM   172  C  CD2 . HIS A 1 22  ? -6.602  2.649   -2.240  1.00 13.79 ? 28  HIS A CD2 1 
ATOM   173  C  CE1 . HIS A 1 22  ? -5.819  4.233   -0.935  1.00 13.79 ? 28  HIS A CE1 1 
ATOM   174  N  NE2 . HIS A 1 22  ? -5.983  2.926   -1.043  1.00 13.79 ? 28  HIS A NE2 1 
ATOM   175  N  N   . THR A 1 23  ? -5.765  6.726   -5.481  1.00 19.40 ? 29  THR A N   1 
ATOM   176  C  CA  . THR A 1 23  ? -4.727  7.666   -5.145  1.00 19.40 ? 29  THR A CA  1 
ATOM   177  C  C   . THR A 1 23  ? -5.435  8.898   -4.665  1.00 19.40 ? 29  THR A C   1 
ATOM   178  O  O   . THR A 1 23  ? -6.505  9.230   -5.184  1.00 28.53 ? 29  THR A O   1 
ATOM   179  C  CB  . THR A 1 23  ? -3.806  8.028   -6.339  1.00 28.53 ? 29  THR A CB  1 
ATOM   180  O  OG1 . THR A 1 23  ? -4.413  9.068   -7.107  1.00 28.53 ? 29  THR A OG1 1 
ATOM   181  C  CG2 . THR A 1 23  ? -3.556  6.822   -7.245  1.00 28.53 ? 29  THR A CG2 1 
ATOM   182  N  N   . GLU A 1 24  ? -4.881  9.531   -3.637  1.00 10.40 ? 30  GLU A N   1 
ATOM   183  C  CA  . GLU A 1 24  ? -5.459  10.739  -3.098  1.00 10.40 ? 30  GLU A CA  1 
ATOM   184  C  C   . GLU A 1 24  ? -4.381  11.779  -2.938  1.00 10.40 ? 30  GLU A C   1 
ATOM   185  O  O   . GLU A 1 24  ? -3.220  11.444  -2.728  1.00 27.24 ? 30  GLU A O   1 
ATOM   186  C  CB  . GLU A 1 24  ? -6.096  10.496  -1.733  1.00 27.24 ? 30  GLU A CB  1 
ATOM   187  C  CG  . GLU A 1 24  ? -7.200  9.499   -1.723  1.00 27.24 ? 30  GLU A CG  1 
ATOM   188  C  CD  . GLU A 1 24  ? -6.701  8.088   -1.746  1.00 27.24 ? 30  GLU A CD  1 
ATOM   189  O  OE1 . GLU A 1 24  ? -5.874  7.708   -0.898  1.00 27.24 ? 30  GLU A OE1 1 
ATOM   190  O  OE2 . GLU A 1 24  ? -7.140  7.348   -2.624  1.00 27.24 ? 30  GLU A OE2 1 
ATOM   191  N  N   . LEU A 1 25  ? -4.797  13.041  -3.046  1.00 35.18 ? 31  LEU A N   1 
ATOM   192  C  CA  . LEU A 1 25  ? -3.950  14.214  -2.910  1.00 35.18 ? 31  LEU A CA  1 
ATOM   193  C  C   . LEU A 1 25  ? -4.283  14.839  -1.553  1.00 35.18 ? 31  LEU A C   1 
ATOM   194  O  O   . LEU A 1 25  ? -3.383  15.122  -0.738  1.00 52.26 ? 31  LEU A O   1 
ATOM   195  C  CB  . LEU A 1 25  ? -4.243  15.216  -4.051  1.00 52.26 ? 31  LEU A CB  1 
ATOM   196  C  CG  . LEU A 1 25  ? -3.641  14.921  -5.434  1.00 52.26 ? 31  LEU A CG  1 
ATOM   197  C  CD1 . LEU A 1 25  ? -4.183  13.668  -6.083  1.00 52.26 ? 31  LEU A CD1 1 
ATOM   198  C  CD2 . LEU A 1 25  ? -3.892  16.063  -6.305  1.00 52.26 ? 31  LEU A CD2 1 
ATOM   199  N  N   . PRO A 1 34  ? 0.445   13.413  -4.332  1.00 31.64 ? 40  PRO A N   1 
ATOM   200  C  CA  . PRO A 1 34  ? -0.217  12.133  -4.630  1.00 31.64 ? 40  PRO A CA  1 
ATOM   201  C  C   . PRO A 1 34  ? 0.278   10.961  -3.753  1.00 31.64 ? 40  PRO A C   1 
ATOM   202  O  O   . PRO A 1 34  ? 1.480   10.862  -3.470  1.00 32.88 ? 40  PRO A O   1 
ATOM   203  C  CB  . PRO A 1 34  ? 0.143   11.860  -6.138  1.00 32.88 ? 40  PRO A CB  1 
ATOM   204  C  CG  . PRO A 1 34  ? 1.116   12.943  -6.528  1.00 32.88 ? 40  PRO A CG  1 
ATOM   205  C  CD  . PRO A 1 34  ? 1.594   13.589  -5.237  1.00 32.88 ? 40  PRO A CD  1 
ATOM   206  N  N   . SER A 1 35  ? -0.650  10.093  -3.334  1.00 32.87 ? 41  SER A N   1 
ATOM   207  C  CA  . SER A 1 35  ? -0.348  8.912   -2.529  1.00 32.87 ? 41  SER A CA  1 
ATOM   208  C  C   . SER A 1 35  ? -1.199  7.818   -3.182  1.00 32.87 ? 41  SER A C   1 
ATOM   209  O  O   . SER A 1 35  ? -2.353  8.061   -3.502  1.00 26.03 ? 41  SER A O   1 
ATOM   210  C  CB  . SER A 1 35  ? -0.768  9.176   -1.080  1.00 26.03 ? 41  SER A CB  1 
ATOM   211  O  OG  . SER A 1 35  ? -0.226  8.222   -0.179  1.00 26.03 ? 41  SER A OG  1 
ATOM   212  N  N   . ASN A 1 36  ? -0.601  6.661   -3.451  1.00 11.75 ? 42  ASN A N   1 
ATOM   213  C  CA  . ASN A 1 36  ? -1.284  5.527   -4.082  1.00 11.75 ? 42  ASN A CA  1 
ATOM   214  C  C   . ASN A 1 36  ? -1.706  4.440   -3.090  1.00 11.75 ? 42  ASN A C   1 
ATOM   215  O  O   . ASN A 1 36  ? -1.330  4.451   -1.935  1.00 21.57 ? 42  ASN A O   1 
ATOM   216  C  CB  . ASN A 1 36  ? -0.368  4.868   -5.116  1.00 21.57 ? 42  ASN A CB  1 
ATOM   217  C  CG  . ASN A 1 36  ? 0.030   5.798   -6.209  1.00 21.57 ? 42  ASN A CG  1 
ATOM   218  O  OD1 . ASN A 1 36  ? -0.460  6.927   -6.288  1.00 21.57 ? 42  ASN A OD1 1 
ATOM   219  N  ND2 . ASN A 1 36  ? 0.917   5.343   -7.074  1.00 21.57 ? 42  ASN A ND2 1 
ATOM   220  N  N   . GLY A 1 37  ? -2.487  3.493   -3.581  1.00 25.10 ? 43  GLY A N   1 
ATOM   221  C  CA  . GLY A 1 37  ? -2.958  2.383   -2.780  1.00 25.10 ? 43  GLY A CA  1 
ATOM   222  C  C   . GLY A 1 37  ? -3.708  1.466   -3.740  1.00 25.10 ? 43  GLY A C   1 
ATOM   223  O  O   . GLY A 1 37  ? -3.794  1.753   -4.936  1.00 19.78 ? 43  GLY A O   1 
ATOM   224  N  N   . LEU A 1 38  ? -4.235  0.359   -3.238  1.00 11.39 ? 44  LEU A N   1 
ATOM   225  C  CA  . LEU A 1 38  ? -5.009  -0.557  -4.067  1.00 11.39 ? 44  LEU A CA  1 
ATOM   226  C  C   . LEU A 1 38  ? -6.416  -0.822  -3.507  1.00 11.39 ? 44  LEU A C   1 
ATOM   227  O  O   . LEU A 1 38  ? -6.691  -0.592  -2.326  1.00 20.87 ? 44  LEU A O   1 
ATOM   228  C  CB  . LEU A 1 38  ? -4.277  -1.870  -4.219  1.00 20.87 ? 44  LEU A CB  1 
ATOM   229  C  CG  . LEU A 1 38  ? -3.767  -2.176  -5.619  1.00 20.87 ? 44  LEU A CG  1 
ATOM   230  C  CD1 . LEU A 1 38  ? -2.829  -1.071  -6.060  1.00 20.87 ? 44  LEU A CD1 1 
ATOM   231  C  CD2 . LEU A 1 38  ? -3.092  -3.557  -5.621  1.00 20.87 ? 44  LEU A CD2 1 
ATOM   232  N  N   . VAL A 1 39  ? -7.312  -1.227  -4.400  1.00 26.16 ? 45  VAL A N   1 
ATOM   233  C  CA  . VAL A 1 39  ? -8.693  -1.583  -4.087  1.00 26.16 ? 45  VAL A CA  1 
ATOM   234  C  C   . VAL A 1 39  ? -8.845  -2.927  -4.782  1.00 26.16 ? 45  VAL A C   1 
ATOM   235  O  O   . VAL A 1 39  ? -8.767  -3.012  -6.004  1.00 18.61 ? 45  VAL A O   1 
ATOM   236  C  CB  . VAL A 1 39  ? -9.746  -0.623  -4.726  1.00 18.61 ? 45  VAL A CB  1 
ATOM   237  C  CG1 . VAL A 1 39  ? -11.150 -1.097  -4.403  1.00 18.61 ? 45  VAL A CG1 1 
ATOM   238  C  CG2 . VAL A 1 39  ? -9.561  0.806   -4.236  1.00 18.61 ? 45  VAL A CG2 1 
ATOM   239  N  N   . LEU A 1 40  ? -8.995  -3.980  -4.000  1.00 19.94 ? 46  LEU A N   1 
ATOM   240  C  CA  . LEU A 1 40  ? -9.155  -5.310  -4.546  1.00 19.94 ? 46  LEU A CA  1 
ATOM   241  C  C   . LEU A 1 40  ? -10.625 -5.694  -4.512  1.00 19.94 ? 46  LEU A C   1 
ATOM   242  O  O   . LEU A 1 40  ? -11.236 -5.744  -3.438  1.00 20.29 ? 46  LEU A O   1 
ATOM   243  C  CB  . LEU A 1 40  ? -8.361  -6.311  -3.717  1.00 20.29 ? 46  LEU A CB  1 
ATOM   244  C  CG  . LEU A 1 40  ? -6.910  -5.948  -3.423  1.00 20.29 ? 46  LEU A CG  1 
ATOM   245  C  CD1 . LEU A 1 40  ? -6.358  -6.917  -2.365  1.00 20.29 ? 46  LEU A CD1 1 
ATOM   246  C  CD2 . LEU A 1 40  ? -6.094  -6.001  -4.706  1.00 20.29 ? 46  LEU A CD2 1 
ATOM   247  N  N   . ASN A 1 41  ? -11.195 -5.880  -5.698  1.00 24.26 ? 47  ASN A N   1 
ATOM   248  C  CA  . ASN A 1 41  ? -12.581 -6.309  -5.866  1.00 24.26 ? 47  ASN A CA  1 
ATOM   249  C  C   . ASN A 1 41  ? -12.484 -7.807  -5.711  1.00 24.26 ? 47  ASN A C   1 
ATOM   250  O  O   . ASN A 1 41  ? -11.905 -8.509  -6.549  1.00 30.04 ? 47  ASN A O   1 
ATOM   251  C  CB  . ASN A 1 41  ? -13.114 -5.965  -7.255  1.00 30.04 ? 47  ASN A CB  1 
ATOM   252  C  CG  . ASN A 1 41  ? -14.607 -5.725  -7.257  1.00 30.04 ? 47  ASN A CG  1 
ATOM   253  O  OD1 . ASN A 1 41  ? -15.310 -6.116  -6.342  1.00 30.04 ? 47  ASN A OD1 1 
ATOM   254  N  ND2 . ASN A 1 41  ? -15.087 -5.034  -8.269  1.00 30.04 ? 47  ASN A ND2 1 
ATOM   255  N  N   . THR A 1 42  ? -13.010 -8.275  -4.594  1.00 30.24 ? 48  THR A N   1 
ATOM   256  C  CA  . THR A 1 42  ? -12.964 -9.671  -4.232  1.00 30.24 ? 48  THR A CA  1 
ATOM   257  C  C   . THR A 1 42  ? -14.379 -10.213 -4.038  1.00 30.24 ? 48  THR A C   1 
ATOM   258  O  O   . THR A 1 42  ? -15.341 -9.454  -3.909  1.00 19.52 ? 48  THR A O   1 
ATOM   259  C  CB  . THR A 1 42  ? -12.105 -9.822  -2.946  1.00 19.52 ? 48  THR A CB  1 
ATOM   260  O  OG1 . THR A 1 42  ? -11.156 -10.863 -3.139  1.00 19.52 ? 48  THR A OG1 1 
ATOM   261  C  CG2 . THR A 1 42  ? -12.944 -10.154 -1.733  1.00 19.52 ? 48  THR A CG2 1 
ATOM   262  N  N   . SER A 1 43  ? -14.510 -11.529 -4.054  1.00 33.29 ? 49  SER A N   1 
ATOM   263  C  CA  . SER A 1 43  ? -15.813 -12.129 -3.887  1.00 33.29 ? 49  SER A CA  1 
ATOM   264  C  C   . SER A 1 43  ? -16.342 -11.844 -2.486  1.00 33.29 ? 49  SER A C   1 
ATOM   265  O  O   . SER A 1 43  ? -17.544 -11.627 -2.319  1.00 36.64 ? 49  SER A O   1 
ATOM   266  C  CB  . SER A 1 43  ? -15.735 -13.629 -4.127  1.00 36.64 ? 49  SER A CB  1 
ATOM   267  O  OG  . SER A 1 43  ? -14.624 -14.179 -3.440  1.00 36.64 ? 49  SER A OG  1 
ATOM   268  N  N   . LYS A 1 44  ? -15.447 -11.810 -1.492  1.00 12.19 ? 50  LYS A N   1 
ATOM   269  C  CA  . LYS A 1 44  ? -15.839 -11.558 -0.103  1.00 12.19 ? 50  LYS A CA  1 
ATOM   270  C  C   . LYS A 1 44  ? -15.747 -10.092 0.311   1.00 12.19 ? 50  LYS A C   1 
ATOM   271  O  O   . LYS A 1 44  ? -15.380 -9.817  1.453   1.00 36.61 ? 50  LYS A O   1 
ATOM   272  C  CB  . LYS A 1 44  ? -14.974 -12.355 0.875   1.00 36.61 ? 50  LYS A CB  1 
ATOM   273  C  CG  . LYS A 1 44  ? -14.780 -13.828 0.577   1.00 36.61 ? 50  LYS A CG  1 
ATOM   274  C  CD  . LYS A 1 44  ? -16.096 -14.614 0.488   1.00 36.61 ? 50  LYS A CD  1 
ATOM   275  C  CE  . LYS A 1 44  ? -15.828 -16.129 0.422   1.00 36.61 ? 50  LYS A CE  1 
ATOM   276  N  NZ  . LYS A 1 44  ? -16.909 -16.863 -0.322  1.00 36.61 ? 50  LYS A NZ  1 
ATOM   277  N  N   . GLY A 1 45  ? -16.048 -9.154  -0.582  1.00 11.76 ? 51  GLY A N   1 
ATOM   278  C  CA  . GLY A 1 45  ? -15.966 -7.750  -0.201  1.00 11.76 ? 51  GLY A CA  1 
ATOM   279  C  C   . GLY A 1 45  ? -14.788 -7.010  -0.805  1.00 11.76 ? 51  GLY A C   1 
ATOM   280  O  O   . GLY A 1 45  ? -14.041 -7.580  -1.594  1.00 30.88 ? 51  GLY A O   1 
ATOM   281  N  N   . LEU A 1 46  ? -14.636 -5.730  -0.484  1.00 12.01 ? 52  LEU A N   1 
ATOM   282  C  CA  . LEU A 1 46  ? -13.524 -4.928  -1.010  1.00 12.01 ? 52  LEU A CA  1 
ATOM   283  C  C   . LEU A 1 46  ? -12.377 -4.933  -0.006  1.00 12.01 ? 52  LEU A C   1 
ATOM   284  O  O   . LEU A 1 46  ? -12.602 -4.847  1.210   1.00 4.22  ? 52  LEU A O   1 
ATOM   285  C  CB  . LEU A 1 46  ? -13.966 -3.483  -1.291  1.00 4.22  ? 52  LEU A CB  1 
ATOM   286  C  CG  . LEU A 1 46  ? -15.088 -3.314  -2.342  1.00 4.22  ? 52  LEU A CG  1 
ATOM   287  C  CD1 . LEU A 1 46  ? -15.611 -1.878  -2.487  1.00 4.22  ? 52  LEU A CD1 1 
ATOM   288  C  CD2 . LEU A 1 46  ? -14.564 -3.796  -3.660  1.00 4.22  ? 52  LEU A CD2 1 
ATOM   289  N  N   . VAL A 1 47  ? -11.157 -5.147  -0.505  1.00 19.08 ? 53  VAL A N   1 
ATOM   290  C  CA  . VAL A 1 47  ? -9.958  -5.147  0.345   1.00 19.08 ? 53  VAL A CA  1 
ATOM   291  C  C   . VAL A 1 47  ? -9.112  -3.982  -0.148  1.00 19.08 ? 53  VAL A C   1 
ATOM   292  O  O   . VAL A 1 47  ? -9.045  -3.718  -1.334  1.00 14.62 ? 53  VAL A O   1 
ATOM   293  C  CB  . VAL A 1 47  ? -9.181  -6.499  0.288   1.00 14.62 ? 53  VAL A CB  1 
ATOM   294  C  CG1 . VAL A 1 47  ? -7.825  -6.386  0.985   1.00 14.62 ? 53  VAL A CG1 1 
ATOM   295  C  CG2 . VAL A 1 47  ? -10.002 -7.596  0.970   1.00 14.62 ? 53  VAL A CG2 1 
ATOM   296  N  N   . LEU A 1 48  ? -8.596  -3.192  0.776   1.00 24.25 ? 54  LEU A N   1 
ATOM   297  C  CA  . LEU A 1 48  ? -7.787  -2.026  0.417   1.00 24.25 ? 54  LEU A CA  1 
ATOM   298  C  C   . LEU A 1 48  ? -6.364  -2.185  0.891   1.00 24.25 ? 54  LEU A C   1 
ATOM   299  O  O   . LEU A 1 48  ? -6.132  -2.716  1.976   1.00 10.69 ? 54  LEU A O   1 
ATOM   300  C  CB  . LEU A 1 48  ? -8.326  -0.759  1.095   1.00 10.69 ? 54  LEU A CB  1 
ATOM   301  C  CG  . LEU A 1 48  ? -8.949  0.345   0.250   1.00 10.69 ? 54  LEU A CG  1 
ATOM   302  C  CD1 . LEU A 1 48  ? -10.165 -0.146  -0.519  1.00 10.69 ? 54  LEU A CD1 1 
ATOM   303  C  CD2 . LEU A 1 48  ? -9.328  1.471   1.194   1.00 10.69 ? 54  LEU A CD2 1 
ATOM   304  N  N   . VAL A 1 49  ? -5.418  -1.781  0.048   1.00 14.97 ? 55  VAL A N   1 
ATOM   305  C  CA  . VAL A 1 49  ? -4.024  -1.772  0.437   1.00 14.97 ? 55  VAL A CA  1 
ATOM   306  C  C   . VAL A 1 49  ? -3.822  -0.273  0.745   1.00 14.97 ? 55  VAL A C   1 
ATOM   307  O  O   . VAL A 1 49  ? -3.981  0.593   -0.135  1.00 8.83  ? 55  VAL A O   1 
ATOM   308  C  CB  . VAL A 1 49  ? -3.061  -2.267  -0.678  1.00 8.83  ? 55  VAL A CB  1 
ATOM   309  C  CG1 . VAL A 1 49  ? -1.620  -2.187  -0.181  1.00 8.83  ? 55  VAL A CG1 1 
ATOM   310  C  CG2 . VAL A 1 49  ? -3.368  -3.720  -1.053  1.00 8.83  ? 55  VAL A CG2 1 
ATOM   311  N  N   . ASP A 1 50  ? -3.647  0.012   2.032   1.00 18.22 ? 56  ASP A N   1 
ATOM   312  C  CA  . ASP A 1 50  ? -3.447  1.350   2.563   1.00 18.22 ? 56  ASP A CA  1 
ATOM   313  C  C   . ASP A 1 50  ? -4.686  2.204   2.529   1.00 18.22 ? 56  ASP A C   1 
ATOM   314  O  O   . ASP A 1 50  ? -5.463  2.162   1.563   1.00 9.77  ? 56  ASP A O   1 
ATOM   315  C  CB  . ASP A 1 50  ? -2.327  2.086   1.841   1.00 9.77  ? 56  ASP A CB  1 
ATOM   316  C  CG  . ASP A 1 50  ? -0.986  1.575   2.201   1.00 9.77  ? 56  ASP A CG  1 
ATOM   317  O  OD1 . ASP A 1 50  ? -0.761  1.234   3.383   1.00 9.77  ? 56  ASP A OD1 1 
ATOM   318  O  OD2 . ASP A 1 50  ? -0.139  1.499   1.296   1.00 9.77  ? 56  ASP A OD2 1 
ATOM   319  N  N   . SER A 1 51  ? -4.868  2.963   3.605   1.00 11.43 ? 57  SER A N   1 
ATOM   320  C  CA  . SER A 1 51  ? -5.979  3.878   3.715   1.00 11.43 ? 57  SER A CA  1 
ATOM   321  C  C   . SER A 1 51  ? -5.488  5.206   3.076   1.00 11.43 ? 57  SER A C   1 
ATOM   322  O  O   . SER A 1 51  ? -4.974  5.179   1.938   1.00 14.55 ? 57  SER A O   1 
ATOM   323  C  CB  . SER A 1 51  ? -6.460  3.988   5.185   1.00 14.55 ? 57  SER A CB  1 
ATOM   324  O  OG  . SER A 1 51  ? -5.584  4.680   6.077   1.00 14.55 ? 57  SER A OG  1 
ATOM   325  N  N   . SER A 1 52  ? -5.539  6.323   3.806   1.00 8.62  ? 58  SER A N   1 
ATOM   326  C  CA  . SER A 1 52  ? -5.120  7.594   3.243   1.00 8.62  ? 58  SER A CA  1 
ATOM   327  C  C   . SER A 1 52  ? -4.606  8.564   4.314   1.00 8.62  ? 58  SER A C   1 
ATOM   328  O  O   . SER A 1 52  ? -4.483  8.211   5.487   1.00 29.40 ? 58  SER A O   1 
ATOM   329  C  CB  . SER A 1 52  ? -6.272  8.213   2.456   1.00 29.40 ? 58  SER A CB  1 
ATOM   330  O  OG  . SER A 1 52  ? -5.875  9.391   1.786   1.00 29.40 ? 58  SER A OG  1 
ATOM   331  N  N   . TRP A 1 53  ? -4.309  9.786   3.897   1.00 16.43 ? 59  TRP A N   1 
ATOM   332  C  CA  . TRP A 1 53  ? -3.767  10.805  4.796   1.00 16.43 ? 59  TRP A CA  1 
ATOM   333  C  C   . TRP A 1 53  ? -4.525  10.923  6.069   1.00 16.43 ? 59  TRP A C   1 
ATOM   334  O  O   . TRP A 1 53  ? -3.947  10.814  7.146   1.00 26.72 ? 59  TRP A O   1 
ATOM   335  C  CB  . TRP A 1 53  ? -3.700  12.181  4.107   1.00 26.72 ? 59  TRP A CB  1 
ATOM   336  C  CG  . TRP A 1 53  ? -2.902  12.159  2.851   1.00 26.72 ? 59  TRP A CG  1 
ATOM   337  C  CD1 . TRP A 1 53  ? -3.378  12.013  1.596   1.00 26.72 ? 59  TRP A CD1 1 
ATOM   338  C  CD2 . TRP A 1 53  ? -1.475  12.238  2.735   1.00 26.72 ? 59  TRP A CD2 1 
ATOM   339  N  NE1 . TRP A 1 53  ? -2.351  11.990  0.687   1.00 26.72 ? 59  TRP A NE1 1 
ATOM   340  C  CE2 . TRP A 1 53  ? -1.166  12.139  1.358   1.00 26.72 ? 59  TRP A CE2 1 
ATOM   341  C  CE3 . TRP A 1 53  ? -0.430  12.397  3.663   1.00 26.72 ? 59  TRP A CE3 1 
ATOM   342  C  CZ2 . TRP A 1 53  ? 0.154   12.173  0.871   1.00 26.72 ? 59  TRP A CZ2 1 
ATOM   343  C  CZ3 . TRP A 1 53  ? 0.886   12.430  3.175   1.00 26.72 ? 59  TRP A CZ3 1 
ATOM   344  C  CH2 . TRP A 1 53  ? 1.159   12.325  1.789   1.00 26.72 ? 59  TRP A CH2 1 
ATOM   345  N  N   . ASP A 1 54  ? -5.818  11.186  5.963   1.00 24.79 ? 60  ASP A N   1 
ATOM   346  C  CA  . ASP A 1 54  ? -6.625  11.342  7.166   1.00 24.79 ? 60  ASP A CA  1 
ATOM   347  C  C   . ASP A 1 54  ? -8.031  10.766  7.079   1.00 24.79 ? 60  ASP A C   1 
ATOM   348  O  O   . ASP A 1 54  ? -8.426  10.216  6.053   1.00 16.36 ? 60  ASP A O   1 
ATOM   349  C  CB  . ASP A 1 54  ? -6.676  12.812  7.571   1.00 16.36 ? 60  ASP A CB  1 
ATOM   350  C  CG  . ASP A 1 54  ? -7.336  13.667  6.549   1.00 16.36 ? 60  ASP A CG  1 
ATOM   351  O  OD1 . ASP A 1 54  ? -7.698  13.167  5.475   1.00 16.36 ? 60  ASP A OD1 1 
ATOM   352  O  OD2 . ASP A 1 54  ? -7.504  14.859  6.815   1.00 16.36 ? 60  ASP A OD2 1 
ATOM   353  N  N   . ASP A 1 55  ? -8.788  10.906  8.162   1.00 19.66 ? 61  ASP A N   1 
ATOM   354  C  CA  . ASP A 1 55  ? -10.152 10.378  8.206   1.00 19.66 ? 61  ASP A CA  1 
ATOM   355  C  C   . ASP A 1 55  ? -11.095 10.805  7.095   1.00 19.66 ? 61  ASP A C   1 
ATOM   356  O  O   . ASP A 1 55  ? -11.800 9.985   6.529   1.00 24.70 ? 61  ASP A O   1 
ATOM   357  C  CB  . ASP A 1 55  ? -10.765 10.633  9.566   1.00 24.70 ? 61  ASP A CB  1 
ATOM   358  C  CG  . ASP A 1 55  ? -10.079 9.844   10.630  1.00 24.70 ? 61  ASP A CG  1 
ATOM   359  O  OD1 . ASP A 1 55  ? -9.921  8.620   10.475  1.00 24.70 ? 61  ASP A OD1 1 
ATOM   360  O  OD2 . ASP A 1 55  ? -9.644  10.443  11.612  1.00 24.70 ? 61  ASP A OD2 1 
ATOM   361  N  N   . LYS A 1 56  ? -11.007 12.066  6.709   1.00 25.31 ? 62  LYS A N   1 
ATOM   362  C  CA  . LYS A 1 56  ? -11.858 12.618  5.660   1.00 25.31 ? 62  LYS A CA  1 
ATOM   363  C  C   . LYS A 1 56  ? -11.626 11.901  4.337   1.00 25.31 ? 62  LYS A C   1 
ATOM   364  O  O   . LYS A 1 56  ? -12.567 11.414  3.726   1.00 45.92 ? 62  LYS A O   1 
ATOM   365  C  CB  . LYS A 1 56  ? -11.591 14.115  5.484   1.00 45.92 ? 62  LYS A CB  1 
ATOM   366  C  CG  . LYS A 1 56  ? -11.649 14.911  6.776   1.00 45.92 ? 62  LYS A CG  1 
ATOM   367  C  CD  . LYS A 1 56  ? -10.423 14.683  7.695   1.00 45.92 ? 62  LYS A CD  1 
ATOM   368  C  CE  . LYS A 1 56  ? -10.400 15.630  8.895   1.00 45.92 ? 62  LYS A CE  1 
ATOM   369  N  NZ  . LYS A 1 56  ? -10.576 17.084  8.498   1.00 45.92 ? 62  LYS A NZ  1 
ATOM   370  N  N   . LEU A 1 57  ? -10.360 11.804  3.938   1.00 20.15 ? 63  LEU A N   1 
ATOM   371  C  CA  . LEU A 1 57  ? -9.997  11.168  2.688   1.00 20.15 ? 63  LEU A CA  1 
ATOM   372  C  C   . LEU A 1 57  ? -10.227 9.692   2.734   1.00 20.15 ? 63  LEU A C   1 
ATOM   373  O  O   . LEU A 1 57  ? -10.420 9.063   1.680   1.00 23.61 ? 63  LEU A O   1 
ATOM   374  C  CB  . LEU A 1 57  ? -8.534  11.410  2.356   1.00 23.61 ? 63  LEU A CB  1 
ATOM   375  C  CG  . LEU A 1 57  ? -8.262  12.888  2.198   1.00 23.61 ? 63  LEU A CG  1 
ATOM   376  C  CD1 . LEU A 1 57  ? -6.827  13.118  1.741   1.00 23.61 ? 63  LEU A CD1 1 
ATOM   377  C  CD2 . LEU A 1 57  ? -9.243  13.428  1.185   1.00 23.61 ? 63  LEU A CD2 1 
ATOM   378  N  N   . THR A 1 58  ? -10.132 9.105   3.925   1.00 17.99 ? 64  THR A N   1 
ATOM   379  C  CA  . THR A 1 58  ? -10.336 7.667   4.004   1.00 17.99 ? 64  THR A CA  1 
ATOM   380  C  C   . THR A 1 58  ? -11.833 7.406   4.065   1.00 17.99 ? 64  THR A C   1 
ATOM   381  O  O   . THR A 1 58  ? -12.305 6.403   3.527   1.00 25.79 ? 64  THR A O   1 
ATOM   382  C  CB  . THR A 1 58  ? -9.645  7.018   5.185   1.00 25.79 ? 64  THR A CB  1 
ATOM   383  O  OG1 . THR A 1 58  ? -10.405 7.246   6.368   1.00 25.79 ? 64  THR A OG1 1 
ATOM   384  C  CG2 . THR A 1 58  ? -8.305  7.618   5.357   1.00 25.79 ? 64  THR A CG2 1 
ATOM   385  N  N   . LYS A 1 59  ? -12.583 8.350   4.629   1.00 10.26 ? 65  LYS A N   1 
ATOM   386  C  CA  . LYS A 1 59  ? -14.041 8.203   4.753   1.00 10.26 ? 65  LYS A CA  1 
ATOM   387  C  C   . LYS A 1 59  ? -14.681 8.339   3.360   1.00 10.26 ? 65  LYS A C   1 
ATOM   388  O  O   . LYS A 1 59  ? -15.537 7.538   2.966   1.00 46.47 ? 65  LYS A O   1 
ATOM   389  C  CB  . LYS A 1 59  ? -14.573 9.272   5.695   1.00 46.47 ? 65  LYS A CB  1 
ATOM   390  C  CG  . LYS A 1 59  ? -15.648 8.802   6.626   1.00 46.47 ? 65  LYS A CG  1 
ATOM   391  C  CD  . LYS A 1 59  ? -15.932 9.849   7.670   1.00 46.47 ? 65  LYS A CD  1 
ATOM   392  C  CE  . LYS A 1 59  ? -14.741 10.026  8.589   1.00 46.47 ? 65  LYS A CE  1 
ATOM   393  N  NZ  . LYS A 1 59  ? -14.484 8.782   9.371   1.00 46.47 ? 65  LYS A NZ  1 
ATOM   394  N  N   . GLU A 1 60  ? -14.157 9.289   2.586   1.00 17.04 ? 66  GLU A N   1 
ATOM   395  C  CA  . GLU A 1 60  ? -14.626 9.575   1.243   1.00 17.04 ? 66  GLU A CA  1 
ATOM   396  C  C   . GLU A 1 60  ? -14.317 8.465   0.255   1.00 17.04 ? 66  GLU A C   1 
ATOM   397  O  O   . GLU A 1 60  ? -15.148 8.151   -0.604  1.00 34.59 ? 66  GLU A O   1 
ATOM   398  C  CB  . GLU A 1 60  ? -14.015 10.865  0.758   1.00 34.59 ? 66  GLU A CB  1 
ATOM   399  C  CG  . GLU A 1 60  ? -14.848 11.520  -0.302  1.00 34.59 ? 66  GLU A CG  1 
ATOM   400  C  CD  . GLU A 1 60  ? -14.505 12.985  -0.467  1.00 34.59 ? 66  GLU A CD  1 
ATOM   401  O  OE1 . GLU A 1 60  ? -14.244 13.658  0.574   1.00 34.59 ? 66  GLU A OE1 1 
ATOM   402  O  OE2 . GLU A 1 60  ? -14.514 13.449  -1.638  1.00 34.59 ? 66  GLU A OE2 1 
ATOM   403  N  N   . LEU A 1 61  ? -13.105 7.917   0.352   1.00 8.22  ? 67  LEU A N   1 
ATOM   404  C  CA  . LEU A 1 61  ? -12.684 6.808   -0.490  1.00 8.22  ? 67  LEU A CA  1 
ATOM   405  C  C   . LEU A 1 61  ? -13.514 5.587   -0.175  1.00 8.22  ? 67  LEU A C   1 
ATOM   406  O  O   . LEU A 1 61  ? -14.007 4.919   -1.084  1.00 16.04 ? 67  LEU A O   1 
ATOM   407  C  CB  . LEU A 1 61  ? -11.219 6.469   -0.255  1.00 16.04 ? 67  LEU A CB  1 
ATOM   408  C  CG  . LEU A 1 61  ? -10.677 5.167   -0.845  1.00 16.04 ? 67  LEU A CG  1 
ATOM   409  C  CD1 . LEU A 1 61  ? -10.566 5.243   -2.353  1.00 16.04 ? 67  LEU A CD1 1 
ATOM   410  C  CD2 . LEU A 1 61  ? -9.325  4.944   -0.253  1.00 16.04 ? 67  LEU A CD2 1 
ATOM   411  N  N   . ILE A 1 62  ? -13.636 5.234   1.095   1.00 8.65  ? 68  ILE A N   1 
ATOM   412  C  CA  . ILE A 1 62  ? -14.459 4.067   1.421   1.00 8.65  ? 68  ILE A CA  1 
ATOM   413  C  C   . ILE A 1 62  ? -15.856 4.251   0.785   1.00 8.65  ? 68  ILE A C   1 
ATOM   414  O  O   . ILE A 1 62  ? -16.294 3.429   -0.024  1.00 20.16 ? 68  ILE A O   1 
ATOM   415  C  CB  . ILE A 1 62  ? -14.613 3.857   2.923   1.00 20.16 ? 68  ILE A CB  1 
ATOM   416  C  CG1 . ILE A 1 62  ? -13.258 3.583   3.568   1.00 20.16 ? 68  ILE A CG1 1 
ATOM   417  C  CG2 . ILE A 1 62  ? -15.501 2.688   3.167   1.00 20.16 ? 68  ILE A CG2 1 
ATOM   418  C  CD1 . ILE A 1 62  ? -13.281 3.523   5.079   1.00 20.16 ? 68  ILE A CD1 1 
ATOM   419  N  N   . GLU A 1 63  ? -16.481 5.393   1.032   1.00 18.12 ? 69  GLU A N   1 
ATOM   420  C  CA  . GLU A 1 63  ? -17.807 5.678   0.489   1.00 18.12 ? 69  GLU A CA  1 
ATOM   421  C  C   . GLU A 1 63  ? -17.951 5.631   -1.037  1.00 18.12 ? 69  GLU A C   1 
ATOM   422  O  O   . GLU A 1 63  ? -18.952 5.120   -1.551  1.00 41.36 ? 69  GLU A O   1 
ATOM   423  C  CB  . GLU A 1 63  ? -18.309 7.011   1.035   1.00 41.36 ? 69  GLU A CB  1 
ATOM   424  C  CG  . GLU A 1 63  ? -18.653 6.923   2.505   1.00 41.36 ? 69  GLU A CG  1 
ATOM   425  C  CD  . GLU A 1 63  ? -18.574 8.264   3.211   1.00 41.36 ? 69  GLU A CD  1 
ATOM   426  O  OE1 . GLU A 1 63  ? -18.894 9.313   2.581   1.00 41.36 ? 69  GLU A OE1 1 
ATOM   427  O  OE2 . GLU A 1 63  ? -18.183 8.273   4.411   1.00 41.36 ? 69  GLU A OE2 1 
ATOM   428  N  N   . MET A 1 64  ? -16.948 6.132   -1.756  1.00 21.57 ? 70  MET A N   1 
ATOM   429  C  CA  . MET A 1 64  ? -16.960 6.150   -3.236  1.00 21.57 ? 70  MET A CA  1 
ATOM   430  C  C   . MET A 1 64  ? -16.848 4.736   -3.826  1.00 21.57 ? 70  MET A C   1 
ATOM   431  O  O   . MET A 1 64  ? -17.450 4.386   -4.854  1.00 28.70 ? 70  MET A O   1 
ATOM   432  C  CB  . MET A 1 64  ? -15.797 7.032   -3.734  1.00 28.70 ? 70  MET A CB  1 
ATOM   433  C  CG  . MET A 1 64  ? -15.431 6.896   -5.230  1.00 28.70 ? 70  MET A CG  1 
ATOM   434  S  SD  . MET A 1 64  ? -13.881 7.761   -5.661  1.00 28.70 ? 70  MET A SD  1 
ATOM   435  C  CE  . MET A 1 64  ? -14.168 9.289   -4.725  1.00 28.70 ? 70  MET A CE  1 
ATOM   436  N  N   . VAL A 1 65  ? -16.132 3.909   -3.087  1.00 18.75 ? 71  VAL A N   1 
ATOM   437  C  CA  . VAL A 1 65  ? -15.846 2.555   -3.478  1.00 18.75 ? 71  VAL A CA  1 
ATOM   438  C  C   . VAL A 1 65  ? -16.980 1.548   -3.220  1.00 18.75 ? 71  VAL A C   1 
ATOM   439  O  O   . VAL A 1 65  ? -17.277 0.711   -4.063  1.00 23.55 ? 71  VAL A O   1 
ATOM   440  C  CB  . VAL A 1 65  ? -14.479 2.163   -2.828  1.00 23.55 ? 71  VAL A CB  1 
ATOM   441  C  CG1 . VAL A 1 65  ? -14.655 1.394   -1.531  1.00 23.55 ? 71  VAL A CG1 1 
ATOM   442  C  CG2 . VAL A 1 65  ? -13.575 1.481   -3.841  1.00 23.55 ? 71  VAL A CG2 1 
ATOM   443  N  N   . GLU A 1 66  ? -17.623 1.645   -2.069  1.00 16.48 ? 72  GLU A N   1 
ATOM   444  C  CA  . GLU A 1 66  ? -18.735 0.769   -1.740  1.00 16.48 ? 72  GLU A CA  1 
ATOM   445  C  C   . GLU A 1 66  ? -19.912 1.044   -2.698  1.00 16.48 ? 72  GLU A C   1 
ATOM   446  O  O   . GLU A 1 66  ? -20.662 0.137   -3.098  1.00 13.95 ? 72  GLU A O   1 
ATOM   447  C  CB  . GLU A 1 66  ? -19.111 0.985   -0.264  1.00 13.95 ? 72  GLU A CB  1 
ATOM   448  C  CG  . GLU A 1 66  ? -18.121 0.298   0.666   1.00 13.95 ? 72  GLU A CG  1 
ATOM   449  C  CD  . GLU A 1 66  ? -18.337 0.529   2.133   1.00 13.95 ? 72  GLU A CD  1 
ATOM   450  O  OE1 . GLU A 1 66  ? -19.063 1.475   2.494   1.00 13.95 ? 72  GLU A OE1 1 
ATOM   451  O  OE2 . GLU A 1 66  ? -17.739 -0.228  2.935   1.00 13.95 ? 72  GLU A OE2 1 
ATOM   452  N  N   . LYS A 1 67  ? -20.023 2.309   -3.085  1.00 16.44 ? 73  LYS A N   1 
ATOM   453  C  CA  . LYS A 1 67  ? -21.029 2.773   -4.021  1.00 16.44 ? 73  LYS A CA  1 
ATOM   454  C  C   . LYS A 1 67  ? -20.808 2.105   -5.402  1.00 16.44 ? 73  LYS A C   1 
ATOM   455  O  O   . LYS A 1 67  ? -21.640 1.313   -5.856  1.00 40.39 ? 73  LYS A O   1 
ATOM   456  C  CB  . LYS A 1 67  ? -20.926 4.287   -4.146  1.00 40.39 ? 73  LYS A CB  1 
ATOM   457  C  CG  . LYS A 1 67  ? -22.021 4.952   -4.951  1.00 40.39 ? 73  LYS A CG  1 
ATOM   458  C  CD  . LYS A 1 67  ? -23.340 4.980   -4.208  1.00 40.39 ? 73  LYS A CD  1 
ATOM   459  C  CE  . LYS A 1 67  ? -24.015 6.348   -4.344  1.00 40.39 ? 73  LYS A CE  1 
ATOM   460  N  NZ  . LYS A 1 67  ? -23.263 7.428   -3.617  1.00 40.39 ? 73  LYS A NZ  1 
ATOM   461  N  N   . LYS A 1 68  ? -19.655 2.366   -6.025  1.00 8.15  ? 74  LYS A N   1 
ATOM   462  C  CA  . LYS A 1 68  ? -19.342 1.803   -7.335  1.00 8.15  ? 74  LYS A CA  1 
ATOM   463  C  C   . LYS A 1 68  ? -19.394 0.289   -7.381  1.00 8.15  ? 74  LYS A C   1 
ATOM   464  O  O   . LYS A 1 68  ? -19.974 -0.299  -8.282  1.00 50.29 ? 74  LYS A O   1 
ATOM   465  C  CB  . LYS A 1 68  ? -17.951 2.239   -7.795  1.00 50.29 ? 74  LYS A CB  1 
ATOM   466  C  CG  . LYS A 1 68  ? -17.716 3.727   -7.733  1.00 50.29 ? 74  LYS A CG  1 
ATOM   467  C  CD  . LYS A 1 68  ? -18.615 4.505   -8.704  1.00 50.29 ? 74  LYS A CD  1 
ATOM   468  C  CE  . LYS A 1 68  ? -18.482 6.013   -8.487  1.00 50.29 ? 74  LYS A CE  1 
ATOM   469  N  NZ  . LYS A 1 68  ? -19.031 6.358   -7.147  1.00 50.29 ? 74  LYS A NZ  1 
ATOM   470  N  N   . PHE A 1 69  ? -18.775 -0.344  -6.403  1.00 21.03 ? 75  PHE A N   1 
ATOM   471  C  CA  . PHE A 1 69  ? -18.694 -1.791  -6.364  1.00 21.03 ? 75  PHE A CA  1 
ATOM   472  C  C   . PHE A 1 69  ? -19.847 -2.537  -5.707  1.00 21.03 ? 75  PHE A C   1 
ATOM   473  O  O   . PHE A 1 69  ? -19.944 -3.751  -5.866  1.00 21.73 ? 75  PHE A O   1 
ATOM   474  C  CB  . PHE A 1 69  ? -17.344 -2.183  -5.758  1.00 21.73 ? 75  PHE A CB  1 
ATOM   475  C  CG  . PHE A 1 69  ? -16.150 -1.660  -6.544  1.00 21.73 ? 75  PHE A CG  1 
ATOM   476  C  CD1 . PHE A 1 69  ? -15.708 -0.349  -6.386  1.00 21.73 ? 75  PHE A CD1 1 
ATOM   477  C  CD2 . PHE A 1 69  ? -15.551 -2.443  -7.519  1.00 21.73 ? 75  PHE A CD2 1 
ATOM   478  C  CE1 . PHE A 1 69  ? -14.687 0.157   -7.177  1.00 21.73 ? 75  PHE A CE1 1 
ATOM   479  C  CE2 . PHE A 1 69  ? -14.529 -1.948  -8.314  1.00 21.73 ? 75  PHE A CE2 1 
ATOM   480  C  CZ  . PHE A 1 69  ? -14.107 -0.633  -8.148  1.00 21.73 ? 75  PHE A CZ  1 
ATOM   481  N  N   . GLN A 1 70  ? -20.764 -1.802  -5.068  1.00 20.04 ? 76  GLN A N   1 
ATOM   482  C  CA  . GLN A 1 70  ? -21.909 -2.383  -4.369  1.00 20.04 ? 76  GLN A CA  1 
ATOM   483  C  C   . GLN A 1 70  ? -21.397 -3.508  -3.502  1.00 20.04 ? 76  GLN A C   1 
ATOM   484  O  O   . GLN A 1 70  ? -21.817 -4.656  -3.637  1.00 22.07 ? 76  GLN A O   1 
ATOM   485  C  CB  . GLN A 1 70  ? -22.978 -2.900  -5.348  1.00 22.07 ? 76  GLN A CB  1 
ATOM   486  C  CG  . GLN A 1 70  ? -23.975 -1.832  -5.823  1.00 22.07 ? 76  GLN A CG  1 
ATOM   487  C  CD  . GLN A 1 70  ? -24.772 -1.261  -4.677  1.00 22.07 ? 76  GLN A CD  1 
ATOM   488  O  OE1 . GLN A 1 70  ? -25.758 -1.867  -4.232  1.00 22.07 ? 76  GLN A OE1 1 
ATOM   489  N  NE2 . GLN A 1 70  ? -24.325 -0.126  -4.148  1.00 22.07 ? 76  GLN A NE2 1 
ATOM   490  N  N   . LYS A 1 71  ? -20.511 -3.153  -2.577  1.00 7.73  ? 77  LYS A N   1 
ATOM   491  C  CA  . LYS A 1 71  ? -19.884 -4.146  -1.714  1.00 7.73  ? 77  LYS A CA  1 
ATOM   492  C  C   . LYS A 1 71  ? -19.259 -3.349  -0.610  1.00 7.73  ? 77  LYS A C   1 
ATOM   493  O  O   . LYS A 1 71  ? -18.969 -2.165  -0.830  1.00 19.81 ? 77  LYS A O   1 
ATOM   494  C  CB  . LYS A 1 71  ? -18.795 -4.845  -2.507  1.00 19.81 ? 77  LYS A CB  1 
ATOM   495  C  CG  . LYS A 1 71  ? -18.602 -6.268  -2.158  1.00 19.81 ? 77  LYS A CG  1 
ATOM   496  C  CD  . LYS A 1 71  ? -17.679 -6.928  -3.169  1.00 19.81 ? 77  LYS A CD  1 
ATOM   497  C  CE  . LYS A 1 71  ? -18.301 -7.001  -4.559  1.00 19.81 ? 77  LYS A CE  1 
ATOM   498  N  NZ  . LYS A 1 71  ? -17.564 -7.985  -5.415  1.00 19.81 ? 77  LYS A NZ  1 
ATOM   499  N  N   . ARG A 1 72  ? -19.037 -3.994  0.548   1.00 14.97 ? 78  ARG A N   1 
ATOM   500  C  CA  . ARG A 1 72  ? -18.450 -3.340  1.741   1.00 14.97 ? 78  ARG A CA  1 
ATOM   501  C  C   . ARG A 1 72  ? -16.929 -3.543  1.832   1.00 14.97 ? 78  ARG A C   1 
ATOM   502  O  O   . ARG A 1 72  ? -16.401 -4.628  1.500   1.00 8.11  ? 78  ARG A O   1 
ATOM   503  C  CB  . ARG A 1 72  ? -19.037 -3.861  3.101   1.00 8.11  ? 78  ARG A CB  1 
ATOM   504  C  CG  . ARG A 1 72  ? -20.536 -4.295  3.289   1.00 8.11  ? 78  ARG A CG  1 
ATOM   505  C  CD  . ARG A 1 72  ? -21.630 -3.325  2.834   1.00 8.11  ? 78  ARG A CD  1 
ATOM   506  N  NE  . ARG A 1 72  ? -21.354 -1.946  3.161   1.00 8.11  ? 78  ARG A NE  1 
ATOM   507  C  CZ  . ARG A 1 72  ? -21.395 -1.418  4.367   1.00 8.11  ? 78  ARG A CZ  1 
ATOM   508  N  NH1 . ARG A 1 72  ? -21.719 -2.138  5.403   1.00 8.11  ? 78  ARG A NH1 1 
ATOM   509  N  NH2 . ARG A 1 72  ? -20.962 -0.194  4.548   1.00 8.11  ? 78  ARG A NH2 1 
ATOM   510  N  N   . VAL A 1 73  ? -16.219 -2.502  2.259   1.00 6.77  ? 79  VAL A N   1 
ATOM   511  C  CA  . VAL A 1 73  ? -14.782 -2.647  2.458   1.00 6.77  ? 79  VAL A CA  1 
ATOM   512  C  C   . VAL A 1 73  ? -14.730 -3.501  3.727   1.00 6.77  ? 79  VAL A C   1 
ATOM   513  O  O   . VAL A 1 73  ? -15.362 -3.166  4.690   1.00 15.07 ? 79  VAL A O   1 
ATOM   514  C  CB  . VAL A 1 73  ? -14.074 -1.284  2.736   1.00 15.07 ? 79  VAL A CB  1 
ATOM   515  C  CG1 . VAL A 1 73  ? -12.576 -1.479  2.940   1.00 15.07 ? 79  VAL A CG1 1 
ATOM   516  C  CG2 . VAL A 1 73  ? -14.294 -0.307  1.580   1.00 15.07 ? 79  VAL A CG2 1 
ATOM   517  N  N   . THR A 1 74  ? -14.030 -4.625  3.716   1.00 21.75 ? 80  THR A N   1 
ATOM   518  C  CA  . THR A 1 74  ? -13.936 -5.472  4.898   1.00 21.75 ? 80  THR A CA  1 
ATOM   519  C  C   . THR A 1 74  ? -12.542 -5.461  5.578   1.00 21.75 ? 80  THR A C   1 
ATOM   520  O  O   . THR A 1 74  ? -12.421 -5.585  6.808   1.00 11.49 ? 80  THR A O   1 
ATOM   521  C  CB  . THR A 1 74  ? -14.345 -6.931  4.530   1.00 11.49 ? 80  THR A CB  1 
ATOM   522  O  OG1 . THR A 1 74  ? -13.548 -7.414  3.435   1.00 11.49 ? 80  THR A OG1 1 
ATOM   523  C  CG2 . THR A 1 74  ? -15.787 -6.939  4.091   1.00 11.49 ? 80  THR A CG2 1 
ATOM   524  N  N   . ASP A 1 75  ? -11.500 -5.386  4.756   1.00 10.98 ? 81  ASP A N   1 
ATOM   525  C  CA  . ASP A 1 75  ? -10.113 -5.385  5.195   1.00 10.98 ? 81  ASP A CA  1 
ATOM   526  C  C   . ASP A 1 75  ? -9.250  -4.304  4.524   1.00 10.98 ? 81  ASP A C   1 
ATOM   527  O  O   . ASP A 1 75  ? -9.515  -3.882  3.399   1.00 19.83 ? 81  ASP A O   1 
ATOM   528  C  CB  . ASP A 1 75  ? -9.466  -6.722  4.863   1.00 19.83 ? 81  ASP A CB  1 
ATOM   529  C  CG  . ASP A 1 75  ? -10.078 -7.869  5.604   1.00 19.83 ? 81  ASP A CG  1 
ATOM   530  O  OD1 . ASP A 1 75  ? -11.302 -7.887  5.732   1.00 19.83 ? 81  ASP A OD1 1 
ATOM   531  O  OD2 . ASP A 1 75  ? -9.374  -8.756  6.069   1.00 19.83 ? 81  ASP A OD2 1 
ATOM   532  N  N   . VAL A 1 76  ? -8.199  -3.888  5.229   1.00 21.96 ? 82  VAL A N   1 
ATOM   533  C  CA  . VAL A 1 76  ? -7.236  -2.902  4.742   1.00 21.96 ? 82  VAL A CA  1 
ATOM   534  C  C   . VAL A 1 76  ? -5.892  -3.402  5.227   1.00 21.96 ? 82  VAL A C   1 
ATOM   535  O  O   . VAL A 1 76  ? -5.788  -3.924  6.331   1.00 13.80 ? 82  VAL A O   1 
ATOM   536  C  CB  . VAL A 1 76  ? -7.444  -1.485  5.326   1.00 13.80 ? 82  VAL A CB  1 
ATOM   537  C  CG1 . VAL A 1 76  ? -6.341  -0.583  4.878   1.00 13.80 ? 82  VAL A CG1 1 
ATOM   538  C  CG2 . VAL A 1 76  ? -8.762  -0.911  4.878   1.00 13.80 ? 82  VAL A CG2 1 
ATOM   539  N  N   . ILE A 1 77  ? -4.894  -3.333  4.361   1.00 6.15  ? 83  ILE A N   1 
ATOM   540  C  CA  . ILE A 1 77  ? -3.525  -3.725  4.689   1.00 6.15  ? 83  ILE A CA  1 
ATOM   541  C  C   . ILE A 1 77  ? -2.643  -2.469  4.694   1.00 6.15  ? 83  ILE A C   1 
ATOM   542  O  O   . ILE A 1 77  ? -2.526  -1.803  3.698   1.00 5.66  ? 83  ILE A O   1 
ATOM   543  C  CB  . ILE A 1 77  ? -2.965  -4.707  3.656   1.00 5.66  ? 83  ILE A CB  1 
ATOM   544  C  CG1 . ILE A 1 77  ? -3.817  -5.977  3.608   1.00 5.66  ? 83  ILE A CG1 1 
ATOM   545  C  CG2 . ILE A 1 77  ? -1.489  -5.005  3.963   1.00 5.66  ? 83  ILE A CG2 1 
ATOM   546  C  CD1 . ILE A 1 77  ? -3.611  -6.762  2.330   1.00 5.66  ? 83  ILE A CD1 1 
ATOM   547  N  N   . ILE A 1 78  ? -2.078  -2.124  5.840   1.00 17.50 ? 84  ILE A N   1 
ATOM   548  C  CA  . ILE A 1 78  ? -1.227  -0.936  5.967   1.00 17.50 ? 84  ILE A CA  1 
ATOM   549  C  C   . ILE A 1 78  ? 0.242   -1.330  5.763   1.00 17.50 ? 84  ILE A C   1 
ATOM   550  O  O   . ILE A 1 78  ? 0.741   -2.236  6.446   1.00 16.42 ? 84  ILE A O   1 
ATOM   551  C  CB  . ILE A 1 78  ? -1.425  -0.311  7.357   1.00 16.42 ? 84  ILE A CB  1 
ATOM   552  C  CG1 . ILE A 1 78  ? -2.927  -0.135  7.605   1.00 16.42 ? 84  ILE A CG1 1 
ATOM   553  C  CG2 . ILE A 1 78  ? -0.645  1.001   7.486   1.00 16.42 ? 84  ILE A CG2 1 
ATOM   554  C  CD1 . ILE A 1 78  ? -3.245  0.329   8.958   1.00 16.42 ? 84  ILE A CD1 1 
ATOM   555  N  N   . THR A 1 79  ? 0.916   -0.659  4.822   1.00 5.79  ? 85  THR A N   1 
ATOM   556  C  CA  . THR A 1 79  ? 2.292   -0.992  4.496   1.00 5.79  ? 85  THR A CA  1 
ATOM   557  C  C   . THR A 1 79  ? 3.320   -0.372  5.444   1.00 5.79  ? 85  THR A C   1 
ATOM   558  O  O   . THR A 1 79  ? 4.440   -0.853  5.561   1.00 13.03 ? 85  THR A O   1 
ATOM   559  C  CB  . THR A 1 79  ? 2.592   -0.710  3.017   1.00 13.03 ? 85  THR A CB  1 
ATOM   560  O  OG1 . THR A 1 79  ? 2.306   0.657   2.735   1.00 13.03 ? 85  THR A OG1 1 
ATOM   561  C  CG2 . THR A 1 79  ? 1.742   -1.587  2.099   1.00 13.03 ? 85  THR A CG2 1 
ATOM   562  N  N   . HIS A 1 80  ? 2.968   0.709   6.116   1.00 9.12  ? 86  HIS A N   1 
ATOM   563  C  CA  . HIS A 1 80  ? 3.882   1.265   7.101   1.00 9.12  ? 86  HIS A CA  1 
ATOM   564  C  C   . HIS A 1 80  ? 3.220   2.362   7.919   1.00 9.12  ? 86  HIS A C   1 
ATOM   565  O  O   . HIS A 1 80  ? 2.273   2.983   7.455   1.00 8.47  ? 86  HIS A O   1 
ATOM   566  C  CB  . HIS A 1 80  ? 5.191   1.714   6.487   1.00 8.47  ? 86  HIS A CB  1 
ATOM   567  C  CG  . HIS A 1 80  ? 5.096   2.957   5.681   1.00 8.47  ? 86  HIS A CG  1 
ATOM   568  N  ND1 . HIS A 1 80  ? 5.056   2.982   4.306   1.00 8.47  ? 86  HIS A ND1 1 
ATOM   569  C  CD2 . HIS A 1 80  ? 5.152   4.253   6.062   1.00 8.47  ? 86  HIS A CD2 1 
ATOM   570  C  CE1 . HIS A 1 80  ? 5.110   4.249   3.939   1.00 8.47  ? 86  HIS A CE1 1 
ATOM   571  N  NE2 . HIS A 1 80  ? 5.170   5.046   4.978   1.00 8.47  ? 86  HIS A NE2 1 
ATOM   572  N  N   . ALA A 1 81  ? 3.722   2.567   9.140   1.00 10.64 ? 87  ALA A N   1 
ATOM   573  C  CA  . ALA A 1 81  ? 3.186   3.510   10.118  1.00 10.64 ? 87  ALA A CA  1 
ATOM   574  C  C   . ALA A 1 81  ? 3.295   5.013   9.962   1.00 10.64 ? 87  ALA A C   1 
ATOM   575  O  O   . ALA A 1 81  ? 3.327   5.721   10.946  1.00 22.49 ? 87  ALA A O   1 
ATOM   576  C  CB  . ALA A 1 81  ? 3.630   3.108   11.491  1.00 22.49 ? 87  ALA A CB  1 
ATOM   577  N  N   . HIS A 1 82  ? 3.338   5.532   8.751   1.00 18.02 ? 88  HIS A N   1 
ATOM   578  C  CA  . HIS A 1 82  ? 3.373   6.981   8.584   1.00 18.02 ? 88  HIS A CA  1 
ATOM   579  C  C   . HIS A 1 82  ? 1.954   7.441   8.188   1.00 18.02 ? 88  HIS A C   1 
ATOM   580  O  O   . HIS A 1 82  ? 1.214   6.691   7.547   1.00 19.92 ? 88  HIS A O   1 
ATOM   581  C  CB  . HIS A 1 82  ? 4.341   7.378   7.472   1.00 19.92 ? 88  HIS A CB  1 
ATOM   582  C  CG  . HIS A 1 82  ? 5.768   7.554   7.909   1.00 19.92 ? 88  HIS A CG  1 
ATOM   583  N  ND1 . HIS A 1 82  ? 6.772   7.752   6.995   1.00 19.92 ? 88  HIS A ND1 1 
ATOM   584  C  CD2 . HIS A 1 82  ? 6.289   7.626   9.165   1.00 19.92 ? 88  HIS A CD2 1 
ATOM   585  C  CE1 . HIS A 1 82  ? 7.868   7.943   7.702   1.00 19.92 ? 88  HIS A CE1 1 
ATOM   586  N  NE2 . HIS A 1 82  ? 7.639   7.882   9.013   1.00 19.92 ? 88  HIS A NE2 1 
ATOM   587  N  N   . ALA A 1 83  ? 1.610   8.690   8.505   1.00 24.40 ? 89  ALA A N   1 
ATOM   588  C  CA  . ALA A 1 83  ? 0.295   9.311   8.198   1.00 24.40 ? 89  ALA A CA  1 
ATOM   589  C  C   . ALA A 1 83  ? -0.383  8.963   6.859   1.00 24.40 ? 89  ALA A C   1 
ATOM   590  O  O   . ALA A 1 83  ? -1.547  8.583   6.820   1.00 25.52 ? 89  ALA A O   1 
ATOM   591  C  CB  . ALA A 1 83  ? 0.414   10.811  8.313   1.00 25.52 ? 89  ALA A CB  1 
ATOM   592  N  N   . ASP A 1 84  ? 0.319   9.150   5.753   1.00 18.04 ? 90  ASP A N   1 
ATOM   593  C  CA  . ASP A 1 84  ? -0.254  8.857   4.441   1.00 18.04 ? 90  ASP A CA  1 
ATOM   594  C  C   . ASP A 1 84  ? -0.812  7.457   4.291   1.00 18.04 ? 90  ASP A C   1 
ATOM   595  O  O   . ASP A 1 84  ? -1.599  7.208   3.389   1.00 27.00 ? 90  ASP A O   1 
ATOM   596  C  CB  . ASP A 1 84  ? 0.760   9.143   3.302   1.00 27.00 ? 90  ASP A CB  1 
ATOM   597  C  CG  . ASP A 1 84  ? 1.998   8.237   3.342   1.00 27.00 ? 90  ASP A CG  1 
ATOM   598  O  OD1 . ASP A 1 84  ? 2.476   7.894   4.444   1.00 27.00 ? 90  ASP A OD1 1 
ATOM   599  O  OD2 . ASP A 1 84  ? 2.502   7.881   2.251   1.00 27.00 ? 90  ASP A OD2 1 
ATOM   600  N  N   . ARG A 1 85  ? -0.368  6.528   5.130   1.00 13.59 ? 91  ARG A N   1 
ATOM   601  C  CA  . ARG A 1 85  ? -0.848  5.153   5.030   1.00 13.59 ? 91  ARG A CA  1 
ATOM   602  C  C   . ARG A 1 85  ? -1.814  4.807   6.158   1.00 13.59 ? 91  ARG A C   1 
ATOM   603  O  O   . ARG A 1 85  ? -2.723  4.018   5.952   1.00 15.60 ? 91  ARG A O   1 
ATOM   604  C  CB  . ARG A 1 85  ? 0.320   4.142   5.112   1.00 15.60 ? 91  ARG A CB  1 
ATOM   605  C  CG  . ARG A 1 85  ? 1.625   4.523   4.425   1.00 15.60 ? 91  ARG A CG  1 
ATOM   606  C  CD  . ARG A 1 85  ? 1.731   4.015   2.982   1.00 15.60 ? 91  ARG A CD  1 
ATOM   607  N  NE  . ARG A 1 85  ? 2.030   5.119   2.059   1.00 15.60 ? 91  ARG A NE  1 
ATOM   608  C  CZ  . ARG A 1 85  ? 1.820   5.072   0.753   1.00 15.60 ? 91  ARG A CZ  1 
ATOM   609  N  NH1 . ARG A 1 85  ? 1.337   3.970   0.209   1.00 15.60 ? 91  ARG A NH1 1 
ATOM   610  N  NH2 . ARG A 1 85  ? 1.989   6.145   0.015   1.00 15.60 ? 91  ARG A NH2 1 
ATOM   611  N  N   . ILE A 1 86  ? -1.607  5.412   7.325   1.00 17.83 ? 92  ILE A N   1 
ATOM   612  C  CA  . ILE A 1 86  ? -2.368  5.128   8.547   1.00 17.83 ? 92  ILE A CA  1 
ATOM   613  C  C   . ILE A 1 86  ? -3.314  6.231   9.084   1.00 17.83 ? 92  ILE A C   1 
ATOM   614  O  O   . ILE A 1 86  ? -3.909  6.097   10.176  1.00 16.13 ? 92  ILE A O   1 
ATOM   615  C  CB  . ILE A 1 86  ? -1.343  4.736   9.661   1.00 16.13 ? 92  ILE A CB  1 
ATOM   616  C  CG1 . ILE A 1 86  ? -1.807  3.500   10.407  1.00 16.13 ? 92  ILE A CG1 1 
ATOM   617  C  CG2 . ILE A 1 86  ? -1.091  5.877   10.629  1.00 16.13 ? 92  ILE A CG2 1 
ATOM   618  C  CD1 . ILE A 1 86  ? -0.825  3.029   11.454  1.00 16.13 ? 92  ILE A CD1 1 
ATOM   619  N  N   . GLY A 1 87  ? -3.484  7.276   8.280   1.00 11.54 ? 93  GLY A N   1 
ATOM   620  C  CA  . GLY A 1 87  ? -4.317  8.393   8.668   1.00 11.54 ? 93  GLY A CA  1 
ATOM   621  C  C   . GLY A 1 87  ? -5.748  8.078   9.014   1.00 11.54 ? 93  GLY A C   1 
ATOM   622  O  O   . GLY A 1 87  ? -6.285  8.618   9.978   1.00 16.21 ? 93  GLY A O   1 
ATOM   623  N  N   . GLY A 1 88  ? -6.364  7.184   8.257   1.00 12.99 ? 94  GLY A N   1 
ATOM   624  C  CA  . GLY A 1 88  ? -7.747  6.869   8.526   1.00 12.99 ? 94  GLY A CA  1 
ATOM   625  C  C   . GLY A 1 88  ? -8.027  5.672   9.406   1.00 12.99 ? 94  GLY A C   1 
ATOM   626  O  O   . GLY A 1 88  ? -9.137  5.154   9.360   1.00 46.79 ? 94  GLY A O   1 
ATOM   627  N  N   . ILE A 1 89  ? -7.085  5.277   10.260  1.00 12.53 ? 95  ILE A N   1 
ATOM   628  C  CA  . ILE A 1 89  ? -7.252  4.091   11.115  1.00 12.53 ? 95  ILE A CA  1 
ATOM   629  C  C   . ILE A 1 89  ? -8.423  4.236   12.094  1.00 12.53 ? 95  ILE A C   1 
ATOM   630  O  O   . ILE A 1 89  ? -9.070  3.265   12.445  1.00 7.52  ? 95  ILE A O   1 
ATOM   631  C  CB  . ILE A 1 89  ? -5.908  3.712   11.836  1.00 7.52  ? 95  ILE A CB  1 
ATOM   632  C  CG1 . ILE A 1 89  ? -6.068  2.456   12.686  1.00 7.52  ? 95  ILE A CG1 1 
ATOM   633  C  CG2 . ILE A 1 89  ? -5.374  4.864   12.658  1.00 7.52  ? 95  ILE A CG2 1 
ATOM   634  C  CD1 . ILE A 1 89  ? -5.856  1.180   11.960  1.00 7.52  ? 95  ILE A CD1 1 
ATOM   635  N  N   . LYS A 1 90  ? -8.765  5.470   12.428  1.00 10.77 ? 96  LYS A N   1 
ATOM   636  C  CA  . LYS A 1 90  ? -9.857  5.748   13.335  1.00 10.77 ? 96  LYS A CA  1 
ATOM   637  C  C   . LYS A 1 90  ? -11.156 5.391   12.616  1.00 10.77 ? 96  LYS A C   1 
ATOM   638  O  O   . LYS A 1 90  ? -12.001 4.728   13.178  1.00 34.39 ? 96  LYS A O   1 
ATOM   639  C  CB  . LYS A 1 90  ? -9.825  7.219   13.748  1.00 34.39 ? 96  LYS A CB  1 
ATOM   640  C  CG  . LYS A 1 90  ? -10.791 7.581   14.852  1.00 34.39 ? 96  LYS A CG  1 
ATOM   641  C  CD  . LYS A 1 90  ? -10.964 9.096   14.947  1.00 34.39 ? 96  LYS A CD  1 
ATOM   642  C  CE  . LYS A 1 90  ? -12.406 9.502   15.397  1.00 34.39 ? 96  LYS A CE  1 
ATOM   643  N  NZ  . LYS A 1 90  ? -12.777 9.263   16.874  1.00 34.39 ? 96  LYS A NZ  1 
ATOM   644  N  N   . THR A 1 91  ? -11.281 5.807   11.359  1.00 19.14 ? 97  THR A N   1 
ATOM   645  C  CA  . THR A 1 91  ? -12.441 5.512   10.503  1.00 19.14 ? 97  THR A CA  1 
ATOM   646  C  C   . THR A 1 91  ? -12.567 3.998   10.310  1.00 19.14 ? 97  THR A C   1 
ATOM   647  O  O   . THR A 1 91  ? -13.616 3.413   10.581  1.00 17.17 ? 97  THR A O   1 
ATOM   648  C  CB  . THR A 1 91  ? -12.275 6.178   9.113   1.00 17.17 ? 97  THR A CB  1 
ATOM   649  O  OG1 . THR A 1 91  ? -12.322 7.599   9.233   1.00 17.17 ? 97  THR A OG1 1 
ATOM   650  C  CG2 . THR A 1 91  ? -13.340 5.710   8.169   1.00 17.17 ? 97  THR A CG2 1 
ATOM   651  N  N   . LEU A 1 92  ? -11.502 3.354   9.845   1.00 15.13 ? 98  LEU A N   1 
ATOM   652  C  CA  . LEU A 1 92  ? -11.529 1.914   9.642   1.00 15.13 ? 98  LEU A CA  1 
ATOM   653  C  C   . LEU A 1 92  ? -12.023 1.238   10.932  1.00 15.13 ? 98  LEU A C   1 
ATOM   654  O  O   . LEU A 1 92  ? -12.931 0.428   10.915  1.00 17.43 ? 98  LEU A O   1 
ATOM   655  C  CB  . LEU A 1 92  ? -10.130 1.404   9.305   1.00 17.43 ? 98  LEU A CB  1 
ATOM   656  C  CG  . LEU A 1 92  ? -9.347  2.097   8.189   1.00 17.43 ? 98  LEU A CG  1 
ATOM   657  C  CD1 . LEU A 1 92  ? -8.094  1.284   7.875   1.00 17.43 ? 98  LEU A CD1 1 
ATOM   658  C  CD2 . LEU A 1 92  ? -10.184 2.251   6.951   1.00 17.43 ? 98  LEU A CD2 1 
ATOM   659  N  N   . LYS A 1 93  ? -11.440 1.670   12.043  1.00 34.31 ? 99  LYS A N   1 
ATOM   660  C  CA  . LYS A 1 93  ? -11.713 1.183   13.395  1.00 34.31 ? 99  LYS A CA  1 
ATOM   661  C  C   . LYS A 1 93  ? -13.188 1.312   13.831  1.00 34.31 ? 99  LYS A C   1 
ATOM   662  O  O   . LYS A 1 93  ? -13.827 0.335   14.217  1.00 22.77 ? 99  LYS A O   1 
ATOM   663  C  CB  . LYS A 1 93  ? -10.818 1.990   14.354  1.00 22.77 ? 99  LYS A CB  1 
ATOM   664  C  CG  . LYS A 1 93  ? -10.202 1.227   15.491  1.00 22.77 ? 99  LYS A CG  1 
ATOM   665  C  CD  . LYS A 1 93  ? -9.136  0.235   15.044  1.00 22.77 ? 99  LYS A CD  1 
ATOM   666  C  CE  . LYS A 1 93  ? -8.604  -0.552  16.247  1.00 22.77 ? 99  LYS A CE  1 
ATOM   667  N  NZ  . LYS A 1 93  ? -8.135  0.352   17.364  1.00 22.77 ? 99  LYS A NZ  1 
ATOM   668  N  N   . GLU A 1 94  ? -13.714 2.528   13.810  1.00 17.30 ? 100 GLU A N   1 
ATOM   669  C  CA  . GLU A 1 94  ? -15.088 2.764   14.207  1.00 17.30 ? 100 GLU A CA  1 
ATOM   670  C  C   . GLU A 1 94  ? -16.071 1.994   13.300  1.00 17.30 ? 100 GLU A C   1 
ATOM   671  O  O   . GLU A 1 94  ? -17.061 1.441   13.772  1.00 29.28 ? 100 GLU A O   1 
ATOM   672  C  CB  . GLU A 1 94  ? -15.403 4.277   14.202  1.00 29.28 ? 100 GLU A CB  1 
ATOM   673  C  CG  . GLU A 1 94  ? -15.538 4.917   12.820  1.00 29.28 ? 100 GLU A CG  1 
ATOM   674  C  CD  . GLU A 1 94  ? -15.589 6.467   12.817  1.00 29.28 ? 100 GLU A CD  1 
ATOM   675  O  OE1 . GLU A 1 94  ? -15.515 7.063   13.929  1.00 29.28 ? 100 GLU A OE1 1 
ATOM   676  O  OE2 . GLU A 1 94  ? -15.712 7.093   11.728  1.00 29.28 ? 100 GLU A OE2 1 
ATOM   677  N  N   . ARG A 1 95  ? -15.722 1.885   12.019  1.00 20.20 ? 101 ARG A N   1 
ATOM   678  C  CA  . ARG A 1 95  ? -16.542 1.226   11.008  1.00 20.20 ? 101 ARG A CA  1 
ATOM   679  C  C   . ARG A 1 95  ? -16.506 -0.275  10.964  1.00 20.20 ? 101 ARG A C   1 
ATOM   680  O  O   . ARG A 1 95  ? -17.229 -0.868  10.166  1.00 20.28 ? 101 ARG A O   1 
ATOM   681  C  CB  . ARG A 1 95  ? -16.169 1.742   9.627   1.00 20.28 ? 101 ARG A CB  1 
ATOM   682  C  CG  . ARG A 1 95  ? -16.520 3.184   9.385   1.00 20.28 ? 101 ARG A CG  1 
ATOM   683  C  CD  . ARG A 1 95  ? -16.151 3.506   7.995   1.00 20.28 ? 101 ARG A CD  1 
ATOM   684  N  NE  . ARG A 1 95  ? -16.664 4.792   7.509   1.00 20.28 ? 101 ARG A NE  1 
ATOM   685  C  CZ  . ARG A 1 95  ? -17.448 4.899   6.438   1.00 20.28 ? 101 ARG A CZ  1 
ATOM   686  N  NH1 . ARG A 1 95  ? -17.824 3.802   5.760   1.00 20.28 ? 101 ARG A NH1 1 
ATOM   687  N  NH2 . ARG A 1 95  ? -17.735 6.093   5.965   1.00 20.28 ? 101 ARG A NH2 1 
ATOM   688  N  N   . GLY A 1 96  ? -15.659 -0.896  11.771  1.00 2.00  ? 102 GLY A N   1 
ATOM   689  C  CA  . GLY A 1 96  ? -15.570 -2.337  11.768  1.00 2.00  ? 102 GLY A CA  1 
ATOM   690  C  C   . GLY A 1 96  ? -14.746 -2.940  10.644  1.00 2.00  ? 102 GLY A C   1 
ATOM   691  O  O   . GLY A 1 96  ? -14.946 -4.107  10.288  1.00 18.46 ? 102 GLY A O   1 
ATOM   692  N  N   . ILE A 1 97  ? -13.837 -2.154  10.066  1.00 14.53 ? 103 ILE A N   1 
ATOM   693  C  CA  . ILE A 1 97  ? -12.948 -2.635  8.991   1.00 14.53 ? 103 ILE A CA  1 
ATOM   694  C  C   . ILE A 1 97  ? -11.611 -3.156  9.566   1.00 14.53 ? 103 ILE A C   1 
ATOM   695  O  O   . ILE A 1 97  ? -10.981 -2.481  10.386  1.00 7.51  ? 103 ILE A O   1 
ATOM   696  C  CB  . ILE A 1 97  ? -12.668 -1.501  7.990   1.00 7.51  ? 103 ILE A CB  1 
ATOM   697  C  CG1 . ILE A 1 97  ? -14.002 -0.935  7.498   1.00 7.51  ? 103 ILE A CG1 1 
ATOM   698  C  CG2 . ILE A 1 97  ? -11.802 -2.017  6.823   1.00 7.51  ? 103 ILE A CG2 1 
ATOM   699  C  CD1 . ILE A 1 97  ? -13.891 0.300   6.641   1.00 7.51  ? 103 ILE A CD1 1 
ATOM   700  N  N   . LYS A 1 98  ? -11.180 -4.347  9.146   1.00 13.31 ? 104 LYS A N   1 
ATOM   701  C  CA  . LYS A 1 98  ? -9.936  -4.961  9.650   1.00 13.31 ? 104 LYS A CA  1 
ATOM   702  C  C   . LYS A 1 98  ? -8.663  -4.368  9.082   1.00 13.31 ? 104 LYS A C   1 
ATOM   703  O  O   . LYS A 1 98  ? -8.341  -4.575  7.922   1.00 17.84 ? 104 LYS A O   1 
ATOM   704  C  CB  . LYS A 1 98  ? -9.912  -6.482  9.427   1.00 17.84 ? 104 LYS A CB  1 
ATOM   705  C  CG  . LYS A 1 98  ? -10.607 -7.323  10.498  1.00 17.84 ? 104 LYS A CG  1 
ATOM   706  C  CD  . LYS A 1 98  ? -10.578 -8.839  10.179  1.00 17.84 ? 104 LYS A CD  1 
ATOM   707  C  CE  . LYS A 1 98  ? -9.185  -9.462  10.443  1.00 17.84 ? 104 LYS A CE  1 
ATOM   708  N  NZ  . LYS A 1 98  ? -8.945  -10.881 9.922   1.00 17.84 ? 104 LYS A NZ  1 
ATOM   709  N  N   . ALA A 1 99  ? -7.886  -3.750  9.963   1.00 8.20  ? 105 ALA A N   1 
ATOM   710  C  CA  . ALA A 1 99  ? -6.641  -3.080  9.627   1.00 8.20  ? 105 ALA A CA  1 
ATOM   711  C  C   . ALA A 1 99  ? -5.470  -3.996  9.924   1.00 8.20  ? 105 ALA A C   1 
ATOM   712  O  O   . ALA A 1 99  ? -5.092  -4.215  11.075  1.00 6.15  ? 105 ALA A O   1 
ATOM   713  C  CB  . ALA A 1 99  ? -6.516  -1.781  10.424  1.00 6.15  ? 105 ALA A CB  1 
ATOM   714  N  N   . HIS A 1 100 ? -4.942  -4.594  8.877   1.00 6.49  ? 106 HIS A N   1 
ATOM   715  C  CA  . HIS A 1 100 ? -3.817  -5.492  9.016   1.00 6.49  ? 106 HIS A CA  1 
ATOM   716  C  C   . HIS A 1 100 ? -2.474  -4.740  8.961   1.00 6.49  ? 106 HIS A C   1 
ATOM   717  O  O   . HIS A 1 100 ? -2.308  -3.753  8.244   1.00 21.54 ? 106 HIS A O   1 
ATOM   718  C  CB  . HIS A 1 100 ? -3.893  -6.549  7.913   1.00 21.54 ? 106 HIS A CB  1 
ATOM   719  C  CG  . HIS A 1 100 ? -5.198  -7.297  7.889   1.00 21.54 ? 106 HIS A CG  1 
ATOM   720  N  ND1 . HIS A 1 100 ? -5.511  -8.278  8.807   1.00 21.54 ? 106 HIS A ND1 1 
ATOM   721  C  CD2 . HIS A 1 100 ? -6.259  -7.213  7.053   1.00 21.54 ? 106 HIS A CD2 1 
ATOM   722  C  CE1 . HIS A 1 100 ? -6.703  -8.771  8.534   1.00 21.54 ? 106 HIS A CE1 1 
ATOM   723  N  NE2 . HIS A 1 100 ? -7.173  -8.142  7.476   1.00 21.54 ? 106 HIS A NE2 1 
ATOM   724  N  N   . SER A 1 101 ? -1.522  -5.214  9.740   1.00 20.88 ? 107 SER A N   1 
ATOM   725  C  CA  . SER A 1 101 ? -0.204  -4.613  9.771   1.00 20.88 ? 107 SER A CA  1 
ATOM   726  C  C   . SER A 1 101 ? 0.673   -5.647  10.426  1.00 20.88 ? 107 SER A C   1 
ATOM   727  O  O   . SER A 1 101 ? 0.186   -6.639  10.990  1.00 19.24 ? 107 SER A O   1 
ATOM   728  C  CB  . SER A 1 101 ? -0.205  -3.375  10.663  1.00 19.24 ? 107 SER A CB  1 
ATOM   729  O  OG  . SER A 1 101 ? -0.266  -3.778  12.016  1.00 19.24 ? 107 SER A OG  1 
ATOM   730  N  N   . THR A 1 102 ? 1.970   -5.428  10.334  1.00 5.14  ? 108 THR A N   1 
ATOM   731  C  CA  . THR A 1 102 ? 2.918   -6.301  10.991  1.00 5.14  ? 108 THR A CA  1 
ATOM   732  C  C   . THR A 1 102 ? 2.878   -5.798  12.455  1.00 5.14  ? 108 THR A C   1 
ATOM   733  O  O   . THR A 1 102 ? 2.248   -4.784  12.771  1.00 6.48  ? 108 THR A O   1 
ATOM   734  C  CB  . THR A 1 102 ? 4.337   -6.097  10.412  1.00 6.48  ? 108 THR A CB  1 
ATOM   735  O  OG1 . THR A 1 102 ? 4.681   -4.702  10.456  1.00 6.48  ? 108 THR A OG1 1 
ATOM   736  C  CG2 . THR A 1 102 ? 4.435   -6.628  8.988   1.00 6.48  ? 108 THR A CG2 1 
ATOM   737  N  N   . ALA A 1 103 ? 3.531   -6.513  13.353  1.00 2.00  ? 109 ALA A N   1 
ATOM   738  C  CA  . ALA A 1 103 ? 3.579   -6.105  14.759  1.00 2.00  ? 109 ALA A CA  1 
ATOM   739  C  C   . ALA A 1 103 ? 4.348   -4.791  14.968  1.00 2.00  ? 109 ALA A C   1 
ATOM   740  O  O   . ALA A 1 103 ? 3.986   -3.986  15.819  1.00 13.57 ? 109 ALA A O   1 
ATOM   741  C  CB  . ALA A 1 103 ? 4.211   -7.220  15.587  1.00 13.57 ? 109 ALA A CB  1 
ATOM   742  N  N   . LEU A 1 104 ? 5.412   -4.600  14.191  1.00 2.00  ? 110 LEU A N   1 
ATOM   743  C  CA  . LEU A 1 104 ? 6.248   -3.411  14.255  1.00 2.00  ? 110 LEU A CA  1 
ATOM   744  C  C   . LEU A 1 104 ? 5.420   -2.181  13.870  1.00 2.00  ? 110 LEU A C   1 
ATOM   745  O  O   . LEU A 1 104 ? 5.418   -1.169  14.570  1.00 7.43  ? 110 LEU A O   1 
ATOM   746  C  CB  . LEU A 1 104 ? 7.414   -3.565  13.283  1.00 7.43  ? 110 LEU A CB  1 
ATOM   747  C  CG  . LEU A 1 104 ? 8.867   -3.153  13.584  1.00 7.43  ? 110 LEU A CG  1 
ATOM   748  C  CD1 . LEU A 1 104 ? 9.471   -2.652  12.282  1.00 7.43  ? 110 LEU A CD1 1 
ATOM   749  C  CD2 . LEU A 1 104 ? 9.002   -2.093  14.665  1.00 7.43  ? 110 LEU A CD2 1 
ATOM   750  N  N   . THR A 1 105 ? 4.743   -2.269  12.723  1.00 8.48  ? 111 THR A N   1 
ATOM   751  C  CA  . THR A 1 105 ? 3.893   -1.187  12.224  1.00 8.48  ? 111 THR A CA  1 
ATOM   752  C  C   . THR A 1 105 ? 2.950   -0.796  13.326  1.00 8.48  ? 111 THR A C   1 
ATOM   753  O  O   . THR A 1 105 ? 2.911   0.353   13.710  1.00 7.68  ? 111 THR A O   1 
ATOM   754  C  CB  . THR A 1 105 ? 3.114   -1.626  11.013  1.00 7.68  ? 111 THR A CB  1 
ATOM   755  O  OG1 . THR A 1 105 ? 4.044   -2.083  10.030  1.00 7.68  ? 111 THR A OG1 1 
ATOM   756  C  CG2 . THR A 1 105 ? 2.290   -0.493  10.446  1.00 7.68  ? 111 THR A CG2 1 
ATOM   757  N  N   . ALA A 1 106 ? 2.293   -1.782  13.923  1.00 11.70 ? 112 ALA A N   1 
ATOM   758  C  CA  . ALA A 1 106 ? 1.352   -1.533  15.001  1.00 11.70 ? 112 ALA A CA  1 
ATOM   759  C  C   . ALA A 1 106 ? 1.993   -0.849  16.203  1.00 11.70 ? 112 ALA A C   1 
ATOM   760  O  O   . ALA A 1 106 ? 1.471   0.145   16.735  1.00 20.41 ? 112 ALA A O   1 
ATOM   761  C  CB  . ALA A 1 106 ? 0.708   -2.834  15.435  1.00 20.41 ? 112 ALA A CB  1 
ATOM   762  N  N   . GLU A 1 107 ? 3.136   -1.359  16.634  1.00 4.99  ? 113 GLU A N   1 
ATOM   763  C  CA  . GLU A 1 107 ? 3.760   -0.724  17.772  1.00 4.99  ? 113 GLU A CA  1 
ATOM   764  C  C   . GLU A 1 107 ? 4.288   0.673   17.429  1.00 4.99  ? 113 GLU A C   1 
ATOM   765  O  O   . GLU A 1 107 ? 4.378   1.553   18.297  1.00 25.05 ? 113 GLU A O   1 
ATOM   766  C  CB  . GLU A 1 107 ? 4.808   -1.634  18.402  1.00 25.05 ? 113 GLU A CB  1 
ATOM   767  C  CG  . GLU A 1 107 ? 6.223   -1.547  17.885  1.00 25.05 ? 113 GLU A CG  1 
ATOM   768  C  CD  . GLU A 1 107 ? 7.113   -2.489  18.668  1.00 25.05 ? 113 GLU A CD  1 
ATOM   769  O  OE1 . GLU A 1 107 ? 7.257   -3.660  18.212  1.00 25.05 ? 113 GLU A OE1 1 
ATOM   770  O  OE2 . GLU A 1 107 ? 7.723   -2.031  19.673  1.00 25.05 ? 113 GLU A OE2 1 
ATOM   771  N  N   . LEU A 1 108 ? 4.577   0.896   16.147  1.00 6.81  ? 114 LEU A N   1 
ATOM   772  C  CA  . LEU A 1 108 ? 5.051   2.192   15.695  1.00 6.81  ? 114 LEU A CA  1 
ATOM   773  C  C   . LEU A 1 108 ? 3.849   3.132   15.618  1.00 6.81  ? 114 LEU A C   1 
ATOM   774  O  O   . LEU A 1 108 ? 3.930   4.273   16.028  1.00 17.62 ? 114 LEU A O   1 
ATOM   775  C  CB  . LEU A 1 108 ? 5.801   2.089   14.362  1.00 17.62 ? 114 LEU A CB  1 
ATOM   776  C  CG  . LEU A 1 108 ? 7.144   1.332   14.261  1.00 17.62 ? 114 LEU A CG  1 
ATOM   777  C  CD1 . LEU A 1 108 ? 7.785   1.499   12.876  1.00 17.62 ? 114 LEU A CD1 1 
ATOM   778  C  CD2 . LEU A 1 108 ? 8.108   1.843   15.309  1.00 17.62 ? 114 LEU A CD2 1 
ATOM   779  N  N   . ALA A 1 109 ? 2.696   2.633   15.200  1.00 20.39 ? 115 ALA A N   1 
ATOM   780  C  CA  . ALA A 1 109 ? 1.498   3.490   15.142  1.00 20.39 ? 115 ALA A CA  1 
ATOM   781  C  C   . ALA A 1 109 ? 1.192   3.922   16.571  1.00 20.39 ? 115 ALA A C   1 
ATOM   782  O  O   . ALA A 1 109 ? 0.919   5.098   16.839  1.00 13.47 ? 115 ALA A O   1 
ATOM   783  C  CB  . ALA A 1 109 ? 0.313   2.736   14.545  1.00 13.47 ? 115 ALA A CB  1 
ATOM   784  N  N   . LYS A 1 110 ? 1.318   2.967   17.485  1.00 19.18 ? 116 LYS A N   1 
ATOM   785  C  CA  . LYS A 1 110 ? 1.073   3.195   18.894  1.00 19.18 ? 116 LYS A CA  1 
ATOM   786  C  C   . LYS A 1 110 ? 1.987   4.315   19.422  1.00 19.18 ? 116 LYS A C   1 
ATOM   787  O  O   . LYS A 1 110 ? 1.522   5.324   19.960  1.00 54.75 ? 116 LYS A O   1 
ATOM   788  C  CB  . LYS A 1 110 ? 1.335   1.892   19.636  1.00 54.75 ? 116 LYS A CB  1 
ATOM   789  C  CG  . LYS A 1 110 ? 0.998   1.901   21.128  1.00 54.75 ? 116 LYS A CG  1 
ATOM   790  C  CD  . LYS A 1 110 ? 0.956   0.460   21.667  1.00 54.75 ? 116 LYS A CD  1 
ATOM   791  C  CE  . LYS A 1 110 ? 0.503   0.365   23.137  1.00 54.75 ? 116 LYS A CE  1 
ATOM   792  N  NZ  . LYS A 1 110 ? 0.149   -1.058  23.472  1.00 54.75 ? 116 LYS A NZ  1 
ATOM   793  N  N   . LYS A 1 111 ? 3.282   4.145   19.162  1.00 33.44 ? 117 LYS A N   1 
ATOM   794  C  CA  . LYS A 1 111 ? 4.355   5.057   19.569  1.00 33.44 ? 117 LYS A CA  1 
ATOM   795  C  C   . LYS A 1 111 ? 4.094   6.479   19.069  1.00 33.44 ? 117 LYS A C   1 
ATOM   796  O  O   . LYS A 1 111 ? 4.493   7.464   19.690  1.00 37.06 ? 117 LYS A O   1 
ATOM   797  C  CB  . LYS A 1 111 ? 5.678   4.509   18.991  1.00 37.06 ? 117 LYS A CB  1 
ATOM   798  C  CG  . LYS A 1 111 ? 6.978   5.144   19.452  1.00 37.06 ? 117 LYS A CG  1 
ATOM   799  C  CD  . LYS A 1 111 ? 8.168   4.475   18.761  1.00 37.06 ? 117 LYS A CD  1 
ATOM   800  C  CE  . LYS A 1 111 ? 9.521   4.835   19.414  1.00 37.06 ? 117 LYS A CE  1 
ATOM   801  N  NZ  . LYS A 1 111 ? 10.722  4.255   18.709  1.00 37.06 ? 117 LYS A NZ  1 
ATOM   802  N  N   . ASN A 1 112 ? 3.424   6.594   17.939  1.00 19.11 ? 118 ASN A N   1 
ATOM   803  C  CA  . ASN A 1 112 ? 3.139   7.893   17.388  1.00 19.11 ? 118 ASN A CA  1 
ATOM   804  C  C   . ASN A 1 112 ? 1.743   8.412   17.693  1.00 19.11 ? 118 ASN A C   1 
ATOM   805  O  O   . ASN A 1 112 ? 1.303   9.390   17.088  1.00 24.31 ? 118 ASN A O   1 
ATOM   806  C  CB  . ASN A 1 112 ? 3.397   7.877   15.897  1.00 24.31 ? 118 ASN A CB  1 
ATOM   807  C  CG  . ASN A 1 112 ? 4.835   7.569   15.584  1.00 24.31 ? 118 ASN A CG  1 
ATOM   808  O  OD1 . ASN A 1 112 ? 5.248   6.412   15.548  1.00 24.31 ? 118 ASN A OD1 1 
ATOM   809  N  ND2 . ASN A 1 112 ? 5.628   8.611   15.404  1.00 24.31 ? 118 ASN A ND2 1 
ATOM   810  N  N   . GLY A 1 113 ? 1.067   7.760   18.639  1.00 21.17 ? 119 GLY A N   1 
ATOM   811  C  CA  . GLY A 1 113 ? -0.275  8.175   19.034  1.00 21.17 ? 119 GLY A CA  1 
ATOM   812  C  C   . GLY A 1 113 ? -1.416  7.883   18.063  1.00 21.17 ? 119 GLY A C   1 
ATOM   813  O  O   . GLY A 1 113 ? -2.233  8.764   17.751  1.00 20.74 ? 119 GLY A O   1 
ATOM   814  N  N   . TYR A 1 114 ? -1.459  6.662   17.543  1.00 26.77 ? 120 TYR A N   1 
ATOM   815  C  CA  . TYR A 1 114 ? -2.520  6.260   16.620  1.00 26.77 ? 120 TYR A CA  1 
ATOM   816  C  C   . TYR A 1 114 ? -3.169  4.992   17.120  1.00 26.77 ? 120 TYR A C   1 
ATOM   817  O  O   . TYR A 1 114 ? -2.602  4.278   17.949  1.00 35.39 ? 120 TYR A O   1 
ATOM   818  C  CB  . TYR A 1 114 ? -1.964  5.969   15.248  1.00 35.39 ? 120 TYR A CB  1 
ATOM   819  C  CG  . TYR A 1 114 ? -1.676  7.182   14.447  1.00 35.39 ? 120 TYR A CG  1 
ATOM   820  C  CD1 . TYR A 1 114 ? -0.476  7.862   14.601  1.00 35.39 ? 120 TYR A CD1 1 
ATOM   821  C  CD2 . TYR A 1 114 ? -2.567  7.619   13.469  1.00 35.39 ? 120 TYR A CD2 1 
ATOM   822  C  CE1 . TYR A 1 114 ? -0.159  8.947   13.797  1.00 35.39 ? 120 TYR A CE1 1 
ATOM   823  C  CE2 . TYR A 1 114 ? -2.264  8.703   12.658  1.00 35.39 ? 120 TYR A CE2 1 
ATOM   824  C  CZ  . TYR A 1 114 ? -1.050  9.357   12.833  1.00 35.39 ? 120 TYR A CZ  1 
ATOM   825  O  OH  . TYR A 1 114 ? -0.716  10.412  12.027  1.00 35.39 ? 120 TYR A OH  1 
ATOM   826  N  N   . GLU A 1 115 ? -4.378  4.727   16.641  1.00 19.01 ? 121 GLU A N   1 
ATOM   827  C  CA  . GLU A 1 115 ? -5.065  3.511   17.022  1.00 19.01 ? 121 GLU A CA  1 
ATOM   828  C  C   . GLU A 1 115 ? -4.178  2.380   16.510  1.00 19.01 ? 121 GLU A C   1 
ATOM   829  O  O   . GLU A 1 115 ? -3.584  2.453   15.433  1.00 40.21 ? 121 GLU A O   1 
ATOM   830  C  CB  . GLU A 1 115 ? -6.465  3.442   16.401  1.00 40.21 ? 121 GLU A CB  1 
ATOM   831  C  CG  . GLU A 1 115 ? -7.477  4.455   16.947  1.00 40.21 ? 121 GLU A CG  1 
ATOM   832  C  CD  . GLU A 1 115 ? -7.903  4.144   18.375  1.00 40.21 ? 121 GLU A CD  1 
ATOM   833  O  OE1 . GLU A 1 115 ? -8.109  2.938   18.684  1.00 40.21 ? 121 GLU A OE1 1 
ATOM   834  O  OE2 . GLU A 1 115 ? -8.012  5.092   19.198  1.00 40.21 ? 121 GLU A OE2 1 
ATOM   835  N  N   . GLU A 1 116 ? -4.025  1.365   17.330  1.00 15.94 ? 122 GLU A N   1 
ATOM   836  C  CA  . GLU A 1 116 ? -3.195  0.262   16.968  1.00 15.94 ? 122 GLU A CA  1 
ATOM   837  C  C   . GLU A 1 116 ? -3.823  -0.741  15.976  1.00 15.94 ? 122 GLU A C   1 
ATOM   838  O  O   . GLU A 1 116 ? -4.956  -1.184  16.157  1.00 45.06 ? 122 GLU A O   1 
ATOM   839  C  CB  . GLU A 1 116 ? -2.747  -0.441  18.242  1.00 45.06 ? 122 GLU A CB  1 
ATOM   840  C  CG  . GLU A 1 116 ? -1.444  -1.187  18.104  1.00 45.06 ? 122 GLU A CG  1 
ATOM   841  C  CD  . GLU A 1 116 ? -1.147  -2.065  19.290  1.00 45.06 ? 122 GLU A CD  1 
ATOM   842  O  OE1 . GLU A 1 116 ? -1.167  -1.553  20.431  1.00 45.06 ? 122 GLU A OE1 1 
ATOM   843  O  OE2 . GLU A 1 116 ? -0.904  -3.275  19.072  1.00 45.06 ? 122 GLU A OE2 1 
ATOM   844  N  N   . PRO A 1 117 ? -3.177  -0.937  14.808  1.00 10.32 ? 123 PRO A N   1 
ATOM   845  C  CA  . PRO A 1 117 ? -3.669  -1.887  13.820  1.00 10.32 ? 123 PRO A CA  1 
ATOM   846  C  C   . PRO A 1 117 ? -3.522  -3.253  14.465  1.00 10.32 ? 123 PRO A C   1 
ATOM   847  O  O   . PRO A 1 117 ? -3.077  -3.413  15.606  1.00 16.91 ? 123 PRO A O   1 
ATOM   848  C  CB  . PRO A 1 117 ? -2.689  -1.716  12.663  1.00 16.91 ? 123 PRO A CB  1 
ATOM   849  C  CG  . PRO A 1 117 ? -2.443  -0.296  12.668  1.00 16.91 ? 123 PRO A CG  1 
ATOM   850  C  CD  . PRO A 1 117 ? -2.294  0.051   14.149  1.00 16.91 ? 123 PRO A CD  1 
ATOM   851  N  N   . LEU A 1 118 ? -3.820  -4.256  13.692  1.00 10.08 ? 124 LEU A N   1 
ATOM   852  C  CA  . LEU A 1 118 ? -3.810  -5.591  14.195  1.00 10.08 ? 124 LEU A CA  1 
ATOM   853  C  C   . LEU A 1 118 ? -2.483  -6.207  14.563  1.00 10.08 ? 124 LEU A C   1 
ATOM   854  O  O   . LEU A 1 118 ? -2.455  -7.127  15.370  1.00 22.56 ? 124 LEU A O   1 
ATOM   855  C  CB  . LEU A 1 118 ? -4.547  -6.514  13.202  1.00 22.56 ? 124 LEU A CB  1 
ATOM   856  C  CG  . LEU A 1 118 ? -6.078  -6.416  13.117  1.00 22.56 ? 124 LEU A CG  1 
ATOM   857  C  CD1 . LEU A 1 118 ? -6.659  -7.496  12.211  1.00 22.56 ? 124 LEU A CD1 1 
ATOM   858  C  CD2 . LEU A 1 118 ? -6.641  -6.560  14.511  1.00 22.56 ? 124 LEU A CD2 1 
ATOM   859  N  N   . GLY A 1 119 ? -1.401  -5.761  13.935  1.00 2.00  ? 125 GLY A N   1 
ATOM   860  C  CA  . GLY A 1 119 ? -0.114  -6.371  14.213  1.00 2.00  ? 125 GLY A CA  1 
ATOM   861  C  C   . GLY A 1 119 ? -0.223  -7.866  13.967  1.00 2.00  ? 125 GLY A C   1 
ATOM   862  O  O   . GLY A 1 119 ? 0.323   -8.686  14.700  1.00 22.06 ? 125 GLY A O   1 
ATOM   863  N  N   . ASP A 1 120 ? -0.867  -8.224  12.870  1.00 13.32 ? 126 ASP A N   1 
ATOM   864  C  CA  . ASP A 1 120 ? -1.082  -9.635  12.591  1.00 13.32 ? 126 ASP A CA  1 
ATOM   865  C  C   . ASP A 1 120 ? -0.214  -10.297 11.559  1.00 13.32 ? 126 ASP A C   1 
ATOM   866  O  O   . ASP A 1 120 ? -0.066  -11.523 11.554  1.00 17.62 ? 126 ASP A O   1 
ATOM   867  C  CB  . ASP A 1 120 ? -2.575  -9.891  12.296  1.00 17.62 ? 126 ASP A CB  1 
ATOM   868  C  CG  . ASP A 1 120 ? -3.120  -9.061  11.128  1.00 17.62 ? 126 ASP A CG  1 
ATOM   869  O  OD1 . ASP A 1 120 ? -2.893  -7.822  11.049  1.00 17.62 ? 126 ASP A OD1 1 
ATOM   870  O  OD2 . ASP A 1 120 ? -3.797  -9.679  10.295  1.00 17.62 ? 126 ASP A OD2 1 
ATOM   871  N  N   . LEU A 1 121 ? 0.366   -9.491  10.684  1.00 17.23 ? 127 LEU A N   1 
ATOM   872  C  CA  . LEU A 1 121 ? 1.194   -10.049 9.630   1.00 17.23 ? 127 LEU A CA  1 
ATOM   873  C  C   . LEU A 1 121 ? 2.577   -10.438 10.151  1.00 17.23 ? 127 LEU A C   1 
ATOM   874  O  O   . LEU A 1 121 ? 3.086   -9.866  11.128  1.00 15.07 ? 127 LEU A O   1 
ATOM   875  C  CB  . LEU A 1 121 ? 1.309   -9.063  8.447   1.00 15.07 ? 127 LEU A CB  1 
ATOM   876  C  CG  . LEU A 1 121 ? 0.091   -8.279  7.900   1.00 15.07 ? 127 LEU A CG  1 
ATOM   877  C  CD1 . LEU A 1 121 ? 0.554   -7.378  6.779   1.00 15.07 ? 127 LEU A CD1 1 
ATOM   878  C  CD2 . LEU A 1 121 ? -1.048  -9.176  7.412   1.00 15.07 ? 127 LEU A CD2 1 
ATOM   879  N  N   . GLN A 1 122 ? 3.145   -11.466 9.542   1.00 21.89 ? 128 GLN A N   1 
ATOM   880  C  CA  . GLN A 1 122 ? 4.474   -11.913 9.902   1.00 21.89 ? 128 GLN A CA  1 
ATOM   881  C  C   . GLN A 1 122 ? 5.315   -11.597 8.667   1.00 21.89 ? 128 GLN A C   1 
ATOM   882  O  O   . GLN A 1 122 ? 4.769   -11.080 7.696   1.00 61.34 ? 128 GLN A O   1 
ATOM   883  C  CB  . GLN A 1 122 ? 4.485   -13.405 10.282  1.00 61.34 ? 128 GLN A CB  1 
ATOM   884  C  CG  . GLN A 1 122 ? 3.868   -13.759 11.698  1.00 61.34 ? 128 GLN A CG  1 
ATOM   885  C  CD  . GLN A 1 122 ? 4.749   -13.369 12.961  1.00 61.34 ? 128 GLN A CD  1 
ATOM   886  O  OE1 . GLN A 1 122 ? 4.365   -12.502 13.778  1.00 61.34 ? 128 GLN A OE1 1 
ATOM   887  N  NE2 . GLN A 1 122 ? 5.886   -14.064 13.147  1.00 61.34 ? 128 GLN A NE2 1 
ATOM   888  N  N   . THR A 1 123 ? 6.611   -11.892 8.677   1.00 27.38 ? 129 THR A N   1 
ATOM   889  C  CA  . THR A 1 123 ? 7.491   -11.565 7.550   1.00 27.38 ? 129 THR A CA  1 
ATOM   890  C  C   . THR A 1 123 ? 6.915   -11.870 6.162   1.00 27.38 ? 129 THR A C   1 
ATOM   891  O  O   . THR A 1 123 ? 7.025   -11.072 5.225   1.00 23.17 ? 129 THR A O   1 
ATOM   892  C  CB  . THR A 1 123 ? 8.856   -12.222 7.778   1.00 23.17 ? 129 THR A CB  1 
ATOM   893  O  OG1 . THR A 1 123 ? 9.332   -11.823 9.072   1.00 23.17 ? 129 THR A OG1 1 
ATOM   894  C  CG2 . THR A 1 123 ? 9.870   -11.787 6.715   1.00 23.17 ? 129 THR A CG2 1 
ATOM   895  N  N   . VAL A 1 124 ? 6.328   -13.045 6.032   1.00 18.22 ? 130 VAL A N   1 
ATOM   896  C  CA  . VAL A 1 124 ? 5.680   -13.448 4.802   1.00 18.22 ? 130 VAL A CA  1 
ATOM   897  C  C   . VAL A 1 124 ? 4.316   -13.945 5.233   1.00 18.22 ? 130 VAL A C   1 
ATOM   898  O  O   . VAL A 1 124 ? 4.203   -14.826 6.096   1.00 23.50 ? 130 VAL A O   1 
ATOM   899  C  CB  . VAL A 1 124 ? 6.420   -14.556 4.057   1.00 23.50 ? 130 VAL A CB  1 
ATOM   900  C  CG1 . VAL A 1 124 ? 5.469   -15.316 3.143   1.00 23.50 ? 130 VAL A CG1 1 
ATOM   901  C  CG2 . VAL A 1 124 ? 7.490   -13.943 3.204   1.00 23.50 ? 130 VAL A CG2 1 
ATOM   902  N  N   . THR A 1 125 ? 3.276   -13.331 4.680   1.00 16.44 ? 131 THR A N   1 
ATOM   903  C  CA  . THR A 1 125 ? 1.931   -13.724 5.023   1.00 16.44 ? 131 THR A CA  1 
ATOM   904  C  C   . THR A 1 125 ? 1.108   -13.900 3.742   1.00 16.44 ? 131 THR A C   1 
ATOM   905  O  O   . THR A 1 125 ? 1.142   -13.076 2.842   1.00 17.53 ? 131 THR A O   1 
ATOM   906  C  CB  . THR A 1 125 ? 1.302   -12.696 6.034   1.00 17.53 ? 131 THR A CB  1 
ATOM   907  O  OG1 . THR A 1 125 ? 2.241   -12.415 7.087   1.00 17.53 ? 131 THR A OG1 1 
ATOM   908  C  CG2 . THR A 1 125 ? 0.004   -13.249 6.675   1.00 17.53 ? 131 THR A CG2 1 
ATOM   909  N  N   . ASN A 1 126 ? 0.417   -15.025 3.657   1.00 22.74 ? 132 ASN A N   1 
ATOM   910  C  CA  . ASN A 1 126 ? -0.426  -15.335 2.516   1.00 22.74 ? 132 ASN A CA  1 
ATOM   911  C  C   . ASN A 1 126 ? -1.856  -15.208 2.991   1.00 22.74 ? 132 ASN A C   1 
ATOM   912  O  O   . ASN A 1 126 ? -2.299  -15.946 3.875   1.00 27.08 ? 132 ASN A O   1 
ATOM   913  C  CB  . ASN A 1 126 ? -0.180  -16.758 2.027   1.00 27.08 ? 132 ASN A CB  1 
ATOM   914  C  CG  . ASN A 1 126 ? 1.290   -17.064 1.830   1.00 27.08 ? 132 ASN A CG  1 
ATOM   915  O  OD1 . ASN A 1 126 ? 1.916   -16.605 0.869   1.00 27.08 ? 132 ASN A OD1 1 
ATOM   916  N  ND2 . ASN A 1 126 ? 1.855   -17.839 2.750   1.00 27.08 ? 132 ASN A ND2 1 
ATOM   917  N  N   . LEU A 1 127 ? -2.541  -14.189 2.491   1.00 21.58 ? 133 LEU A N   1 
ATOM   918  C  CA  . LEU A 1 127 ? -3.931  -13.926 2.835   1.00 21.58 ? 133 LEU A CA  1 
ATOM   919  C  C   . LEU A 1 127 ? -4.765  -14.435 1.661   1.00 21.58 ? 133 LEU A C   1 
ATOM   920  O  O   . LEU A 1 127 ? -4.253  -14.638 0.554   1.00 22.34 ? 133 LEU A O   1 
ATOM   921  C  CB  . LEU A 1 127 ? -4.138  -12.419 3.063   1.00 22.34 ? 133 LEU A CB  1 
ATOM   922  C  CG  . LEU A 1 127 ? -3.111  -11.844 4.046   1.00 22.34 ? 133 LEU A CG  1 
ATOM   923  C  CD1 . LEU A 1 127 ? -3.189  -10.342 4.134   1.00 22.34 ? 133 LEU A CD1 1 
ATOM   924  C  CD2 . LEU A 1 127 ? -3.334  -12.470 5.400   1.00 22.34 ? 133 LEU A CD2 1 
ATOM   925  N  N   . LYS A 1 128 ? -6.061  -14.592 1.891   1.00 23.52 ? 134 LYS A N   1 
ATOM   926  C  CA  . LYS A 1 128 ? -6.962  -15.121 0.875   1.00 23.52 ? 134 LYS A CA  1 
ATOM   927  C  C   . LYS A 1 128 ? -8.317  -14.469 1.070   1.00 23.52 ? 134 LYS A C   1 
ATOM   928  O  O   . LYS A 1 128 ? -8.925  -14.630 2.122   1.00 36.45 ? 134 LYS A O   1 
ATOM   929  C  CB  . LYS A 1 128 ? -7.101  -16.624 1.100   1.00 36.45 ? 134 LYS A CB  1 
ATOM   930  C  CG  . LYS A 1 128 ? -7.835  -17.353 0.018   1.00 36.45 ? 134 LYS A CG  1 
ATOM   931  C  CD  . LYS A 1 128 ? -6.890  -17.921 -0.998  1.00 36.45 ? 134 LYS A CD  1 
ATOM   932  C  CE  . LYS A 1 128 ? -7.635  -18.781 -2.009  1.00 36.45 ? 134 LYS A CE  1 
ATOM   933  N  NZ  . LYS A 1 128 ? -8.750  -18.024 -2.689  1.00 36.45 ? 134 LYS A NZ  1 
ATOM   934  N  N   . PHE A 1 129 ? -8.751  -13.678 0.101   1.00 11.77 ? 135 PHE A N   1 
ATOM   935  C  CA  . PHE A 1 129 ? -10.046 -13.015 0.179   1.00 11.77 ? 135 PHE A CA  1 
ATOM   936  C  C   . PHE A 1 129 ? -10.891 -13.489 -1.000  1.00 11.77 ? 135 PHE A C   1 
ATOM   937  O  O   . PHE A 1 129 ? -10.813 -12.957 -2.111  1.00 18.73 ? 135 PHE A O   1 
ATOM   938  C  CB  . PHE A 1 129 ? -9.893  -11.482 0.182   1.00 18.73 ? 135 PHE A CB  1 
ATOM   939  C  CG  . PHE A 1 129 ? -8.832  -10.971 1.153   1.00 18.73 ? 135 PHE A CG  1 
ATOM   940  C  CD1 . PHE A 1 129 ? -9.162  -10.654 2.478   1.00 18.73 ? 135 PHE A CD1 1 
ATOM   941  C  CD2 . PHE A 1 129 ? -7.510  -10.687 0.691   1.00 18.73 ? 135 PHE A CD2 1 
ATOM   942  C  CE1 . PHE A 1 129 ? -8.209  -10.085 3.328   1.00 18.73 ? 135 PHE A CE1 1 
ATOM   943  C  CE2 . PHE A 1 129 ? -6.546  -10.113 1.532   1.00 18.73 ? 135 PHE A CE2 1 
ATOM   944  C  CZ  . PHE A 1 129 ? -6.889  -9.797  2.836   1.00 18.73 ? 135 PHE A CZ  1 
ATOM   945  N  N   . GLY A 1 130 ? -11.668 -14.533 -0.725  1.00 17.38 ? 136 GLY A N   1 
ATOM   946  C  CA  . GLY A 1 130 ? -12.487 -15.149 -1.738  1.00 17.38 ? 136 GLY A CA  1 
ATOM   947  C  C   . GLY A 1 130 ? -11.598 -15.707 -2.816  1.00 17.38 ? 136 GLY A C   1 
ATOM   948  O  O   . GLY A 1 130 ? -10.894 -16.686 -2.596  1.00 32.43 ? 136 GLY A O   1 
ATOM   949  N  N   . ASN A 1 131 ? -11.653 -15.102 -3.992  1.00 42.15 ? 137 ASN A N   1 
ATOM   950  C  CA  . ASN A 1 131 ? -10.807 -15.534 -5.095  1.00 42.15 ? 137 ASN A CA  1 
ATOM   951  C  C   . ASN A 1 131 ? -9.385  -14.981 -4.897  1.00 42.15 ? 137 ASN A C   1 
ATOM   952  O  O   . ASN A 1 131 ? -8.393  -15.661 -5.182  1.00 42.58 ? 137 ASN A O   1 
ATOM   953  C  CB  . ASN A 1 131 ? -11.386 -15.050 -6.452  0.00 30.00 ? 137 ASN A CB  1 
ATOM   954  C  CG  . ASN A 1 131 ? -11.390 -13.500 -6.618  0.00 30.00 ? 137 ASN A CG  1 
ATOM   955  O  OD1 . ASN A 1 131 ? -11.272 -12.991 -7.743  0.00 30.00 ? 137 ASN A OD1 1 
ATOM   956  N  ND2 . ASN A 1 131 ? -11.549 -12.757 -5.502  0.00 30.00 ? 137 ASN A ND2 1 
ATOM   957  N  N   . MET A 1 132 ? -9.312  -13.777 -4.328  1.00 22.11 ? 138 MET A N   1 
ATOM   958  C  CA  . MET A 1 132 ? -8.062  -13.076 -4.120  1.00 22.11 ? 138 MET A CA  1 
ATOM   959  C  C   . MET A 1 132 ? -7.062  -13.711 -3.196  1.00 22.11 ? 138 MET A C   1 
ATOM   960  O  O   . MET A 1 132 ? -7.390  -14.107 -2.094  1.00 28.73 ? 138 MET A O   1 
ATOM   961  C  CB  . MET A 1 132 ? -8.340  -11.678 -3.616  1.00 28.73 ? 138 MET A CB  1 
ATOM   962  C  CG  . MET A 1 132 ? -8.582  -10.678 -4.683  1.00 28.73 ? 138 MET A CG  1 
ATOM   963  S  SD  . MET A 1 132 ? -7.129  -10.459 -5.661  1.00 28.73 ? 138 MET A SD  1 
ATOM   964  C  CE  . MET A 1 132 ? -7.781  -9.307  -6.878  1.00 28.73 ? 138 MET A CE  1 
ATOM   965  N  N   . LYS A 1 133 ? -5.842  -13.849 -3.687  1.00 15.87 ? 139 LYS A N   1 
ATOM   966  C  CA  . LYS A 1 133 ? -4.763  -14.363 -2.878  1.00 15.87 ? 139 LYS A CA  1 
ATOM   967  C  C   . LYS A 1 133 ? -3.800  -13.176 -2.870  1.00 15.87 ? 139 LYS A C   1 
ATOM   968  O  O   . LYS A 1 133 ? -3.507  -12.591 -3.919  1.00 27.15 ? 139 LYS A O   1 
ATOM   969  C  CB  . LYS A 1 133 ? -4.134  -15.608 -3.478  1.00 27.15 ? 139 LYS A CB  1 
ATOM   970  C  CG  . LYS A 1 133 ? -5.086  -16.784 -3.613  1.00 27.15 ? 139 LYS A CG  1 
ATOM   971  C  CD  . LYS A 1 133 ? -4.325  -18.087 -3.888  1.00 27.15 ? 139 LYS A CD  1 
ATOM   972  C  CE  . LYS A 1 133 ? -5.138  -19.063 -4.728  1.00 27.15 ? 139 LYS A CE  1 
ATOM   973  N  NZ  . LYS A 1 133 ? -4.226  -19.718 -5.733  1.00 27.15 ? 139 LYS A NZ  1 
ATOM   974  N  N   . VAL A 1 134 ? -3.435  -12.754 -1.665  1.00 18.89 ? 140 VAL A N   1 
ATOM   975  C  CA  . VAL A 1 134 ? -2.560  -11.619 -1.437  1.00 18.89 ? 140 VAL A CA  1 
ATOM   976  C  C   . VAL A 1 134 ? -1.344  -12.016 -0.619  1.00 18.89 ? 140 VAL A C   1 
ATOM   977  O  O   . VAL A 1 134 ? -1.491  -12.642 0.420   1.00 18.98 ? 140 VAL A O   1 
ATOM   978  C  CB  . VAL A 1 134 ? -3.321  -10.547 -0.637  1.00 18.98 ? 140 VAL A CB  1 
ATOM   979  C  CG1 . VAL A 1 134 ? -2.380  -9.584  -0.011  1.00 18.98 ? 140 VAL A CG1 1 
ATOM   980  C  CG2 . VAL A 1 134 ? -4.313  -9.818  -1.511  1.00 18.98 ? 140 VAL A CG2 1 
ATOM   981  N  N   . GLU A 1 135 ? -0.140  -11.684 -1.068  1.00 26.65 ? 141 GLU A N   1 
ATOM   982  C  CA  . GLU A 1 135 ? 1.032   -12.004 -0.257  1.00 26.65 ? 141 GLU A CA  1 
ATOM   983  C  C   . GLU A 1 135 ? 1.713   -10.745 0.319   1.00 26.65 ? 141 GLU A C   1 
ATOM   984  O  O   . GLU A 1 135 ? 2.035   -9.811  -0.421  1.00 24.60 ? 141 GLU A O   1 
ATOM   985  C  CB  . GLU A 1 135 ? 2.044   -12.860 -1.025  1.00 24.60 ? 141 GLU A CB  1 
ATOM   986  C  CG  . GLU A 1 135 ? 3.433   -12.834 -0.351  1.00 24.60 ? 141 GLU A CG  1 
ATOM   987  C  CD  . GLU A 1 135 ? 4.338   -13.999 -0.698  1.00 24.60 ? 141 GLU A CD  1 
ATOM   988  O  OE1 . GLU A 1 135 ? 5.014   -13.977 -1.759  1.00 24.60 ? 141 GLU A OE1 1 
ATOM   989  O  OE2 . GLU A 1 135 ? 4.400   -14.931 0.134   1.00 24.60 ? 141 GLU A OE2 1 
ATOM   990  N  N   . THR A 1 136 ? 1.836   -10.670 1.644   1.00 18.25 ? 142 THR A N   1 
ATOM   991  C  CA  . THR A 1 136 ? 2.517   -9.528  2.263   1.00 18.25 ? 142 THR A CA  1 
ATOM   992  C  C   . THR A 1 136 ? 3.929   -10.020 2.546   1.00 18.25 ? 142 THR A C   1 
ATOM   993  O  O   . THR A 1 136 ? 4.128   -11.209 2.826   1.00 11.95 ? 142 THR A O   1 
ATOM   994  C  CB  . THR A 1 136 ? 1.813   -9.009  3.559   1.00 11.95 ? 142 THR A CB  1 
ATOM   995  O  OG1 . THR A 1 136 ? 1.865   -10.001 4.585   1.00 11.95 ? 142 THR A OG1 1 
ATOM   996  C  CG2 . THR A 1 136 ? 0.359   -8.647  3.279   1.00 11.95 ? 142 THR A CG2 1 
ATOM   997  N  N   . PHE A 1 137 ? 4.909   -9.133  2.405   1.00 19.88 ? 143 PHE A N   1 
ATOM   998  C  CA  . PHE A 1 137 ? 6.312   -9.500  2.598   1.00 19.88 ? 143 PHE A CA  1 
ATOM   999  C  C   . PHE A 1 137 ? 7.122   -8.345  3.176   1.00 19.88 ? 143 PHE A C   1 
ATOM   1000 O  O   . PHE A 1 137 ? 7.099   -7.238  2.627   1.00 17.18 ? 143 PHE A O   1 
ATOM   1001 C  CB  . PHE A 1 137 ? 6.869   -9.902  1.221   1.00 17.18 ? 143 PHE A CB  1 
ATOM   1002 C  CG  . PHE A 1 137 ? 8.372   -10.152 1.171   1.00 17.18 ? 143 PHE A CG  1 
ATOM   1003 C  CD1 . PHE A 1 137 ? 8.985   -11.106 1.973   1.00 17.18 ? 143 PHE A CD1 1 
ATOM   1004 C  CD2 . PHE A 1 137 ? 9.155   -9.477  0.226   1.00 17.18 ? 143 PHE A CD2 1 
ATOM   1005 C  CE1 . PHE A 1 137 ? 10.342  -11.375 1.831   1.00 17.18 ? 143 PHE A CE1 1 
ATOM   1006 C  CE2 . PHE A 1 137 ? 10.514  -9.746  0.088   1.00 17.18 ? 143 PHE A CE2 1 
ATOM   1007 C  CZ  . PHE A 1 137 ? 11.104  -10.690 0.882   1.00 17.18 ? 143 PHE A CZ  1 
ATOM   1008 N  N   . TYR A 1 138 ? 7.769   -8.577  4.321   1.00 14.80 ? 144 TYR A N   1 
ATOM   1009 C  CA  . TYR A 1 138 ? 8.630   -7.570  4.927   1.00 14.80 ? 144 TYR A CA  1 
ATOM   1010 C  C   . TYR A 1 138 ? 10.014  -7.873  4.354   1.00 14.80 ? 144 TYR A C   1 
ATOM   1011 O  O   . TYR A 1 138 ? 10.648  -8.858  4.738   1.00 14.41 ? 144 TYR A O   1 
ATOM   1012 C  CB  . TYR A 1 138 ? 8.637   -7.688  6.436   1.00 14.41 ? 144 TYR A CB  1 
ATOM   1013 C  CG  . TYR A 1 138 ? 9.625   -6.755  7.072   1.00 14.41 ? 144 TYR A CG  1 
ATOM   1014 C  CD1 . TYR A 1 138 ? 9.551   -5.376  6.863   1.00 14.41 ? 144 TYR A CD1 1 
ATOM   1015 C  CD2 . TYR A 1 138 ? 10.644  -7.253  7.904   1.00 14.41 ? 144 TYR A CD2 1 
ATOM   1016 C  CE1 . TYR A 1 138 ? 10.446  -4.517  7.460   1.00 14.41 ? 144 TYR A CE1 1 
ATOM   1017 C  CE2 . TYR A 1 138 ? 11.555  -6.402  8.518   1.00 14.41 ? 144 TYR A CE2 1 
ATOM   1018 C  CZ  . TYR A 1 138 ? 11.443  -5.035  8.288   1.00 14.41 ? 144 TYR A CZ  1 
ATOM   1019 O  OH  . TYR A 1 138 ? 12.319  -4.187  8.915   1.00 14.41 ? 144 TYR A OH  1 
ATOM   1020 N  N   . PRO A 1 139 ? 10.502  -7.016  3.434   1.00 9.60  ? 145 PRO A N   1 
ATOM   1021 C  CA  . PRO A 1 139 ? 11.796  -7.237  2.808   1.00 9.60  ? 145 PRO A CA  1 
ATOM   1022 C  C   . PRO A 1 139 ? 12.952  -6.748  3.622   1.00 9.60  ? 145 PRO A C   1 
ATOM   1023 O  O   . PRO A 1 139 ? 14.079  -7.188  3.405   1.00 11.11 ? 145 PRO A O   1 
ATOM   1024 C  CB  . PRO A 1 139 ? 11.669  -6.452  1.523   1.00 11.11 ? 145 PRO A CB  1 
ATOM   1025 C  CG  . PRO A 1 139 ? 10.964  -5.221  2.022   1.00 11.11 ? 145 PRO A CG  1 
ATOM   1026 C  CD  . PRO A 1 139 ? 9.915   -5.744  2.974   1.00 11.11 ? 145 PRO A CD  1 
ATOM   1027 N  N   . GLY A 1 140 ? 12.683  -5.820  4.528   1.00 12.40 ? 146 GLY A N   1 
ATOM   1028 C  CA  . GLY A 1 140 ? 13.729  -5.243  5.339   1.00 12.40 ? 146 GLY A CA  1 
ATOM   1029 C  C   . GLY A 1 140 ? 13.522  -3.754  5.432   1.00 12.40 ? 146 GLY A C   1 
ATOM   1030 O  O   . GLY A 1 140 ? 12.572  -3.260  4.842   1.00 15.54 ? 146 GLY A O   1 
ATOM   1031 N  N   . LYS A 1 141 ? 14.386  -3.058  6.180   1.00 2.00  ? 147 LYS A N   1 
ATOM   1032 C  CA  . LYS A 1 141 ? 14.321  -1.604  6.364   1.00 2.00  ? 147 LYS A CA  1 
ATOM   1033 C  C   . LYS A 1 141 ? 14.669  -0.935  5.076   1.00 2.00  ? 147 LYS A C   1 
ATOM   1034 O  O   . LYS A 1 141 ? 15.420  -1.456  4.268   1.00 11.32 ? 147 LYS A O   1 
ATOM   1035 C  CB  . LYS A 1 141 ? 15.293  -1.157  7.451   1.00 11.32 ? 147 LYS A CB  1 
ATOM   1036 C  CG  . LYS A 1 141 ? 15.121  -1.906  8.738   1.00 11.32 ? 147 LYS A CG  1 
ATOM   1037 C  CD  . LYS A 1 141 ? 16.177  -1.595  9.734   1.00 11.32 ? 147 LYS A CD  1 
ATOM   1038 C  CE  . LYS A 1 141 ? 16.102  -2.591  10.853  1.00 11.32 ? 147 LYS A CE  1 
ATOM   1039 N  NZ  . LYS A 1 141 ? 17.212  -2.468  11.845  1.00 11.32 ? 147 LYS A NZ  1 
ATOM   1040 N  N   . GLY A 1 142 ? 14.121  0.240   4.869   1.00 2.00  ? 148 GLY A N   1 
ATOM   1041 C  CA  . GLY A 1 142 ? 14.365  0.944   3.645   1.00 2.00  ? 148 GLY A CA  1 
ATOM   1042 C  C   . GLY A 1 142 ? 13.858  2.318   3.911   1.00 2.00  ? 148 GLY A C   1 
ATOM   1043 O  O   . GLY A 1 142 ? 14.436  3.050   4.713   1.00 3.49  ? 148 GLY A O   1 
ATOM   1044 N  N   . HIS A 1 143 ? 12.738  2.664   3.294   1.00 11.51 ? 149 HIS A N   1 
ATOM   1045 C  CA  . HIS A 1 143 ? 12.149  3.988   3.464   1.00 11.51 ? 149 HIS A CA  1 
ATOM   1046 C  C   . HIS A 1 143 ? 11.777  4.205   4.917   1.00 11.51 ? 149 HIS A C   1 
ATOM   1047 O  O   . HIS A 1 143 ? 11.841  5.310   5.456   1.00 6.24  ? 149 HIS A O   1 
ATOM   1048 C  CB  . HIS A 1 143 ? 10.923  4.131   2.572   1.00 6.24  ? 149 HIS A CB  1 
ATOM   1049 C  CG  . HIS A 1 143 ? 10.049  5.270   2.941   1.00 6.24  ? 149 HIS A CG  1 
ATOM   1050 N  ND1 . HIS A 1 143 ? 10.322  6.592   2.649   1.00 6.24  ? 149 HIS A ND1 1 
ATOM   1051 C  CD2 . HIS A 1 143 ? 8.897   5.288   3.663   1.00 6.24  ? 149 HIS A CD2 1 
ATOM   1052 C  CE1 . HIS A 1 143 ? 9.381   7.345   3.195   1.00 6.24  ? 149 HIS A CE1 1 
ATOM   1053 N  NE2 . HIS A 1 143 ? 8.501   6.590   3.816   1.00 6.24  ? 149 HIS A NE2 1 
ATOM   1054 N  N   . THR A 1 144 ? 11.456  3.110   5.581   1.00 11.34 ? 150 THR A N   1 
ATOM   1055 C  CA  . THR A 1 144 ? 11.041  3.156   6.953   1.00 11.34 ? 150 THR A CA  1 
ATOM   1056 C  C   . THR A 1 144 ? 11.360  1.786   7.517   1.00 11.34 ? 150 THR A C   1 
ATOM   1057 O  O   . THR A 1 144 ? 11.489  0.802   6.781   1.00 11.83 ? 150 THR A O   1 
ATOM   1058 C  CB  . THR A 1 144 ? 9.552   3.495   6.962   1.00 11.83 ? 150 THR A CB  1 
ATOM   1059 O  OG1 . THR A 1 144 ? 9.295   4.544   7.895   1.00 11.83 ? 150 THR A OG1 1 
ATOM   1060 C  CG2 . THR A 1 144 ? 8.703   2.306   7.242   1.00 11.83 ? 150 THR A CG2 1 
ATOM   1061 N  N   . GLU A 1 145 ? 11.571  1.733   8.817   1.00 6.38  ? 151 GLU A N   1 
ATOM   1062 C  CA  . GLU A 1 145 ? 11.877  0.486   9.486   1.00 6.38  ? 151 GLU A CA  1 
ATOM   1063 C  C   . GLU A 1 145 ? 10.915  -0.700  9.243   1.00 6.38  ? 151 GLU A C   1 
ATOM   1064 O  O   . GLU A 1 145 ? 11.329  -1.854  9.212   1.00 10.74 ? 151 GLU A O   1 
ATOM   1065 C  CB  . GLU A 1 145 ? 11.920  0.766   10.967  1.00 10.74 ? 151 GLU A CB  1 
ATOM   1066 C  CG  . GLU A 1 145 ? 12.552  -0.317  11.738  1.00 10.74 ? 151 GLU A CG  1 
ATOM   1067 C  CD  . GLU A 1 145 ? 12.397  -0.152  13.218  1.00 10.74 ? 151 GLU A CD  1 
ATOM   1068 O  OE1 . GLU A 1 145 ? 11.970  0.935   13.702  1.00 10.74 ? 151 GLU A OE1 1 
ATOM   1069 O  OE2 . GLU A 1 145 ? 12.708  -1.153  13.892  1.00 10.74 ? 151 GLU A OE2 1 
ATOM   1070 N  N   . ASP A 1 146 ? 9.629   -0.397  9.105   1.00 16.59 ? 152 ASP A N   1 
ATOM   1071 C  CA  . ASP A 1 146 ? 8.588   -1.433  8.948   1.00 16.59 ? 152 ASP A CA  1 
ATOM   1072 C  C   . ASP A 1 146 ? 7.962   -1.698  7.568   1.00 16.59 ? 152 ASP A C   1 
ATOM   1073 O  O   . ASP A 1 146 ? 7.181   -2.633  7.419   1.00 12.07 ? 152 ASP A O   1 
ATOM   1074 C  CB  . ASP A 1 146 ? 7.455   -1.176  9.956   1.00 12.07 ? 152 ASP A CB  1 
ATOM   1075 C  CG  . ASP A 1 146 ? 6.858   0.203   9.819   1.00 12.07 ? 152 ASP A CG  1 
ATOM   1076 O  OD1 . ASP A 1 146 ? 7.630   1.169   9.716   1.00 12.07 ? 152 ASP A OD1 1 
ATOM   1077 O  OD2 . ASP A 1 146 ? 5.623   0.343   9.785   1.00 12.07 ? 152 ASP A OD2 1 
ATOM   1078 N  N   . ASN A 1 147 ? 8.303   -0.889  6.574   1.00 3.95  ? 153 ASN A N   1 
ATOM   1079 C  CA  . ASN A 1 147 ? 7.725   -1.042  5.257   1.00 3.95  ? 153 ASN A CA  1 
ATOM   1080 C  C   . ASN A 1 147 ? 7.701   -2.448  4.684   1.00 3.95  ? 153 ASN A C   1 
ATOM   1081 O  O   . ASN A 1 147 ? 8.706   -3.178  4.669   1.00 5.32  ? 153 ASN A O   1 
ATOM   1082 C  CB  . ASN A 1 147 ? 8.338   -0.048  4.283   1.00 5.32  ? 153 ASN A CB  1 
ATOM   1083 C  CG  . ASN A 1 147 ? 9.862   -0.096  4.228   1.00 5.32  ? 153 ASN A CG  1 
ATOM   1084 O  OD1 . ASN A 1 147 ? 10.450  0.880   3.814   1.00 5.32  ? 153 ASN A OD1 1 
ATOM   1085 N  ND2 . ASN A 1 147 ? 10.483  -1.199  4.592   1.00 5.32  ? 153 ASN A ND2 1 
ATOM   1086 N  N   . ILE A 1 148 ? 6.510   -2.835  4.251   1.00 9.68  ? 154 ILE A N   1 
ATOM   1087 C  CA  . ILE A 1 148 ? 6.260   -4.155  3.670   1.00 9.68  ? 154 ILE A CA  1 
ATOM   1088 C  C   . ILE A 1 148 ? 5.737   -3.977  2.259   1.00 9.68  ? 154 ILE A C   1 
ATOM   1089 O  O   . ILE A 1 148 ? 5.245   -2.917  1.912   1.00 4.47  ? 154 ILE A O   1 
ATOM   1090 C  CB  . ILE A 1 148 ? 5.172   -4.913  4.479   1.00 4.47  ? 154 ILE A CB  1 
ATOM   1091 C  CG1 . ILE A 1 148 ? 3.862   -4.113  4.449   1.00 4.47  ? 154 ILE A CG1 1 
ATOM   1092 C  CG2 . ILE A 1 148 ? 5.658   -5.135  5.876   1.00 4.47  ? 154 ILE A CG2 1 
ATOM   1093 C  CD1 . ILE A 1 148 ? 2.670   -4.836  4.903   1.00 4.47  ? 154 ILE A CD1 1 
ATOM   1094 N  N   . VAL A 1 149 ? 5.810   -5.023  1.460   1.00 17.35 ? 155 VAL A N   1 
ATOM   1095 C  CA  . VAL A 1 149 ? 5.310   -4.943  0.112   1.00 17.35 ? 155 VAL A CA  1 
ATOM   1096 C  C   . VAL A 1 149 ? 4.153   -5.916  0.032   1.00 17.35 ? 155 VAL A C   1 
ATOM   1097 O  O   . VAL A 1 149 ? 4.075   -6.874  0.820   1.00 5.94  ? 155 VAL A O   1 
ATOM   1098 C  CB  . VAL A 1 149 ? 6.381   -5.305  -0.967  1.00 5.94  ? 155 VAL A CB  1 
ATOM   1099 C  CG1 . VAL A 1 149 ? 7.522   -4.326  -0.948  1.00 5.94  ? 155 VAL A CG1 1 
ATOM   1100 C  CG2 . VAL A 1 149 ? 6.865   -6.734  -0.808  1.00 5.94  ? 155 VAL A CG2 1 
ATOM   1101 N  N   . VAL A 1 150 ? 3.262   -5.634  -0.914  1.00 12.26 ? 156 VAL A N   1 
ATOM   1102 C  CA  . VAL A 1 150 ? 2.103   -6.457  -1.190  1.00 12.26 ? 156 VAL A CA  1 
ATOM   1103 C  C   . VAL A 1 150 ? 2.249   -7.024  -2.616  1.00 12.26 ? 156 VAL A C   1 
ATOM   1104 O  O   . VAL A 1 150 ? 2.541   -6.315  -3.567  1.00 6.02  ? 156 VAL A O   1 
ATOM   1105 C  CB  . VAL A 1 150 ? 0.753   -5.678  -1.028  1.00 6.02  ? 156 VAL A CB  1 
ATOM   1106 C  CG1 . VAL A 1 150 ? -0.411  -6.664  -1.027  1.00 6.02  ? 156 VAL A CG1 1 
ATOM   1107 C  CG2 . VAL A 1 150 ? 0.734   -4.921  0.276   1.00 6.02  ? 156 VAL A CG2 1 
ATOM   1108 N  N   . TRP A 1 151 ? 2.016   -8.309  -2.755  1.00 8.30  ? 157 TRP A N   1 
ATOM   1109 C  CA  . TRP A 1 151 ? 2.161   -8.985  -4.021  1.00 8.30  ? 157 TRP A CA  1 
ATOM   1110 C  C   . TRP A 1 151 ? 0.883   -9.778  -4.262  1.00 8.30  ? 157 TRP A C   1 
ATOM   1111 O  O   . TRP A 1 151 ? 0.441   -10.524 -3.375  1.00 8.34  ? 157 TRP A O   1 
ATOM   1112 C  CB  . TRP A 1 151 ? 3.333   -9.978  -3.891  1.00 8.34  ? 157 TRP A CB  1 
ATOM   1113 C  CG  . TRP A 1 151 ? 3.583   -10.862 -5.071  1.00 8.34  ? 157 TRP A CG  1 
ATOM   1114 C  CD1 . TRP A 1 151 ? 3.423   -12.213 -5.134  1.00 8.34  ? 157 TRP A CD1 1 
ATOM   1115 C  CD2 . TRP A 1 151 ? 4.038   -10.452 -6.359  1.00 8.34  ? 157 TRP A CD2 1 
ATOM   1116 N  NE1 . TRP A 1 151 ? 3.750   -12.671 -6.387  1.00 8.34  ? 157 TRP A NE1 1 
ATOM   1117 C  CE2 . TRP A 1 151 ? 4.132   -11.603 -7.161  1.00 8.34  ? 157 TRP A CE2 1 
ATOM   1118 C  CE3 . TRP A 1 151 ? 4.389   -9.213  -6.915  1.00 8.34  ? 157 TRP A CE3 1 
ATOM   1119 C  CZ2 . TRP A 1 151 ? 4.542   -11.565 -8.473  1.00 8.34  ? 157 TRP A CZ2 1 
ATOM   1120 C  CZ3 . TRP A 1 151 ? 4.798   -9.167  -8.224  1.00 8.34  ? 157 TRP A CZ3 1 
ATOM   1121 C  CH2 . TRP A 1 151 ? 4.878   -10.338 -8.988  1.00 8.34  ? 157 TRP A CH2 1 
ATOM   1122 N  N   . LEU A 1 152 ? 0.331   -9.668  -5.471  1.00 10.47 ? 158 LEU A N   1 
ATOM   1123 C  CA  . LEU A 1 152 ? -0.874  -10.390 -5.860  1.00 10.47 ? 158 LEU A CA  1 
ATOM   1124 C  C   . LEU A 1 152 ? -0.412  -11.511 -6.773  1.00 10.47 ? 158 LEU A C   1 
ATOM   1125 O  O   . LEU A 1 152 ? -0.169  -11.301 -7.952  1.00 10.93 ? 158 LEU A O   1 
ATOM   1126 C  CB  . LEU A 1 152 ? -1.848  -9.474  -6.616  1.00 10.93 ? 158 LEU A CB  1 
ATOM   1127 C  CG  . LEU A 1 152 ? -2.359  -8.249  -5.865  1.00 10.93 ? 158 LEU A CG  1 
ATOM   1128 C  CD1 . LEU A 1 152 ? -3.485  -7.606  -6.673  1.00 10.93 ? 158 LEU A CD1 1 
ATOM   1129 C  CD2 . LEU A 1 152 ? -2.840  -8.642  -4.467  1.00 10.93 ? 158 LEU A CD2 1 
ATOM   1130 N  N   . PRO A 1 153 ? -0.315  -12.729 -6.236  1.00 11.22 ? 159 PRO A N   1 
ATOM   1131 C  CA  . PRO A 1 153 ? 0.128   -13.897 -6.987  1.00 11.22 ? 159 PRO A CA  1 
ATOM   1132 C  C   . PRO A 1 153 ? -0.491  -14.073 -8.373  1.00 11.22 ? 159 PRO A C   1 
ATOM   1133 O  O   . PRO A 1 153 ? 0.204   -14.345 -9.352  1.00 15.33 ? 159 PRO A O   1 
ATOM   1134 C  CB  . PRO A 1 153 ? -0.273  -15.045 -6.058  1.00 15.33 ? 159 PRO A CB  1 
ATOM   1135 C  CG  . PRO A 1 153 ? -0.057  -14.466 -4.726  1.00 15.33 ? 159 PRO A CG  1 
ATOM   1136 C  CD  . PRO A 1 153 ? -0.651  -13.101 -4.855  1.00 15.33 ? 159 PRO A CD  1 
ATOM   1137 N  N   . GLN A 1 154 ? -1.796  -13.867 -8.458  1.00 26.55 ? 160 GLN A N   1 
ATOM   1138 C  CA  . GLN A 1 154 ? -2.540  -14.071 -9.695  1.00 26.55 ? 160 GLN A CA  1 
ATOM   1139 C  C   . GLN A 1 154 ? -2.389  -13.033 -10.790 1.00 26.55 ? 160 GLN A C   1 
ATOM   1140 O  O   . GLN A 1 154 ? -2.898  -13.234 -11.894 1.00 29.68 ? 160 GLN A O   1 
ATOM   1141 C  CB  . GLN A 1 154 ? -4.020  -14.259 -9.370  1.00 29.68 ? 160 GLN A CB  1 
ATOM   1142 C  CG  . GLN A 1 154 ? -4.286  -15.239 -8.240  1.00 29.68 ? 160 GLN A CG  1 
ATOM   1143 C  CD  . GLN A 1 154 ? -5.563  -14.915 -7.473  1.00 29.68 ? 160 GLN A CD  1 
ATOM   1144 O  OE1 . GLN A 1 154 ? -5.781  -13.779 -7.062  1.00 29.68 ? 160 GLN A OE1 1 
ATOM   1145 N  NE2 . GLN A 1 154 ? -6.416  -15.897 -7.308  1.00 29.68 ? 160 GLN A NE2 1 
ATOM   1146 N  N   . TYR A 1 155 ? -1.725  -11.919 -10.487 1.00 22.90 ? 161 TYR A N   1 
ATOM   1147 C  CA  . TYR A 1 155 ? -1.525  -10.844 -11.481 1.00 22.90 ? 161 TYR A CA  1 
ATOM   1148 C  C   . TYR A 1 155 ? -0.090  -10.305 -11.653 1.00 22.90 ? 161 TYR A C   1 
ATOM   1149 O  O   . TYR A 1 155 ? 0.153   -9.462  -12.528 1.00 31.49 ? 161 TYR A O   1 
ATOM   1150 C  CB  . TYR A 1 155 ? -2.431  -9.662  -11.159 1.00 31.49 ? 161 TYR A CB  1 
ATOM   1151 C  CG  . TYR A 1 155 ? -3.856  -10.046 -10.862 1.00 31.49 ? 161 TYR A CG  1 
ATOM   1152 C  CD1 . TYR A 1 155 ? -4.799  -10.162 -11.888 1.00 31.49 ? 161 TYR A CD1 1 
ATOM   1153 C  CD2 . TYR A 1 155 ? -4.279  -10.259 -9.550  1.00 31.49 ? 161 TYR A CD2 1 
ATOM   1154 C  CE1 . TYR A 1 155 ? -6.134  -10.470 -11.609 1.00 31.49 ? 161 TYR A CE1 1 
ATOM   1155 C  CE2 . TYR A 1 155 ? -5.614  -10.571 -9.261  1.00 31.49 ? 161 TYR A CE2 1 
ATOM   1156 C  CZ  . TYR A 1 155 ? -6.539  -10.671 -10.292 1.00 31.49 ? 161 TYR A CZ  1 
ATOM   1157 O  OH  . TYR A 1 155 ? -7.867  -10.943 -9.994  1.00 31.49 ? 161 TYR A OH  1 
ATOM   1158 N  N   . ASN A 1 156 ? 0.832   -10.761 -10.794 1.00 22.47 ? 162 ASN A N   1 
ATOM   1159 C  CA  . ASN A 1 156 ? 2.218   -10.313 -10.810 1.00 22.47 ? 162 ASN A CA  1 
ATOM   1160 C  C   . ASN A 1 156 ? 2.246   -8.814  -10.635 1.00 22.47 ? 162 ASN A C   1 
ATOM   1161 O  O   . ASN A 1 156 ? 2.997   -8.114  -11.318 1.00 25.62 ? 162 ASN A O   1 
ATOM   1162 C  CB  . ASN A 1 156 ? 2.927   -10.674 -12.114 1.00 25.62 ? 162 ASN A CB  1 
ATOM   1163 C  CG  . ASN A 1 156 ? 3.210   -12.147 -12.235 1.00 25.62 ? 162 ASN A CG  1 
ATOM   1164 O  OD1 . ASN A 1 156 ? 3.318   -12.651 -13.327 1.00 25.62 ? 162 ASN A OD1 1 
ATOM   1165 N  ND2 . ASN A 1 156 ? 3.343   -12.840 -11.124 1.00 25.62 ? 162 ASN A ND2 1 
ATOM   1166 N  N   . ILE A 1 157 ? 1.377   -8.336  -9.751  1.00 31.65 ? 163 ILE A N   1 
ATOM   1167 C  CA  . ILE A 1 157 ? 1.266   -6.923  -9.441  1.00 31.65 ? 163 ILE A CA  1 
ATOM   1168 C  C   . ILE A 1 157 ? 1.919   -6.724  -8.078  1.00 31.65 ? 163 ILE A C   1 
ATOM   1169 O  O   . ILE A 1 157 ? 1.689   -7.497  -7.134  1.00 10.81 ? 163 ILE A O   1 
ATOM   1170 C  CB  . ILE A 1 157 ? -0.212  -6.443  -9.443  1.00 10.81 ? 163 ILE A CB  1 
ATOM   1171 C  CG1 . ILE A 1 157 ? -0.751  -6.457  -10.896 1.00 10.81 ? 163 ILE A CG1 1 
ATOM   1172 C  CG2 . ILE A 1 157 ? -0.310  -5.035  -8.846  1.00 10.81 ? 163 ILE A CG2 1 
ATOM   1173 C  CD1 . ILE A 1 157 ? -2.202  -6.048  -11.058 1.00 10.81 ? 163 ILE A CD1 1 
ATOM   1174 N  N   . LEU A 1 158 ? 2.784   -5.726  -7.993  1.00 16.18 ? 164 LEU A N   1 
ATOM   1175 C  CA  . LEU A 1 158 ? 3.482   -5.457  -6.768  1.00 16.18 ? 164 LEU A CA  1 
ATOM   1176 C  C   . LEU A 1 158 ? 3.170   -4.047  -6.313  1.00 16.18 ? 164 LEU A C   1 
ATOM   1177 O  O   . LEU A 1 158 ? 3.229   -3.102  -7.104  1.00 14.18 ? 164 LEU A O   1 
ATOM   1178 C  CB  . LEU A 1 158 ? 4.987   -5.630  -6.991  1.00 14.18 ? 164 LEU A CB  1 
ATOM   1179 C  CG  . LEU A 1 158 ? 5.829   -5.641  -5.719  1.00 14.18 ? 164 LEU A CG  1 
ATOM   1180 C  CD1 . LEU A 1 158 ? 5.453   -6.877  -4.900  1.00 14.18 ? 164 LEU A CD1 1 
ATOM   1181 C  CD2 . LEU A 1 158 ? 7.295   -5.632  -6.086  1.00 14.18 ? 164 LEU A CD2 1 
ATOM   1182 N  N   . VAL A 1 159 ? 2.755   -3.922  -5.060  1.00 7.21  ? 165 VAL A N   1 
ATOM   1183 C  CA  . VAL A 1 159 ? 2.457   -2.621  -4.463  1.00 7.21  ? 165 VAL A CA  1 
ATOM   1184 C  C   . VAL A 1 159 ? 3.733   -2.454  -3.662  1.00 7.21  ? 165 VAL A C   1 
ATOM   1185 O  O   . VAL A 1 159 ? 3.935   -3.196  -2.690  1.00 8.76  ? 165 VAL A O   1 
ATOM   1186 C  CB  . VAL A 1 159 ? 1.219   -2.690  -3.518  1.00 8.76  ? 165 VAL A CB  1 
ATOM   1187 C  CG1 . VAL A 1 159 ? 0.808   -1.307  -3.072  1.00 8.76  ? 165 VAL A CG1 1 
ATOM   1188 C  CG2 . VAL A 1 159 ? 0.057   -3.351  -4.231  1.00 8.76  ? 165 VAL A CG2 1 
ATOM   1189 N  N   . GLY A 1 160 ? 4.634   -1.580  -4.127  1.00 8.17  ? 166 GLY A N   1 
ATOM   1190 C  CA  . GLY A 1 160 ? 5.924   -1.403  -3.454  1.00 8.17  ? 166 GLY A CA  1 
ATOM   1191 C  C   . GLY A 1 160 ? 6.018   -0.373  -2.343  1.00 8.17  ? 166 GLY A C   1 
ATOM   1192 O  O   . GLY A 1 160 ? 7.041   -0.250  -1.648  1.00 13.41 ? 166 GLY A O   1 
ATOM   1193 N  N   . GLY A 1 161 ? 4.939   0.380   -2.194  1.00 5.39  ? 167 GLY A N   1 
ATOM   1194 C  CA  . GLY A 1 161 ? 4.876   1.401   -1.180  1.00 5.39  ? 167 GLY A CA  1 
ATOM   1195 C  C   . GLY A 1 161 ? 5.934   2.436   -1.447  1.00 5.39  ? 167 GLY A C   1 
ATOM   1196 O  O   . GLY A 1 161 ? 6.326   2.674   -2.575  1.00 8.50  ? 167 GLY A O   1 
ATOM   1197 N  N   . CYS A 1 162 ? 6.405   3.042   -0.373  1.00 19.35 ? 168 CYS A N   1 
ATOM   1198 C  CA  . CYS A 1 162 ? 7.398   4.070   -0.474  1.00 19.35 ? 168 CYS A CA  1 
ATOM   1199 C  C   . CYS A 1 162 ? 8.804   3.510   -0.607  1.00 19.35 ? 168 CYS A C   1 
ATOM   1200 O  O   . CYS A 1 162 ? 9.758   4.262   -0.762  1.00 21.63 ? 168 CYS A O   1 
ATOM   1201 C  CB  . CYS A 1 162 ? 7.249   5.032   0.691   1.00 21.63 ? 168 CYS A CB  1 
ATOM   1202 S  SG  . CYS A 1 162 ? 5.714   6.022   0.635   1.00 21.63 ? 168 CYS A SG  1 
ATOM   1203 N  N   . LEU A 1 163 ? 8.932   2.187   -0.531  1.00 13.37 ? 169 LEU A N   1 
ATOM   1204 C  CA  . LEU A 1 163 ? 10.242  1.525   -0.717  1.00 13.37 ? 169 LEU A CA  1 
ATOM   1205 C  C   . LEU A 1 163 ? 10.645  1.735   -2.178  1.00 13.37 ? 169 LEU A C   1 
ATOM   1206 O  O   . LEU A 1 163 ? 11.823  1.643   -2.538  1.00 15.38 ? 169 LEU A O   1 
ATOM   1207 C  CB  . LEU A 1 163 ? 10.130  0.001   -0.466  1.00 15.38 ? 169 LEU A CB  1 
ATOM   1208 C  CG  . LEU A 1 163 ? 11.390  -0.862  -0.219  1.00 15.38 ? 169 LEU A CG  1 
ATOM   1209 C  CD1 . LEU A 1 163 ? 12.089  -0.540  1.103   1.00 15.38 ? 169 LEU A CD1 1 
ATOM   1210 C  CD2 . LEU A 1 163 ? 11.009  -2.304  -0.214  1.00 15.38 ? 169 LEU A CD2 1 
ATOM   1211 N  N   . VAL A 1 164 ? 9.626   1.896   -3.025  1.00 14.46 ? 170 VAL A N   1 
ATOM   1212 C  CA  . VAL A 1 164 ? 9.765   2.082   -4.449  1.00 14.46 ? 170 VAL A CA  1 
ATOM   1213 C  C   . VAL A 1 164 ? 9.298   3.464   -4.855  1.00 14.46 ? 170 VAL A C   1 
ATOM   1214 O  O   . VAL A 1 164 ? 8.257   3.947   -4.413  1.00 13.02 ? 170 VAL A O   1 
ATOM   1215 C  CB  . VAL A 1 164 ? 8.974   1.013   -5.175  1.00 13.02 ? 170 VAL A CB  1 
ATOM   1216 C  CG1 . VAL A 1 164 ? 8.892   1.322   -6.631  1.00 13.02 ? 170 VAL A CG1 1 
ATOM   1217 C  CG2 . VAL A 1 164 ? 9.642   -0.321  -4.985  1.00 13.02 ? 170 VAL A CG2 1 
ATOM   1218 N  N   . LYS A 1 165 ? 10.122  4.117   -5.664  1.00 18.90 ? 171 LYS A N   1 
ATOM   1219 C  CA  . LYS A 1 165 ? 9.867   5.461   -6.164  1.00 18.90 ? 171 LYS A CA  1 
ATOM   1220 C  C   . LYS A 1 165 ? 9.538   5.415   -7.663  1.00 18.90 ? 171 LYS A C   1 
ATOM   1221 O  O   . LYS A 1 165 ? 10.113  4.600   -8.408  1.00 38.63 ? 171 LYS A O   1 
ATOM   1222 C  CB  . LYS A 1 165 ? 11.115  6.338   -5.923  1.00 38.63 ? 171 LYS A CB  1 
ATOM   1223 C  CG  . LYS A 1 165 ? 11.346  6.734   -4.468  1.00 38.63 ? 171 LYS A CG  1 
ATOM   1224 C  CD  . LYS A 1 165 ? 10.348  7.815   -4.065  1.00 38.63 ? 171 LYS A CD  1 
ATOM   1225 C  CE  . LYS A 1 165 ? 10.269  8.040   -2.548  1.00 38.63 ? 171 LYS A CE  1 
ATOM   1226 N  NZ  . LYS A 1 165 ? 9.463   7.034   -1.757  1.00 38.63 ? 171 LYS A NZ  1 
ATOM   1227 N  N   . SER A 1 166 ? 8.639   6.305   -8.096  1.00 33.67 ? 172 SER A N   1 
ATOM   1228 C  CA  . SER A 1 166 ? 8.223   6.404   -9.505  1.00 33.67 ? 172 SER A CA  1 
ATOM   1229 C  C   . SER A 1 166 ? 9.269   7.115   -10.377 1.00 33.67 ? 172 SER A C   1 
ATOM   1230 O  O   . SER A 1 166 ? 10.124  7.839   -9.866  1.00 18.08 ? 172 SER A O   1 
ATOM   1231 C  CB  . SER A 1 166 ? 6.920   7.183   -9.604  1.00 18.08 ? 172 SER A CB  1 
ATOM   1232 O  OG  . SER A 1 166 ? 7.185   8.564   -9.423  1.00 18.08 ? 172 SER A OG  1 
ATOM   1233 N  N   . THR A 1 167 ? 9.129   6.988   -11.700 1.00 17.62 ? 173 THR A N   1 
ATOM   1234 C  CA  . THR A 1 167 ? 10.058  7.609   -12.694 1.00 17.62 ? 173 THR A CA  1 
ATOM   1235 C  C   . THR A 1 167 ? 10.397  9.069   -12.413 1.00 17.62 ? 173 THR A C   1 
ATOM   1236 O  O   . THR A 1 167 ? 11.545  9.479   -12.493 1.00 54.20 ? 173 THR A O   1 
ATOM   1237 C  CB  . THR A 1 167 ? 9.498   7.540   -14.177 1.00 54.20 ? 173 THR A CB  1 
ATOM   1238 O  OG1 . THR A 1 167 ? 8.054   7.589   -14.187 1.00 54.20 ? 173 THR A OG1 1 
ATOM   1239 C  CG2 . THR A 1 167 ? 10.001  6.292   -14.898 1.00 54.20 ? 173 THR A CG2 1 
ATOM   1240 N  N   . SER A 1 168 ? 9.379   9.828   -12.055 1.00 23.50 ? 174 SER A N   1 
ATOM   1241 C  CA  . SER A 1 168 ? 9.518   11.240  -11.776 1.00 23.50 ? 174 SER A CA  1 
ATOM   1242 C  C   . SER A 1 168 ? 10.219  11.526  -10.456 1.00 23.50 ? 174 SER A C   1 
ATOM   1243 O  O   . SER A 1 168 ? 10.462  12.697  -10.139 1.00 32.98 ? 174 SER A O   1 
ATOM   1244 C  CB  . SER A 1 168 ? 8.131   11.897  -11.783 1.00 32.98 ? 174 SER A CB  1 
ATOM   1245 O  OG  . SER A 1 168 ? 7.135   10.952  -11.423 1.00 32.98 ? 174 SER A OG  1 
ATOM   1246 N  N   . ALA A 1 169 ? 10.517  10.472  -9.689  1.00 29.13 ? 175 ALA A N   1 
ATOM   1247 C  CA  . ALA A 1 169 ? 11.192  10.613  -8.398  1.00 29.13 ? 175 ALA A CA  1 
ATOM   1248 C  C   . ALA A 1 169 ? 12.678  10.796  -8.636  1.00 29.13 ? 175 ALA A C   1 
ATOM   1249 O  O   . ALA A 1 169 ? 13.355  9.871   -9.091  1.00 27.00 ? 175 ALA A O   1 
ATOM   1250 C  CB  . ALA A 1 169 ? 10.957  9.395   -7.544  1.00 27.00 ? 175 ALA A CB  1 
ATOM   1251 N  N   . LYS A 1 170 ? 13.180  11.984  -8.294  1.00 31.68 ? 176 LYS A N   1 
ATOM   1252 C  CA  . LYS A 1 170 ? 14.589  12.341  -8.476  1.00 31.68 ? 176 LYS A CA  1 
ATOM   1253 C  C   . LYS A 1 170 ? 15.372  12.347  -7.159  1.00 31.68 ? 176 LYS A C   1 
ATOM   1254 O  O   . LYS A 1 170 ? 16.558  12.623  -7.157  1.00 31.63 ? 176 LYS A O   1 
ATOM   1255 C  CB  . LYS A 1 170 ? 14.708  13.724  -9.163  1.00 31.63 ? 176 LYS A CB  1 
ATOM   1256 C  CG  . LYS A 1 170 ? 14.021  13.855  -10.533 1.00 31.63 ? 176 LYS A CG  1 
ATOM   1257 C  CD  . LYS A 1 170 ? 14.433  12.716  -11.483 1.00 31.63 ? 176 LYS A CD  1 
ATOM   1258 C  CE  . LYS A 1 170 ? 13.259  12.168  -12.289 1.00 31.63 ? 176 LYS A CE  1 
ATOM   1259 N  NZ  . LYS A 1 170 ? 12.475  13.276  -12.908 1.00 31.63 ? 176 LYS A NZ  1 
ATOM   1260 N  N   . ASP A 1 171 ? 14.681  12.118  -6.046  1.00 40.00 ? 177 ASP A N   1 
ATOM   1261 C  CA  . ASP A 1 171 ? 15.268  12.063  -4.699  1.00 40.00 ? 177 ASP A CA  1 
ATOM   1262 C  C   . ASP A 1 171 ? 14.493  11.005  -3.903  1.00 40.00 ? 177 ASP A C   1 
ATOM   1263 O  O   . ASP A 1 171 ? 13.455  10.548  -4.354  1.00 43.95 ? 177 ASP A O   1 
ATOM   1264 C  CB  . ASP A 1 171 ? 15.274  13.436  -3.974  1.00 43.95 ? 177 ASP A CB  1 
ATOM   1265 C  CG  . ASP A 1 171 ? 13.946  14.187  -4.076  1.00 43.95 ? 177 ASP A CG  1 
ATOM   1266 O  OD1 . ASP A 1 171 ? 12.891  13.661  -3.654  1.00 43.95 ? 177 ASP A OD1 1 
ATOM   1267 O  OD2 . ASP A 1 171 ? 13.949  15.335  -4.556  1.00 43.95 ? 177 ASP A OD2 1 
ATOM   1268 N  N   . LEU A 1 172 ? 14.978  10.637  -2.725  1.00 15.91 ? 178 LEU A N   1 
ATOM   1269 C  CA  . LEU A 1 172 ? 14.335  9.596   -1.934  1.00 15.91 ? 178 LEU A CA  1 
ATOM   1270 C  C   . LEU A 1 172 ? 13.119  10.075  -1.166  1.00 15.91 ? 178 LEU A C   1 
ATOM   1271 O  O   . LEU A 1 172 ? 12.362  9.285   -0.593  1.00 22.54 ? 178 LEU A O   1 
ATOM   1272 C  CB  . LEU A 1 172 ? 15.325  8.996   -0.934  1.00 22.54 ? 178 LEU A CB  1 
ATOM   1273 C  CG  . LEU A 1 172 ? 16.305  7.875   -1.295  1.00 22.54 ? 178 LEU A CG  1 
ATOM   1274 C  CD1 . LEU A 1 172 ? 15.712  6.978   -2.376  1.00 22.54 ? 178 LEU A CD1 1 
ATOM   1275 C  CD2 . LEU A 1 172 ? 17.608  8.460   -1.725  1.00 22.54 ? 178 LEU A CD2 1 
ATOM   1276 N  N   . GLY A 1 173 ? 12.990  11.389  -1.101  1.00 17.05 ? 179 GLY A N   1 
ATOM   1277 C  CA  . GLY A 1 173 ? 11.900  12.001  -0.376  1.00 17.05 ? 179 GLY A CA  1 
ATOM   1278 C  C   . GLY A 1 173 ? 12.227  12.272  1.074   1.00 17.05 ? 179 GLY A C   1 
ATOM   1279 O  O   . GLY A 1 173 ? 13.226  12.916  1.394   1.00 32.10 ? 179 GLY A O   1 
ATOM   1280 N  N   . ASN A 1 174 ? 11.338  11.828  1.958   1.00 25.98 ? 180 ASN A N   1 
ATOM   1281 C  CA  . ASN A 1 174 ? 11.516  12.015  3.395   1.00 25.98 ? 180 ASN A CA  1 
ATOM   1282 C  C   . ASN A 1 174 ? 12.331  10.839  3.918   1.00 25.98 ? 180 ASN A C   1 
ATOM   1283 O  O   . ASN A 1 174 ? 11.888  9.694   3.977   1.00 26.77 ? 180 ASN A O   1 
ATOM   1284 C  CB  . ASN A 1 174 ? 10.139  12.018  4.121   1.00 26.77 ? 180 ASN A CB  1 
ATOM   1285 C  CG  . ASN A 1 174 ? 10.284  12.223  5.616   1.00 26.77 ? 180 ASN A CG  1 
ATOM   1286 O  OD1 . ASN A 1 174 ? 10.919  13.182  6.069   1.00 26.77 ? 180 ASN A OD1 1 
ATOM   1287 N  ND2 . ASN A 1 174 ? 9.722   11.322  6.390   1.00 26.77 ? 180 ASN A ND2 1 
ATOM   1288 N  N   . VAL A 1 175 ? 13.592  11.132  4.151   1.00 12.11 ? 181 VAL A N   1 
ATOM   1289 C  CA  . VAL A 1 175 ? 14.498  10.133  4.625   1.00 12.11 ? 181 VAL A CA  1 
ATOM   1290 C  C   . VAL A 1 175 ? 14.692  10.297  6.124   1.00 12.11 ? 181 VAL A C   1 
ATOM   1291 O  O   . VAL A 1 175 ? 15.591  9.704   6.706   1.00 18.24 ? 181 VAL A O   1 
ATOM   1292 C  CB  . VAL A 1 175 ? 15.859  10.200  3.863   1.00 18.24 ? 181 VAL A CB  1 
ATOM   1293 C  CG1 . VAL A 1 175 ? 15.713  9.658   2.439   1.00 18.24 ? 181 VAL A CG1 1 
ATOM   1294 C  CG2 . VAL A 1 175 ? 16.366  11.639  3.820   1.00 18.24 ? 181 VAL A CG2 1 
ATOM   1295 N  N   . ALA A 1 176 ? 13.865  11.112  6.758   1.00 13.06 ? 182 ALA A N   1 
ATOM   1296 C  CA  . ALA A 1 176 ? 13.992  11.265  8.190   1.00 13.06 ? 182 ALA A CA  1 
ATOM   1297 C  C   . ALA A 1 176 ? 14.042  9.874   8.837   1.00 13.06 ? 182 ALA A C   1 
ATOM   1298 O  O   . ALA A 1 176 ? 15.029  9.525   9.470   1.00 46.22 ? 182 ALA A O   1 
ATOM   1299 C  CB  . ALA A 1 176 ? 12.817  12.050  8.728   1.00 46.22 ? 182 ALA A CB  1 
ATOM   1300 N  N   . ASP A 1 177 ? 13.029  9.041   8.581   1.00 16.64 ? 183 ASP A N   1 
ATOM   1301 C  CA  . ASP A 1 177 ? 12.931  7.698   9.166   1.00 16.64 ? 183 ASP A CA  1 
ATOM   1302 C  C   . ASP A 1 177 ? 13.481  6.566   8.355   1.00 16.64 ? 183 ASP A C   1 
ATOM   1303 O  O   . ASP A 1 177 ? 13.199  5.411   8.652   1.00 20.91 ? 183 ASP A O   1 
ATOM   1304 C  CB  . ASP A 1 177 ? 11.479  7.408   9.471   1.00 20.91 ? 183 ASP A CB  1 
ATOM   1305 C  CG  . ASP A 1 177 ? 10.929  8.320   10.517  1.00 20.91 ? 183 ASP A CG  1 
ATOM   1306 O  OD1 . ASP A 1 177 ? 11.422  8.263   11.648  1.00 20.91 ? 183 ASP A OD1 1 
ATOM   1307 O  OD2 . ASP A 1 177 ? 10.012  9.112   10.246  1.00 20.91 ? 183 ASP A OD2 1 
ATOM   1308 N  N   . ALA A 1 178 ? 14.334  6.877   7.392   1.00 11.41 ? 184 ALA A N   1 
ATOM   1309 C  CA  . ALA A 1 178 ? 14.887  5.859   6.513   1.00 11.41 ? 184 ALA A CA  1 
ATOM   1310 C  C   . ALA A 1 178 ? 16.191  5.209   6.947   1.00 11.41 ? 184 ALA A C   1 
ATOM   1311 O  O   . ALA A 1 178 ? 16.829  5.662   7.896   1.00 10.63 ? 184 ALA A O   1 
ATOM   1312 C  CB  . ALA A 1 178 ? 15.012  6.420   5.093   1.00 10.63 ? 184 ALA A CB  1 
ATOM   1313 N  N   . TYR A 1 179 ? 16.470  4.076   6.304   1.00 3.75  ? 185 TYR A N   1 
ATOM   1314 C  CA  . TYR A 1 179 ? 17.652  3.247   6.466   1.00 3.75  ? 185 TYR A CA  1 
ATOM   1315 C  C   . TYR A 1 179 ? 18.244  3.095   5.077   1.00 3.75  ? 185 TYR A C   1 
ATOM   1316 O  O   . TYR A 1 179 ? 18.183  2.017   4.447   1.00 15.42 ? 185 TYR A O   1 
ATOM   1317 C  CB  . TYR A 1 179 ? 17.242  1.907   7.013   1.00 15.42 ? 185 TYR A CB  1 
ATOM   1318 C  CG  . TYR A 1 179 ? 16.766  2.035   8.434   1.00 15.42 ? 185 TYR A CG  1 
ATOM   1319 C  CD1 . TYR A 1 179 ? 15.477  2.482   8.721   1.00 15.42 ? 185 TYR A CD1 1 
ATOM   1320 C  CD2 . TYR A 1 179 ? 17.628  1.778   9.499   1.00 15.42 ? 185 TYR A CD2 1 
ATOM   1321 C  CE1 . TYR A 1 179 ? 15.068  2.670   10.008  1.00 15.42 ? 185 TYR A CE1 1 
ATOM   1322 C  CE2 . TYR A 1 179 ? 17.220  1.964   10.805  1.00 15.42 ? 185 TYR A CE2 1 
ATOM   1323 C  CZ  . TYR A 1 179 ? 15.939  2.411   11.057  1.00 15.42 ? 185 TYR A CZ  1 
ATOM   1324 O  OH  . TYR A 1 179 ? 15.524  2.586   12.364  1.00 15.42 ? 185 TYR A OH  1 
ATOM   1325 N  N   . VAL A 1 180 ? 18.853  4.187   4.614   1.00 9.50  ? 186 VAL A N   1 
ATOM   1326 C  CA  . VAL A 1 180 ? 19.402  4.227   3.270   1.00 9.50  ? 186 VAL A CA  1 
ATOM   1327 C  C   . VAL A 1 180 ? 20.384  3.091   2.931   1.00 9.50  ? 186 VAL A C   1 
ATOM   1328 O  O   . VAL A 1 180 ? 20.360  2.516   1.829   1.00 24.68 ? 186 VAL A O   1 
ATOM   1329 C  CB  . VAL A 1 180 ? 19.915  5.641   2.900   1.00 24.68 ? 186 VAL A CB  1 
ATOM   1330 C  CG1 . VAL A 1 180 ? 20.166  5.697   1.383   1.00 24.68 ? 186 VAL A CG1 1 
ATOM   1331 C  CG2 . VAL A 1 180 ? 18.871  6.709   3.258   1.00 24.68 ? 186 VAL A CG2 1 
ATOM   1332 N  N   . ASN A 1 181 ? 21.113  2.660   3.946   1.00 24.67 ? 187 ASN A N   1 
ATOM   1333 C  CA  . ASN A 1 181 ? 22.082  1.587   3.793   1.00 24.67 ? 187 ASN A CA  1 
ATOM   1334 C  C   . ASN A 1 181 ? 21.391  0.223   3.609   1.00 24.67 ? 187 ASN A C   1 
ATOM   1335 O  O   . ASN A 1 181 ? 21.801  -0.558  2.749   1.00 52.03 ? 187 ASN A O   1 
ATOM   1336 C  CB  . ASN A 1 181 ? 23.027  1.581   4.999   1.00 52.03 ? 187 ASN A CB  1 
ATOM   1337 C  CG  . ASN A 1 181 ? 23.426  2.994   5.422   1.00 52.03 ? 187 ASN A CG  1 
ATOM   1338 O  OD1 . ASN A 1 181 ? 24.542  3.436   5.173   1.00 52.03 ? 187 ASN A OD1 1 
ATOM   1339 N  ND2 . ASN A 1 181 ? 22.481  3.729   6.024   1.00 52.03 ? 187 ASN A ND2 1 
ATOM   1340 N  N   . GLU A 1 182 ? 20.333  -0.057  4.386   1.00 18.80 ? 188 GLU A N   1 
ATOM   1341 C  CA  . GLU A 1 182 ? 19.607  -1.343  4.281   1.00 18.80 ? 188 GLU A CA  1 
ATOM   1342 C  C   . GLU A 1 182 ? 18.710  -1.345  3.071   1.00 18.80 ? 188 GLU A C   1 
ATOM   1343 O  O   . GLU A 1 182 ? 18.500  -2.376  2.439   1.00 25.39 ? 188 GLU A O   1 
ATOM   1344 C  CB  . GLU A 1 182 ? 18.718  -1.607  5.492   1.00 25.39 ? 188 GLU A CB  1 
ATOM   1345 C  CG  . GLU A 1 182 ? 19.415  -2.174  6.729   1.00 25.39 ? 188 GLU A CG  1 
ATOM   1346 C  CD  . GLU A 1 182 ? 20.032  -1.115  7.636   1.00 25.39 ? 188 GLU A CD  1 
ATOM   1347 O  OE1 . GLU A 1 182 ? 20.335  -0.006  7.146   1.00 25.39 ? 188 GLU A OE1 1 
ATOM   1348 O  OE2 . GLU A 1 182 ? 20.222  -1.397  8.843   1.00 25.39 ? 188 GLU A OE2 1 
ATOM   1349 N  N   . TRP A 1 183 ? 18.208  -0.160  2.746   1.00 10.83 ? 189 TRP A N   1 
ATOM   1350 C  CA  . TRP A 1 183 ? 17.289  0.049   1.640   1.00 10.83 ? 189 TRP A CA  1 
ATOM   1351 C  C   . TRP A 1 183 ? 17.597  -0.671  0.336   1.00 10.83 ? 189 TRP A C   1 
ATOM   1352 O  O   . TRP A 1 183 ? 16.685  -1.234  -0.248  1.00 6.50  ? 189 TRP A O   1 
ATOM   1353 C  CB  . TRP A 1 183 ? 17.135  1.539   1.410   1.00 6.50  ? 189 TRP A CB  1 
ATOM   1354 C  CG  . TRP A 1 183 ? 15.857  1.945   0.750   1.00 6.50  ? 189 TRP A CG  1 
ATOM   1355 C  CD1 . TRP A 1 183 ? 15.030  1.175   -0.026  1.00 6.50  ? 189 TRP A CD1 1 
ATOM   1356 C  CD2 . TRP A 1 183 ? 15.283  3.252   0.775   1.00 6.50  ? 189 TRP A CD2 1 
ATOM   1357 N  NE1 . TRP A 1 183 ? 13.991  1.933   -0.498  1.00 6.50  ? 189 TRP A NE1 1 
ATOM   1358 C  CE2 . TRP A 1 183 ? 14.118  3.210   -0.023  1.00 6.50  ? 189 TRP A CE2 1 
ATOM   1359 C  CE3 . TRP A 1 183 ? 15.652  4.463   1.372   1.00 6.50  ? 189 TRP A CE3 1 
ATOM   1360 C  CZ2 . TRP A 1 183 ? 13.297  4.342   -0.221  1.00 6.50  ? 189 TRP A CZ2 1 
ATOM   1361 C  CZ3 . TRP A 1 183 ? 14.846  5.585   1.169   1.00 6.50  ? 189 TRP A CZ3 1 
ATOM   1362 C  CH2 . TRP A 1 183 ? 13.684  5.513   0.373   1.00 6.50  ? 189 TRP A CH2 1 
ATOM   1363 N  N   . SER A 1 184 ? 18.849  -0.644  -0.140  1.00 13.42 ? 190 SER A N   1 
ATOM   1364 C  CA  . SER A 1 184 ? 19.215  -1.361  -1.388  1.00 13.42 ? 190 SER A CA  1 
ATOM   1365 C  C   . SER A 1 184 ? 19.114  -2.887  -1.227  1.00 13.42 ? 190 SER A C   1 
ATOM   1366 O  O   . SER A 1 184 ? 18.621  -3.572  -2.117  1.00 23.29 ? 190 SER A O   1 
ATOM   1367 C  CB  . SER A 1 184 ? 20.625  -0.981  -1.874  1.00 23.29 ? 190 SER A CB  1 
ATOM   1368 O  OG  . SER A 1 184 ? 20.722  0.379   -2.271  1.00 23.29 ? 190 SER A OG  1 
ATOM   1369 N  N   . THR A 1 185 ? 19.557  -3.414  -0.085  1.00 34.86 ? 191 THR A N   1 
ATOM   1370 C  CA  . THR A 1 185 ? 19.479  -4.861  0.159   1.00 34.86 ? 191 THR A CA  1 
ATOM   1371 C  C   . THR A 1 185 ? 17.999  -5.329  0.161   1.00 34.86 ? 191 THR A C   1 
ATOM   1372 O  O   . THR A 1 185 ? 17.657  -6.342  -0.454  1.00 22.13 ? 191 THR A O   1 
ATOM   1373 C  CB  . THR A 1 185 ? 20.201  -5.262  1.496   1.00 22.13 ? 191 THR A CB  1 
ATOM   1374 O  OG1 . THR A 1 185 ? 21.584  -4.918  1.405   1.00 22.13 ? 191 THR A OG1 1 
ATOM   1375 C  CG2 . THR A 1 185 ? 20.111  -6.772  1.743   1.00 22.13 ? 191 THR A CG2 1 
ATOM   1376 N  N   . SER A 1 186 ? 17.133  -4.490  0.737   1.00 15.11 ? 192 SER A N   1 
ATOM   1377 C  CA  . SER A 1 186 ? 15.709  -4.741  0.849   1.00 15.11 ? 192 SER A CA  1 
ATOM   1378 C  C   . SER A 1 186 ? 15.028  -4.859  -0.507  1.00 15.11 ? 192 SER A C   1 
ATOM   1379 O  O   . SER A 1 186 ? 14.232  -5.766  -0.738  1.00 12.24 ? 192 SER A O   1 
ATOM   1380 C  CB  . SER A 1 186 ? 15.118  -3.650  1.705   1.00 12.24 ? 192 SER A CB  1 
ATOM   1381 O  OG  . SER A 1 186 ? 15.548  -3.870  3.043   1.00 12.24 ? 192 SER A OG  1 
ATOM   1382 N  N   . ILE A 1 187 ? 15.366  -3.937  -1.398  1.00 4.76  ? 193 ILE A N   1 
ATOM   1383 C  CA  . ILE A 1 187 ? 14.868  -3.922  -2.758  1.00 4.76  ? 193 ILE A CA  1 
ATOM   1384 C  C   . ILE A 1 187 ? 15.469  -5.107  -3.485  1.00 4.76  ? 193 ILE A C   1 
ATOM   1385 O  O   . ILE A 1 187 ? 14.802  -5.699  -4.336  1.00 15.58 ? 193 ILE A O   1 
ATOM   1386 C  CB  . ILE A 1 187 ? 15.276  -2.655  -3.492  1.00 15.58 ? 193 ILE A CB  1 
ATOM   1387 C  CG1 . ILE A 1 187 ? 14.350  -1.482  -3.145  1.00 15.58 ? 193 ILE A CG1 1 
ATOM   1388 C  CG2 . ILE A 1 187 ? 15.240  -2.910  -4.960  1.00 15.58 ? 193 ILE A CG2 1 
ATOM   1389 C  CD1 . ILE A 1 187 ? 14.808  -0.160  -3.721  1.00 15.58 ? 193 ILE A CD1 1 
ATOM   1390 N  N   . GLU A 1 188 ? 16.711  -5.473  -3.154  1.00 8.83  ? 194 GLU A N   1 
ATOM   1391 C  CA  . GLU A 1 188 ? 17.338  -6.616  -3.807  1.00 8.83  ? 194 GLU A CA  1 
ATOM   1392 C  C   . GLU A 1 188 ? 16.531  -7.825  -3.399  1.00 8.83  ? 194 GLU A C   1 
ATOM   1393 O  O   . GLU A 1 188 ? 16.315  -8.735  -4.176  1.00 39.71 ? 194 GLU A O   1 
ATOM   1394 C  CB  . GLU A 1 188 ? 18.787  -6.827  -3.346  1.00 39.71 ? 194 GLU A CB  1 
ATOM   1395 C  CG  . GLU A 1 188 ? 19.822  -5.811  -3.846  1.00 39.71 ? 194 GLU A CG  1 
ATOM   1396 C  CD  . GLU A 1 188 ? 19.982  -5.742  -5.373  1.00 39.71 ? 194 GLU A CD  1 
ATOM   1397 O  OE1 . GLU A 1 188 ? 19.552  -6.665  -6.119  1.00 39.71 ? 194 GLU A OE1 1 
ATOM   1398 O  OE2 . GLU A 1 188 ? 20.574  -4.739  -5.820  1.00 39.71 ? 194 GLU A OE2 1 
ATOM   1399 N  N   . ASN A 1 189 ? 16.077  -7.817  -2.158  1.00 19.52 ? 195 ASN A N   1 
ATOM   1400 C  CA  . ASN A 1 189 ? 15.290  -8.915  -1.636  1.00 19.52 ? 195 ASN A CA  1 
ATOM   1401 C  C   . ASN A 1 189 ? 13.999  -9.125  -2.409  1.00 19.52 ? 195 ASN A C   1 
ATOM   1402 O  O   . ASN A 1 189 ? 13.607  -10.272 -2.674  1.00 33.66 ? 195 ASN A O   1 
ATOM   1403 C  CB  . ASN A 1 189 ? 14.978  -8.693  -0.166  1.00 33.66 ? 195 ASN A CB  1 
ATOM   1404 C  CG  . ASN A 1 189 ? 16.124  -9.079  0.726   1.00 33.66 ? 195 ASN A CG  1 
ATOM   1405 O  OD1 . ASN A 1 189 ? 17.091  -9.703  0.266   1.00 33.66 ? 195 ASN A OD1 1 
ATOM   1406 N  ND2 . ASN A 1 189 ? 16.034  -8.725  2.010   1.00 33.66 ? 195 ASN A ND2 1 
ATOM   1407 N  N   . VAL A 1 190 ? 13.330  -8.023  -2.753  1.00 19.77 ? 196 VAL A N   1 
ATOM   1408 C  CA  . VAL A 1 190 ? 12.077  -8.087  -3.517  1.00 19.77 ? 196 VAL A CA  1 
ATOM   1409 C  C   . VAL A 1 190 ? 12.399  -8.682  -4.880  1.00 19.77 ? 196 VAL A C   1 
ATOM   1410 O  O   . VAL A 1 190 ? 11.840  -9.707  -5.257  1.00 15.08 ? 196 VAL A O   1 
ATOM   1411 C  CB  . VAL A 1 190 ? 11.401  -6.698  -3.668  1.00 15.08 ? 196 VAL A CB  1 
ATOM   1412 C  CG1 . VAL A 1 190 ? 10.283  -6.755  -4.686  1.00 15.08 ? 196 VAL A CG1 1 
ATOM   1413 C  CG2 . VAL A 1 190 ? 10.846  -6.242  -2.333  1.00 15.08 ? 196 VAL A CG2 1 
ATOM   1414 N  N   . LEU A 1 191 ? 13.391  -8.112  -5.554  1.00 9.47  ? 197 LEU A N   1 
ATOM   1415 C  CA  . LEU A 1 191 ? 13.810  -8.603  -6.866  1.00 9.47  ? 197 LEU A CA  1 
ATOM   1416 C  C   . LEU A 1 191 ? 14.151  -10.100 -6.935  1.00 9.47  ? 197 LEU A C   1 
ATOM   1417 O  O   . LEU A 1 191 ? 13.943  -10.742 -7.959  1.00 28.09 ? 197 LEU A O   1 
ATOM   1418 C  CB  . LEU A 1 191 ? 14.968  -7.751  -7.405  1.00 28.09 ? 197 LEU A CB  1 
ATOM   1419 C  CG  . LEU A 1 191 ? 14.493  -6.401  -7.983  1.00 28.09 ? 197 LEU A CG  1 
ATOM   1420 C  CD1 . LEU A 1 191 ? 15.648  -5.437  -8.293  1.00 28.09 ? 197 LEU A CD1 1 
ATOM   1421 C  CD2 . LEU A 1 191 ? 13.640  -6.666  -9.242  1.00 28.09 ? 197 LEU A CD2 1 
ATOM   1422 N  N   . LYS A 1 192 ? 14.666  -10.649 -5.844  1.00 29.73 ? 198 LYS A N   1 
ATOM   1423 C  CA  . LYS A 1 192 ? 15.047  -12.065 -5.788  1.00 29.73 ? 198 LYS A CA  1 
ATOM   1424 C  C   . LYS A 1 192 ? 13.812  -12.945 -5.568  1.00 29.73 ? 198 LYS A C   1 
ATOM   1425 O  O   . LYS A 1 192 ? 13.733  -14.077 -6.055  1.00 48.40 ? 198 LYS A O   1 
ATOM   1426 C  CB  . LYS A 1 192 ? 16.061  -12.292 -4.651  1.00 48.40 ? 198 LYS A CB  1 
ATOM   1427 C  CG  . LYS A 1 192 ? 17.398  -11.515 -4.804  1.00 48.40 ? 198 LYS A CG  1 
ATOM   1428 C  CD  . LYS A 1 192 ? 18.574  -12.365 -5.380  1.00 48.40 ? 198 LYS A CD  1 
ATOM   1429 C  CE  . LYS A 1 192 ? 19.976  -11.712 -5.156  1.00 48.40 ? 198 LYS A CE  1 
ATOM   1430 N  NZ  . LYS A 1 192 ? 21.154  -12.620 -5.502  1.00 48.40 ? 198 LYS A NZ  1 
ATOM   1431 N  N   . ARG A 1 193 ? 12.863  -12.424 -4.802  1.00 21.75 ? 199 ARG A N   1 
ATOM   1432 C  CA  . ARG A 1 193 ? 11.670  -13.172 -4.503  1.00 21.75 ? 199 ARG A CA  1 
ATOM   1433 C  C   . ARG A 1 193 ? 10.677  -13.063 -5.635  1.00 21.75 ? 199 ARG A C   1 
ATOM   1434 O  O   . ARG A 1 193 ? 9.962   -14.014 -5.936  1.00 24.71 ? 199 ARG A O   1 
ATOM   1435 C  CB  . ARG A 1 193 ? 11.045  -12.628 -3.252  1.00 24.71 ? 199 ARG A CB  1 
ATOM   1436 C  CG  . ARG A 1 193 ? 10.107  -13.592 -2.615  1.00 24.71 ? 199 ARG A CG  1 
ATOM   1437 C  CD  . ARG A 1 193 ? 9.246   -12.826 -1.633  1.00 24.71 ? 199 ARG A CD  1 
ATOM   1438 N  NE  . ARG A 1 193 ? 8.237   -13.683 -1.046  1.00 24.71 ? 199 ARG A NE  1 
ATOM   1439 C  CZ  . ARG A 1 193 ? 8.482   -14.821 -0.405  1.00 24.71 ? 199 ARG A CZ  1 
ATOM   1440 N  NH1 . ARG A 1 193 ? 9.722   -15.247 -0.243  1.00 24.71 ? 199 ARG A NH1 1 
ATOM   1441 N  NH2 . ARG A 1 193 ? 7.478   -15.568 0.030   1.00 24.71 ? 199 ARG A NH2 1 
ATOM   1442 N  N   . TYR A 1 194 ? 10.620  -11.893 -6.257  1.00 17.47 ? 200 TYR A N   1 
ATOM   1443 C  CA  . TYR A 1 194 ? 9.681   -11.671 -7.336  1.00 17.47 ? 200 TYR A CA  1 
ATOM   1444 C  C   . TYR A 1 194 ? 10.282  -11.464 -8.727  1.00 17.47 ? 200 TYR A C   1 
ATOM   1445 O  O   . TYR A 1 194 ? 10.467  -10.335 -9.180  1.00 18.44 ? 200 TYR A O   1 
ATOM   1446 C  CB  . TYR A 1 194 ? 8.723   -10.528 -6.980  1.00 18.44 ? 200 TYR A CB  1 
ATOM   1447 C  CG  . TYR A 1 194 ? 7.998   -10.718 -5.642  1.00 18.44 ? 200 TYR A CG  1 
ATOM   1448 C  CD1 . TYR A 1 194 ? 7.350   -11.923 -5.328  1.00 18.44 ? 200 TYR A CD1 1 
ATOM   1449 C  CD2 . TYR A 1 194 ? 7.998   -9.704  -4.674  1.00 18.44 ? 200 TYR A CD2 1 
ATOM   1450 C  CE1 . TYR A 1 194 ? 6.736   -12.113 -4.095  1.00 18.44 ? 200 TYR A CE1 1 
ATOM   1451 C  CE2 . TYR A 1 194 ? 7.378   -9.884  -3.437  1.00 18.44 ? 200 TYR A CE2 1 
ATOM   1452 C  CZ  . TYR A 1 194 ? 6.756   -11.087 -3.155  1.00 18.44 ? 200 TYR A CZ  1 
ATOM   1453 O  OH  . TYR A 1 194 ? 6.141   -11.260 -1.943  1.00 18.44 ? 200 TYR A OH  1 
ATOM   1454 N  N   . ARG A 1 195 ? 10.620  -12.573 -9.384  1.00 32.68 ? 201 ARG A N   1 
ATOM   1455 C  CA  . ARG A 1 195 ? 11.117  -12.536 -10.756 1.00 32.68 ? 201 ARG A CA  1 
ATOM   1456 C  C   . ARG A 1 195 ? 9.820   -12.541 -11.574 1.00 32.68 ? 201 ARG A C   1 
ATOM   1457 O  O   . ARG A 1 195 ? 8.841   -13.199 -11.193 1.00 52.39 ? 201 ARG A O   1 
ATOM   1458 C  CB  . ARG A 1 195 ? 11.962  -13.764 -11.068 1.00 52.39 ? 201 ARG A CB  1 
ATOM   1459 C  CG  . ARG A 1 195 ? 13.351  -13.790 -10.400 1.00 52.39 ? 201 ARG A CG  1 
ATOM   1460 C  CD  . ARG A 1 195 ? 14.282  -12.629 -10.862 1.00 52.39 ? 201 ARG A CD  1 
ATOM   1461 N  NE  . ARG A 1 195 ? 14.307  -12.395 -12.319 1.00 52.39 ? 201 ARG A NE  1 
ATOM   1462 C  CZ  . ARG A 1 195 ? 14.539  -13.332 -13.241 1.00 52.39 ? 201 ARG A CZ  1 
ATOM   1463 N  NH1 . ARG A 1 195 ? 14.779  -14.592 -12.886 1.00 52.39 ? 201 ARG A NH1 1 
ATOM   1464 N  NH2 . ARG A 1 195 ? 14.483  -13.014 -14.527 1.00 52.39 ? 201 ARG A NH2 1 
ATOM   1465 N  N   . ASN A 1 196 ? 9.798   -11.771 -12.657 1.00 42.23 ? 202 ASN A N   1 
ATOM   1466 C  CA  . ASN A 1 196 ? 8.607   -11.659 -13.505 1.00 42.23 ? 202 ASN A CA  1 
ATOM   1467 C  C   . ASN A 1 196 ? 7.566   -10.888 -12.692 1.00 42.23 ? 202 ASN A C   1 
ATOM   1468 O  O   . ASN A 1 196 ? 6.822   -11.436 -11.881 1.00 17.79 ? 202 ASN A O   1 
ATOM   1469 C  CB  . ASN A 1 196 ? 8.088   -13.039 -13.895 1.00 17.79 ? 202 ASN A CB  1 
ATOM   1470 C  CG  . ASN A 1 196 ? 7.108   -13.004 -15.035 1.00 17.79 ? 202 ASN A CG  1 
ATOM   1471 O  OD1 . ASN A 1 196 ? 6.848   -11.959 -15.637 1.00 17.79 ? 202 ASN A OD1 1 
ATOM   1472 N  ND2 . ASN A 1 196 ? 6.580   -14.159 -15.363 1.00 17.79 ? 202 ASN A ND2 1 
ATOM   1473 N  N   . ILE A 1 197 ? 7.629   -9.576  -12.836 1.00 20.88 ? 203 ILE A N   1 
ATOM   1474 C  CA  . ILE A 1 197 ? 6.735   -8.674  -12.138 1.00 20.88 ? 203 ILE A CA  1 
ATOM   1475 C  C   . ILE A 1 197 ? 6.110   -7.921  -13.278 1.00 20.88 ? 203 ILE A C   1 
ATOM   1476 O  O   . ILE A 1 197 ? 6.839   -7.392  -14.122 1.00 21.77 ? 203 ILE A O   1 
ATOM   1477 C  CB  . ILE A 1 197 ? 7.543   -7.683  -11.224 1.00 21.77 ? 203 ILE A CB  1 
ATOM   1478 C  CG1 . ILE A 1 197 ? 8.049   -8.401  -9.978  1.00 21.77 ? 203 ILE A CG1 1 
ATOM   1479 C  CG2 . ILE A 1 197 ? 6.713   -6.470  -10.836 1.00 21.77 ? 203 ILE A CG2 1 
ATOM   1480 C  CD1 . ILE A 1 197 ? 8.778   -7.501  -9.052  1.00 21.77 ? 203 ILE A CD1 1 
ATOM   1481 N  N   . ASN A 1 198 ? 4.780   -7.940  -13.347 1.00 11.68 ? 204 ASN A N   1 
ATOM   1482 C  CA  . ASN A 1 198 ? 4.053   -7.244  -14.398 1.00 11.68 ? 204 ASN A CA  1 
ATOM   1483 C  C   . ASN A 1 198 ? 3.915   -5.746  -14.226 1.00 11.68 ? 204 ASN A C   1 
ATOM   1484 O  O   . ASN A 1 198 ? 4.215   -4.969  -15.149 1.00 39.46 ? 204 ASN A O   1 
ATOM   1485 C  CB  . ASN A 1 198 ? 2.690   -7.859  -14.559 1.00 39.46 ? 204 ASN A CB  1 
ATOM   1486 C  CG  . ASN A 1 198 ? 2.534   -8.480  -15.894 1.00 39.46 ? 204 ASN A CG  1 
ATOM   1487 O  OD1 . ASN A 1 198 ? 2.811   -9.674  -16.075 1.00 39.46 ? 204 ASN A OD1 1 
ATOM   1488 N  ND2 . ASN A 1 198 ? 2.187   -7.655  -16.886 1.00 39.46 ? 204 ASN A ND2 1 
ATOM   1489 N  N   . ALA A 1 199 ? 3.403   -5.340  -13.067 1.00 15.18 ? 205 ALA A N   1 
ATOM   1490 C  CA  . ALA A 1 199 ? 3.234   -3.931  -12.751 1.00 15.18 ? 205 ALA A CA  1 
ATOM   1491 C  C   . ALA A 1 199 ? 3.686   -3.694  -11.326 1.00 15.18 ? 205 ALA A C   1 
ATOM   1492 O  O   . ALA A 1 199 ? 3.525   -4.568  -10.462 1.00 19.57 ? 205 ALA A O   1 
ATOM   1493 C  CB  . ALA A 1 199 ? 1.782   -3.539  -12.888 1.00 19.57 ? 205 ALA A CB  1 
ATOM   1494 N  N   . VAL A 1 200 ? 4.265   -2.522  -11.089 1.00 16.86 ? 206 VAL A N   1 
ATOM   1495 C  CA  . VAL A 1 200 ? 4.741   -2.114  -9.768  1.00 16.86 ? 206 VAL A CA  1 
ATOM   1496 C  C   . VAL A 1 200 ? 4.076   -0.787  -9.457  1.00 16.86 ? 206 VAL A C   1 
ATOM   1497 O  O   . VAL A 1 200 ? 4.175   0.164   -10.233 1.00 19.52 ? 206 VAL A O   1 
ATOM   1498 C  CB  . VAL A 1 200 ? 6.290   -1.900  -9.710  1.00 19.52 ? 206 VAL A CB  1 
ATOM   1499 C  CG1 . VAL A 1 200 ? 6.677   -1.346  -8.349  1.00 19.52 ? 206 VAL A CG1 1 
ATOM   1500 C  CG2 . VAL A 1 200 ? 7.059   -3.222  -9.964  1.00 19.52 ? 206 VAL A CG2 1 
ATOM   1501 N  N   . VAL A 1 201 ? 3.313   -0.756  -8.376  1.00 15.00 ? 207 VAL A N   1 
ATOM   1502 C  CA  . VAL A 1 201 ? 2.627   0.453   -7.939  1.00 15.00 ? 207 VAL A CA  1 
ATOM   1503 C  C   . VAL A 1 201 ? 3.472   1.113   -6.816  1.00 15.00 ? 207 VAL A C   1 
ATOM   1504 O  O   . VAL A 1 201 ? 3.765   0.479   -5.801  1.00 15.51 ? 207 VAL A O   1 
ATOM   1505 C  CB  . VAL A 1 201 ? 1.197   0.099   -7.434  1.00 15.51 ? 207 VAL A CB  1 
ATOM   1506 C  CG1 . VAL A 1 201 ? 0.456   1.335   -6.992  1.00 15.51 ? 207 VAL A CG1 1 
ATOM   1507 C  CG2 . VAL A 1 201 ? 0.410   -0.662  -8.513  1.00 15.51 ? 207 VAL A CG2 1 
ATOM   1508 N  N   . PRO A 1 202 ? 3.981   2.342   -7.057  1.00 16.38 ? 208 PRO A N   1 
ATOM   1509 C  CA  . PRO A 1 202 ? 4.786   3.060   -6.075  1.00 16.38 ? 208 PRO A CA  1 
ATOM   1510 C  C   . PRO A 1 202 ? 3.920   3.700   -4.988  1.00 16.38 ? 208 PRO A C   1 
ATOM   1511 O  O   . PRO A 1 202 ? 2.682   3.822   -5.120  1.00 13.77 ? 208 PRO A O   1 
ATOM   1512 C  CB  . PRO A 1 202 ? 5.485   4.125   -6.929  1.00 13.77 ? 208 PRO A CB  1 
ATOM   1513 C  CG  . PRO A 1 202 ? 4.472   4.457   -7.933  1.00 13.77 ? 208 PRO A CG  1 
ATOM   1514 C  CD  . PRO A 1 202 ? 3.922   3.106   -8.324  1.00 13.77 ? 208 PRO A CD  1 
ATOM   1515 N  N   . GLY A 1 203 ? 4.574   4.140   -3.919  1.00 4.46  ? 209 GLY A N   1 
ATOM   1516 C  CA  . GLY A 1 203 ? 3.822   4.780   -2.860  1.00 4.46  ? 209 GLY A CA  1 
ATOM   1517 C  C   . GLY A 1 203 ? 3.314   6.104   -3.365  1.00 4.46  ? 209 GLY A C   1 
ATOM   1518 O  O   . GLY A 1 203 ? 2.329   6.613   -2.856  1.00 16.08 ? 209 GLY A O   1 
ATOM   1519 N  N   . HIS A 1 204 ? 4.063   6.723   -4.276  1.00 27.92 ? 210 HIS A N   1 
ATOM   1520 C  CA  . HIS A 1 204 ? 3.701   8.008   -4.900  1.00 27.92 ? 210 HIS A CA  1 
ATOM   1521 C  C   . HIS A 1 204 ? 4.135   8.001   -6.373  1.00 27.92 ? 210 HIS A C   1 
ATOM   1522 O  O   . HIS A 1 204 ? 5.186   7.452   -6.741  1.00 30.06 ? 210 HIS A O   1 
ATOM   1523 C  CB  . HIS A 1 204 ? 4.390   9.203   -4.241  1.00 30.06 ? 210 HIS A CB  1 
ATOM   1524 C  CG  . HIS A 1 204 ? 4.090   9.371   -2.795  1.00 30.06 ? 210 HIS A CG  1 
ATOM   1525 N  ND1 . HIS A 1 204 ? 3.675   10.569  -2.251  1.00 30.06 ? 210 HIS A ND1 1 
ATOM   1526 C  CD2 . HIS A 1 204 ? 4.214   8.515   -1.747  1.00 30.06 ? 210 HIS A CD2 1 
ATOM   1527 C  CE1 . HIS A 1 204 ? 3.559   10.446  -0.941  1.00 30.06 ? 210 HIS A CE1 1 
ATOM   1528 N  NE2 . HIS A 1 204 ? 3.879   9.207   -0.609  1.00 30.06 ? 210 HIS A NE2 1 
ATOM   1529 N  N   . GLY A 1 205 ? 3.330   8.646   -7.204  1.00 20.72 ? 211 GLY A N   1 
ATOM   1530 C  CA  . GLY A 1 205 ? 3.625   8.733   -8.616  1.00 20.72 ? 211 GLY A CA  1 
ATOM   1531 C  C   . GLY A 1 205 ? 2.957   7.705   -9.502  1.00 20.72 ? 211 GLY A C   1 
ATOM   1532 O  O   . GLY A 1 205 ? 2.023   7.015   -9.101  1.00 42.07 ? 211 GLY A O   1 
ATOM   1533 N  N   . GLU A 1 206 ? 3.502   7.581   -10.702 1.00 10.03 ? 212 GLU A N   1 
ATOM   1534 C  CA  . GLU A 1 206 ? 3.002   6.684   -11.727 1.00 10.03 ? 212 GLU A CA  1 
ATOM   1535 C  C   . GLU A 1 206 ? 3.375   5.231   -11.494 1.00 10.03 ? 212 GLU A C   1 
ATOM   1536 O  O   . GLU A 1 206 ? 4.433   4.921   -10.964 1.00 52.56 ? 212 GLU A O   1 
ATOM   1537 C  CB  . GLU A 1 206 ? 3.556   7.095   -13.115 1.00 52.56 ? 212 GLU A CB  1 
ATOM   1538 C  CG  . GLU A 1 206 ? 3.650   8.607   -13.434 1.00 52.56 ? 212 GLU A CG  1 
ATOM   1539 C  CD  . GLU A 1 206 ? 4.805   9.342   -12.708 1.00 52.56 ? 212 GLU A CD  1 
ATOM   1540 O  OE1 . GLU A 1 206 ? 5.922   8.773   -12.584 1.00 52.56 ? 212 GLU A OE1 1 
ATOM   1541 O  OE2 . GLU A 1 206 ? 4.587   10.508  -12.281 1.00 52.56 ? 212 GLU A OE2 1 
ATOM   1542 N  N   . VAL A 1 207 ? 2.466   4.368   -11.918 1.00 15.98 ? 213 VAL A N   1 
ATOM   1543 C  CA  . VAL A 1 207 ? 2.620   2.918   -11.872 1.00 15.98 ? 213 VAL A CA  1 
ATOM   1544 C  C   . VAL A 1 207 ? 3.569   2.601   -13.020 1.00 15.98 ? 213 VAL A C   1 
ATOM   1545 O  O   . VAL A 1 207 ? 3.543   3.283   -14.034 1.00 10.87 ? 213 VAL A O   1 
ATOM   1546 C  CB  . VAL A 1 207 ? 1.255   2.220   -12.172 1.00 10.87 ? 213 VAL A CB  1 
ATOM   1547 C  CG1 . VAL A 1 207 ? 1.432   0.757   -12.453 1.00 10.87 ? 213 VAL A CG1 1 
ATOM   1548 C  CG2 . VAL A 1 207 ? 0.316   2.418   -11.016 1.00 10.87 ? 213 VAL A CG2 1 
ATOM   1549 N  N   . GLY A 1 208 ? 4.381   1.559   -12.871 1.00 9.96  ? 214 GLY A N   1 
ATOM   1550 C  CA  . GLY A 1 208 ? 5.314   1.175   -13.914 1.00 9.96  ? 214 GLY A CA  1 
ATOM   1551 C  C   . GLY A 1 208 ? 5.578   -0.303  -13.760 1.00 9.96  ? 214 GLY A C   1 
ATOM   1552 O  O   . GLY A 1 208 ? 4.720   -1.015  -13.271 1.00 28.57 ? 214 GLY A O   1 
ATOM   1553 N  N   . ASP A 1 209 ? 6.750   -0.764  -14.180 1.00 19.18 ? 215 ASP A N   1 
ATOM   1554 C  CA  . ASP A 1 209 ? 7.146   -2.172  -14.089 1.00 19.18 ? 215 ASP A CA  1 
ATOM   1555 C  C   . ASP A 1 209 ? 8.386   -2.318  -13.185 1.00 19.18 ? 215 ASP A C   1 
ATOM   1556 O  O   . ASP A 1 209 ? 8.675   -1.424  -12.374 1.00 28.67 ? 215 ASP A O   1 
ATOM   1557 C  CB  . ASP A 1 209 ? 7.448   -2.734  -15.478 1.00 28.67 ? 215 ASP A CB  1 
ATOM   1558 C  CG  . ASP A 1 209 ? 8.581   -1.986  -16.195 1.00 28.67 ? 215 ASP A CG  1 
ATOM   1559 O  OD1 . ASP A 1 209 ? 8.754   -0.766  -15.979 1.00 28.67 ? 215 ASP A OD1 1 
ATOM   1560 O  OD2 . ASP A 1 209 ? 9.306   -2.618  -17.002 1.00 28.67 ? 215 ASP A OD2 1 
ATOM   1561 N  N   . LYS A 1 210 ? 9.169   -3.383  -13.418 1.00 21.21 ? 216 LYS A N   1 
ATOM   1562 C  CA  . LYS A 1 210 ? 10.358  -3.664  -12.614 1.00 21.21 ? 216 LYS A CA  1 
ATOM   1563 C  C   . LYS A 1 210 ? 11.346  -2.541  -12.679 1.00 21.21 ? 216 LYS A C   1 
ATOM   1564 O  O   . LYS A 1 210 ? 12.079  -2.292  -11.721 1.00 43.24 ? 216 LYS A O   1 
ATOM   1565 C  CB  . LYS A 1 210 ? 11.002  -5.026  -12.953 1.00 43.24 ? 216 LYS A CB  1 
ATOM   1566 C  CG  . LYS A 1 210 ? 11.864  -5.133  -14.216 1.00 43.24 ? 216 LYS A CG  1 
ATOM   1567 C  CD  . LYS A 1 210 ? 11.117  -4.924  -15.575 1.00 43.24 ? 216 LYS A CD  1 
ATOM   1568 C  CE  . LYS A 1 210 ? 9.937   -5.899  -15.845 1.00 43.24 ? 216 LYS A CE  1 
ATOM   1569 N  NZ  . LYS A 1 210 ? 8.567   -5.359  -15.476 1.00 43.24 ? 216 LYS A NZ  1 
ATOM   1570 N  N   . GLY A 1 211 ? 11.305  -1.793  -13.766 1.00 21.50 ? 217 GLY A N   1 
ATOM   1571 C  CA  . GLY A 1 211 ? 12.219  -0.677  -13.904 1.00 21.50 ? 217 GLY A CA  1 
ATOM   1572 C  C   . GLY A 1 211 ? 12.211  0.264   -12.701 1.00 21.50 ? 217 GLY A C   1 
ATOM   1573 O  O   . GLY A 1 211 ? 13.238  0.845   -12.359 1.00 22.87 ? 217 GLY A O   1 
ATOM   1574 N  N   . LEU A 1 212 ? 11.050  0.411   -12.061 1.00 22.91 ? 218 LEU A N   1 
ATOM   1575 C  CA  . LEU A 1 212 ? 10.921  1.286   -10.900 1.00 22.91 ? 218 LEU A CA  1 
ATOM   1576 C  C   . LEU A 1 212 ? 11.809  0.861   -9.733  1.00 22.91 ? 218 LEU A C   1 
ATOM   1577 O  O   . LEU A 1 212 ? 12.316  1.713   -8.999  1.00 16.82 ? 218 LEU A O   1 
ATOM   1578 C  CB  . LEU A 1 212 ? 9.473   1.348   -10.430 1.00 16.82 ? 218 LEU A CB  1 
ATOM   1579 C  CG  . LEU A 1 212 ? 8.434   2.091   -11.258 1.00 16.82 ? 218 LEU A CG  1 
ATOM   1580 C  CD1 . LEU A 1 212 ? 7.302   2.447   -10.323 1.00 16.82 ? 218 LEU A CD1 1 
ATOM   1581 C  CD2 . LEU A 1 212 ? 9.034   3.338   -11.867 1.00 16.82 ? 218 LEU A CD2 1 
ATOM   1582 N  N   . LEU A 1 213 ? 11.950  -0.452  -9.544  1.00 15.92 ? 219 LEU A N   1 
ATOM   1583 C  CA  . LEU A 1 213 ? 12.793  -0.993  -8.488  1.00 15.92 ? 219 LEU A CA  1 
ATOM   1584 C  C   . LEU A 1 213 ? 14.236  -0.606  -8.799  1.00 15.92 ? 219 LEU A C   1 
ATOM   1585 O  O   . LEU A 1 213 ? 15.004  -0.281  -7.889  1.00 25.49 ? 219 LEU A O   1 
ATOM   1586 C  CB  . LEU A 1 213 ? 12.680  -2.510  -8.424  1.00 25.49 ? 219 LEU A CB  1 
ATOM   1587 C  CG  . LEU A 1 213 ? 11.384  -3.078  -7.826  1.00 25.49 ? 219 LEU A CG  1 
ATOM   1588 C  CD1 . LEU A 1 213 ? 11.193  -4.542  -8.219  1.00 25.49 ? 219 LEU A CD1 1 
ATOM   1589 C  CD2 . LEU A 1 213 ? 11.391  -2.949  -6.313  1.00 25.49 ? 219 LEU A CD2 1 
ATOM   1590 N  N   . LEU A 1 214 ? 14.593  -0.615  -10.089 1.00 17.71 ? 220 LEU A N   1 
ATOM   1591 C  CA  . LEU A 1 214 ? 15.942  -0.254  -10.521 1.00 17.71 ? 220 LEU A CA  1 
ATOM   1592 C  C   . LEU A 1 214 ? 16.210  1.251   -10.429 1.00 17.71 ? 220 LEU A C   1 
ATOM   1593 O  O   . LEU A 1 214 ? 17.298  1.676   -10.092 1.00 14.55 ? 220 LEU A O   1 
ATOM   1594 C  CB  . LEU A 1 214 ? 16.218  -0.785  -11.925 1.00 14.55 ? 220 LEU A CB  1 
ATOM   1595 C  CG  . LEU A 1 214 ? 16.001  -2.284  -12.130 1.00 14.55 ? 220 LEU A CG  1 
ATOM   1596 C  CD1 . LEU A 1 214 ? 16.645  -2.689  -13.439 1.00 14.55 ? 220 LEU A CD1 1 
ATOM   1597 C  CD2 . LEU A 1 214 ? 16.570  -3.082  -10.961 1.00 14.55 ? 220 LEU A CD2 1 
ATOM   1598 N  N   . HIS A 1 215 ? 15.214  2.059   -10.718 1.00 2.00  ? 221 HIS A N   1 
ATOM   1599 C  CA  . HIS A 1 215 ? 15.350  3.496   -10.613 1.00 2.00  ? 221 HIS A CA  1 
ATOM   1600 C  C   . HIS A 1 215 ? 15.718  3.898   -9.168  1.00 2.00  ? 221 HIS A C   1 
ATOM   1601 O  O   . HIS A 1 215 ? 16.570  4.767   -8.947  1.00 21.26 ? 221 HIS A O   1 
ATOM   1602 C  CB  . HIS A 1 215 ? 14.010  4.121   -11.016 1.00 21.26 ? 221 HIS A CB  1 
ATOM   1603 C  CG  . HIS A 1 215 ? 13.856  5.563   -10.648 1.00 21.26 ? 221 HIS A CG  1 
ATOM   1604 N  ND1 . HIS A 1 215 ? 14.437  6.587   -11.362 1.00 21.26 ? 221 HIS A ND1 1 
ATOM   1605 C  CD2 . HIS A 1 215 ? 13.121  6.153   -9.672  1.00 21.26 ? 221 HIS A CD2 1 
ATOM   1606 C  CE1 . HIS A 1 215 ? 14.057  7.746   -10.852 1.00 21.26 ? 221 HIS A CE1 1 
ATOM   1607 N  NE2 . HIS A 1 215 ? 13.261  7.512   -9.825  1.00 21.26 ? 221 HIS A NE2 1 
ATOM   1608 N  N   . THR A 1 216 ? 15.022  3.300   -8.197  1.00 18.35 ? 222 THR A N   1 
ATOM   1609 C  CA  . THR A 1 216 ? 15.221  3.579   -6.769  1.00 18.35 ? 222 THR A CA  1 
ATOM   1610 C  C   . THR A 1 216 ? 16.617  3.137   -6.343  1.00 18.35 ? 222 THR A C   1 
ATOM   1611 O  O   . THR A 1 216 ? 17.273  3.829   -5.580  1.00 28.38 ? 222 THR A O   1 
ATOM   1612 C  CB  . THR A 1 216 ? 14.168  2.838   -5.900  1.00 28.38 ? 222 THR A CB  1 
ATOM   1613 O  OG1 . THR A 1 216 ? 12.860  3.140   -6.403  1.00 28.38 ? 222 THR A OG1 1 
ATOM   1614 C  CG2 . THR A 1 216 ? 14.274  3.236   -4.393  1.00 28.38 ? 222 THR A CG2 1 
ATOM   1615 N  N   . LEU A 1 217 ? 17.065  1.985   -6.840  1.00 22.94 ? 223 LEU A N   1 
ATOM   1616 C  CA  . LEU A 1 217 ? 18.404  1.509   -6.522  1.00 22.94 ? 223 LEU A CA  1 
ATOM   1617 C  C   . LEU A 1 217 ? 19.403  2.544   -7.014  1.00 22.94 ? 223 LEU A C   1 
ATOM   1618 O  O   . LEU A 1 217 ? 20.476  2.693   -6.431  1.00 18.63 ? 223 LEU A O   1 
ATOM   1619 C  CB  . LEU A 1 217 ? 18.723  0.151   -7.175  1.00 18.63 ? 223 LEU A CB  1 
ATOM   1620 C  CG  . LEU A 1 217 ? 18.185  -1.096  -6.456  1.00 18.63 ? 223 LEU A CG  1 
ATOM   1621 C  CD1 . LEU A 1 217 ? 18.588  -2.339  -7.177  1.00 18.63 ? 223 LEU A CD1 1 
ATOM   1622 C  CD2 . LEU A 1 217 ? 18.671  -1.111  -5.049  1.00 18.63 ? 223 LEU A CD2 1 
ATOM   1623 N  N   . ASP A 1 218 ? 19.030  3.289   -8.049  1.00 21.04 ? 224 ASP A N   1 
ATOM   1624 C  CA  . ASP A 1 218 ? 19.912  4.302   -8.604  1.00 21.04 ? 224 ASP A CA  1 
ATOM   1625 C  C   . ASP A 1 218 ? 19.906  5.552   -7.717  1.00 21.04 ? 224 ASP A C   1 
ATOM   1626 O  O   . ASP A 1 218 ? 20.950  6.187   -7.502  1.00 27.39 ? 224 ASP A O   1 
ATOM   1627 C  CB  . ASP A 1 218 ? 19.480  4.638   -10.032 1.00 27.39 ? 224 ASP A CB  1 
ATOM   1628 C  CG  . ASP A 1 218 ? 20.463  5.539   -10.753 1.00 27.39 ? 224 ASP A CG  1 
ATOM   1629 O  OD1 . ASP A 1 218 ? 21.468  5.004   -11.280 1.00 27.39 ? 224 ASP A OD1 1 
ATOM   1630 O  OD2 . ASP A 1 218 ? 20.202  6.767   -10.839 1.00 27.39 ? 224 ASP A OD2 1 
ATOM   1631 N  N   . LEU A 1 219 ? 18.746  5.867   -7.148  1.00 9.17  ? 225 LEU A N   1 
ATOM   1632 C  CA  . LEU A 1 219 ? 18.631  7.039   -6.285  1.00 9.17  ? 225 LEU A CA  1 
ATOM   1633 C  C   . LEU A 1 219 ? 19.352  6.803   -4.940  1.00 9.17  ? 225 LEU A C   1 
ATOM   1634 O  O   . LEU A 1 219 ? 19.598  7.730   -4.171  1.00 22.18 ? 225 LEU A O   1 
ATOM   1635 C  CB  . LEU A 1 219 ? 17.157  7.367   -6.057  1.00 22.18 ? 225 LEU A CB  1 
ATOM   1636 C  CG  . LEU A 1 219 ? 16.326  7.740   -7.286  1.00 22.18 ? 225 LEU A CG  1 
ATOM   1637 C  CD1 . LEU A 1 219 ? 14.896  8.120   -6.859  1.00 22.18 ? 225 LEU A CD1 1 
ATOM   1638 C  CD2 . LEU A 1 219 ? 16.974  8.892   -8.041  1.00 22.18 ? 225 LEU A CD2 1 
ATOM   1639 N  N   . LEU A 1 220 ? 19.681  5.545   -4.666  1.00 16.86 ? 226 LEU A N   1 
ATOM   1640 C  CA  . LEU A 1 220 ? 20.386  5.155   -3.453  1.00 16.86 ? 226 LEU A CA  1 
ATOM   1641 C  C   . LEU A 1 220 ? 21.912  5.363   -3.510  1.00 16.86 ? 226 LEU A C   1 
ATOM   1642 O  O   . LEU A 1 220 ? 22.550  5.442   -2.461  1.00 24.45 ? 226 LEU A O   1 
ATOM   1643 C  CB  . LEU A 1 220 ? 20.074  3.685   -3.107  1.00 24.45 ? 226 LEU A CB  1 
ATOM   1644 C  CG  . LEU A 1 220 ? 18.909  3.361   -2.167  1.00 24.45 ? 226 LEU A CG  1 
ATOM   1645 C  CD1 . LEU A 1 220 ? 18.228  4.622   -1.750  1.00 24.45 ? 226 LEU A CD1 1 
ATOM   1646 C  CD2 . LEU A 1 220 ? 17.939  2.414   -2.814  1.00 24.45 ? 226 LEU A CD2 1 
ATOM   1647 N  N   . LYS A 1 221 ? 22.494  5.401   -4.702  0.00 30.00 ? 227 LYS A N   1 
ATOM   1648 C  CA  . LYS A 1 221 ? 23.940  5.580   -4.807  0.00 30.00 ? 227 LYS A CA  1 
ATOM   1649 C  C   . LYS A 1 221 ? 24.318  6.989   -5.224  0.00 30.00 ? 227 LYS A C   1 
ATOM   1650 O  O   . LYS A 1 221 ? 23.670  7.546   -6.127  0.00 30.00 ? 227 LYS A O   1 
ATOM   1651 C  CB  . LYS A 1 221 ? 24.567  4.539   -5.742  0.00 30.00 ? 227 LYS A CB  1 
ATOM   1652 C  CG  . LYS A 1 221 ? 23.532  3.793   -6.547  0.00 30.00 ? 227 LYS A CG  1 
ATOM   1653 C  CD  . LYS A 1 221 ? 24.142  2.893   -7.581  0.00 30.00 ? 227 LYS A CD  1 
ATOM   1654 C  CE  . LYS A 1 221 ? 23.116  2.568   -8.668  0.00 30.00 ? 227 LYS A CE  1 
ATOM   1655 N  NZ  . LYS A 1 221 ? 23.676  1.686   -9.720  0.00 30.00 ? 227 LYS A NZ  1 
ATOM   1656 O  OXT . LYS A 1 221 ? 25.230  7.543   -4.575  0.00 30.00 ? 227 LYS A OXT 1 
HETATM 1657 ZN ZN  . ZN  B 2 .   ? 6.388   7.175   4.717   1.00 24.60 ? 228 ZN  A ZN  1 
HETATM 1658 O  O   . HOH C 3 .   ? 1.903   1.629   -3.515  1.00 18.11 ? 301 HOH A O   1 
HETATM 1659 O  O   . HOH C 3 .   ? 2.516   -3.498  8.438   1.00 12.22 ? 302 HOH A O   1 
HETATM 1660 O  O   . HOH C 3 .   ? 6.874   5.976   -3.450  1.00 34.08 ? 303 HOH A O   1 
HETATM 1661 O  O   . HOH C 3 .   ? -3.479  -12.193 -6.448  1.00 22.10 ? 304 HOH A O   1 
HETATM 1662 O  O   . HOH C 3 .   ? 12.950  3.588   12.851  1.00 22.36 ? 305 HOH A O   1 
HETATM 1663 O  O   . HOH C 3 .   ? -6.264  12.019  -7.424  1.00 29.49 ? 306 HOH A O   1 
HETATM 1664 O  O   . HOH C 3 .   ? 4.988   8.200   1.951   1.00 19.45 ? 307 HOH A O   1 
HETATM 1665 O  O   . HOH C 3 .   ? 4.112   -9.195  5.908   1.00 24.33 ? 308 HOH A O   1 
HETATM 1666 O  O   . HOH C 3 .   ? 11.335  4.036   10.423  1.00 23.25 ? 309 HOH A O   1 
HETATM 1667 O  O   . HOH C 3 .   ? 6.919   -7.173  12.983  1.00 30.07 ? 310 HOH A O   1 
# 
